data_8EPB
# 
_entry.id   8EPB 
# 
_audit_conform.dict_name       mmcif_pdbx.dic 
_audit_conform.dict_version    5.389 
_audit_conform.dict_location   http://mmcif.pdb.org/dictionaries/ascii/mmcif_pdbx.dic 
# 
loop_
_database_2.database_id 
_database_2.database_code 
_database_2.pdbx_database_accession 
_database_2.pdbx_DOI 
PDB   8EPB         pdb_00008epb 10.2210/pdb8epb/pdb 
WWPDB D_1000269154 ?            ?                   
# 
loop_
_pdbx_audit_revision_history.ordinal 
_pdbx_audit_revision_history.data_content_type 
_pdbx_audit_revision_history.major_revision 
_pdbx_audit_revision_history.minor_revision 
_pdbx_audit_revision_history.revision_date 
1 'Structure model' 1 0 2023-03-08 
2 'Structure model' 1 1 2023-03-15 
3 'Structure model' 1 2 2024-04-03 
# 
_pdbx_audit_revision_details.ordinal             1 
_pdbx_audit_revision_details.revision_ordinal    1 
_pdbx_audit_revision_details.data_content_type   'Structure model' 
_pdbx_audit_revision_details.provider            repository 
_pdbx_audit_revision_details.type                'Initial release' 
_pdbx_audit_revision_details.description         ? 
_pdbx_audit_revision_details.details             ? 
# 
loop_
_pdbx_audit_revision_group.ordinal 
_pdbx_audit_revision_group.revision_ordinal 
_pdbx_audit_revision_group.data_content_type 
_pdbx_audit_revision_group.group 
1 2 'Structure model' 'Database references'    
2 3 'Structure model' 'Data collection'        
3 3 'Structure model' 'Refinement description' 
# 
loop_
_pdbx_audit_revision_category.ordinal 
_pdbx_audit_revision_category.revision_ordinal 
_pdbx_audit_revision_category.data_content_type 
_pdbx_audit_revision_category.category 
1 2 'Structure model' citation                      
2 2 'Structure model' citation_author               
3 3 'Structure model' chem_comp_atom                
4 3 'Structure model' chem_comp_bond                
5 3 'Structure model' pdbx_initial_refinement_model 
# 
loop_
_pdbx_audit_revision_item.ordinal 
_pdbx_audit_revision_item.revision_ordinal 
_pdbx_audit_revision_item.data_content_type 
_pdbx_audit_revision_item.item 
1 2 'Structure model' '_citation.journal_volume'          
2 2 'Structure model' '_citation.page_first'              
3 2 'Structure model' '_citation.page_last'               
4 2 'Structure model' '_citation_author.identifier_ORCID' 
# 
_pdbx_database_status.status_code                     REL 
_pdbx_database_status.status_code_sf                  REL 
_pdbx_database_status.status_code_mr                  ? 
_pdbx_database_status.entry_id                        8EPB 
_pdbx_database_status.recvd_initial_deposition_date   2022-10-05 
_pdbx_database_status.SG_entry                        N 
_pdbx_database_status.deposit_site                    RCSB 
_pdbx_database_status.process_site                    RCSB 
_pdbx_database_status.status_code_cs                  ? 
_pdbx_database_status.status_code_nmr_data            ? 
_pdbx_database_status.methods_development_category    ? 
_pdbx_database_status.pdb_format_compatible           Y 
# 
_pdbx_contact_author.id                 2 
_pdbx_contact_author.email              mao@purdue.edu 
_pdbx_contact_author.name_first         Chengde 
_pdbx_contact_author.name_last          Mao 
_pdbx_contact_author.name_mi            ? 
_pdbx_contact_author.role               'principal investigator/group leader' 
_pdbx_contact_author.identifier_ORCID   0000-0001-7516-8666 
# 
loop_
_audit_author.name 
_audit_author.pdbx_ordinal 
_audit_author.identifier_ORCID 
'Zhang, C.'    1 0000-0003-3342-7003 
'Zhao, J.'     2 ?                   
'Lu, B.'       3 ?                   
'Sha, R.'      4 0000-0002-0807-734X 
'Seeman, N.C.' 5 0000-0002-9680-4649 
'Noinaj, N.'   6 ?                   
'Mao, C.'      7 0000-0001-7516-8666 
# 
_citation.abstract                  ? 
_citation.abstract_id_CAS           ? 
_citation.book_id_ISBN              ? 
_citation.book_publisher            ? 
_citation.book_publisher_city       ? 
_citation.book_title                ? 
_citation.coordinate_linkage        ? 
_citation.country                   US 
_citation.database_id_Medline       ? 
_citation.details                   ? 
_citation.id                        primary 
_citation.journal_abbrev            J.Am.Chem.Soc. 
_citation.journal_id_ASTM           JACSAT 
_citation.journal_id_CSD            ? 
_citation.journal_id_ISSN           1520-5126 
_citation.journal_full              ? 
_citation.journal_issue             ? 
_citation.journal_volume            145 
_citation.language                  ? 
_citation.page_first                4853 
_citation.page_last                 4859 
_citation.title                     'Engineering DNA Crystals toward Studying DNA-Guest Molecule Interactions.' 
_citation.year                      2023 
_citation.database_id_CSD           ? 
_citation.pdbx_database_id_DOI      10.1021/jacs.3c00081 
_citation.pdbx_database_id_PubMed   36791277 
_citation.pdbx_database_id_patent   ? 
_citation.unpublished_flag          ? 
# 
loop_
_citation_author.citation_id 
_citation_author.name 
_citation_author.ordinal 
_citation_author.identifier_ORCID 
primary 'Zhang, C.'    1 ? 
primary 'Zhao, J.'     2 ? 
primary 'Lu, B.'       3 ? 
primary 'Seeman, N.C.' 4 ? 
primary 'Sha, R.'      5 ? 
primary 'Noinaj, N.'   6 ? 
primary 'Mao, C.'      7 ? 
# 
loop_
_entity.id 
_entity.type 
_entity.src_method 
_entity.pdbx_description 
_entity.formula_weight 
_entity.pdbx_number_of_molecules 
_entity.pdbx_ec 
_entity.pdbx_mutation 
_entity.pdbx_fragment 
_entity.details 
1 polymer syn 
;DNA (5'-D(*CP*GP*CP*TP*GP*GP*TP*GP*GP*TP*TP*CP*GP*A)-3')
;
4327.801 1 ? ? ? ? 
2 polymer syn 
;DNA (5'-D(*GP*AP*CP*CP*AP*GP*CP*CP*GP*AP*AP*CP*CP*T)-3')
;
4234.771 1 ? ? ? ? 
# 
loop_
_entity_poly.entity_id 
_entity_poly.type 
_entity_poly.nstd_linkage 
_entity_poly.nstd_monomer 
_entity_poly.pdbx_seq_one_letter_code 
_entity_poly.pdbx_seq_one_letter_code_can 
_entity_poly.pdbx_strand_id 
_entity_poly.pdbx_target_identifier 
1 polydeoxyribonucleotide no no '(DC)(DG)(DC)(DT)(DG)(DG)(DT)(DG)(DG)(DT)(DT)(DC)(DG)(DA)' CGCTGGTGGTTCGA A ? 
2 polydeoxyribonucleotide no no '(DG)(DA)(DC)(DC)(DA)(DG)(DC)(DC)(DG)(DA)(DA)(DC)(DC)(DT)' GACCAGCCGAACCT B ? 
# 
loop_
_entity_poly_seq.entity_id 
_entity_poly_seq.num 
_entity_poly_seq.mon_id 
_entity_poly_seq.hetero 
1 1  DC n 
1 2  DG n 
1 3  DC n 
1 4  DT n 
1 5  DG n 
1 6  DG n 
1 7  DT n 
1 8  DG n 
1 9  DG n 
1 10 DT n 
1 11 DT n 
1 12 DC n 
1 13 DG n 
1 14 DA n 
2 1  DG n 
2 2  DA n 
2 3  DC n 
2 4  DC n 
2 5  DA n 
2 6  DG n 
2 7  DC n 
2 8  DC n 
2 9  DG n 
2 10 DA n 
2 11 DA n 
2 12 DC n 
2 13 DC n 
2 14 DT n 
# 
loop_
_pdbx_entity_src_syn.entity_id 
_pdbx_entity_src_syn.pdbx_src_id 
_pdbx_entity_src_syn.pdbx_alt_source_flag 
_pdbx_entity_src_syn.pdbx_beg_seq_num 
_pdbx_entity_src_syn.pdbx_end_seq_num 
_pdbx_entity_src_syn.organism_scientific 
_pdbx_entity_src_syn.organism_common_name 
_pdbx_entity_src_syn.ncbi_taxonomy_id 
_pdbx_entity_src_syn.details 
1 1 sample 1 14 'synthetic construct' ? 32630 ? 
2 1 sample 1 14 'synthetic construct' ? 32630 ? 
# 
loop_
_chem_comp.id 
_chem_comp.type 
_chem_comp.mon_nstd_flag 
_chem_comp.name 
_chem_comp.pdbx_synonyms 
_chem_comp.formula 
_chem_comp.formula_weight 
DA 'DNA linking' y "2'-DEOXYADENOSINE-5'-MONOPHOSPHATE" ? 'C10 H14 N5 O6 P' 331.222 
DC 'DNA linking' y "2'-DEOXYCYTIDINE-5'-MONOPHOSPHATE"  ? 'C9 H14 N3 O7 P'  307.197 
DG 'DNA linking' y "2'-DEOXYGUANOSINE-5'-MONOPHOSPHATE" ? 'C10 H14 N5 O7 P' 347.221 
DT 'DNA linking' y "THYMIDINE-5'-MONOPHOSPHATE"         ? 'C10 H15 N2 O8 P' 322.208 
# 
loop_
_pdbx_poly_seq_scheme.asym_id 
_pdbx_poly_seq_scheme.entity_id 
_pdbx_poly_seq_scheme.seq_id 
_pdbx_poly_seq_scheme.mon_id 
_pdbx_poly_seq_scheme.ndb_seq_num 
_pdbx_poly_seq_scheme.pdb_seq_num 
_pdbx_poly_seq_scheme.auth_seq_num 
_pdbx_poly_seq_scheme.pdb_mon_id 
_pdbx_poly_seq_scheme.auth_mon_id 
_pdbx_poly_seq_scheme.pdb_strand_id 
_pdbx_poly_seq_scheme.pdb_ins_code 
_pdbx_poly_seq_scheme.hetero 
A 1 1  DC 1  1  1  DC DC A . n 
A 1 2  DG 2  2  2  DG DG A . n 
A 1 3  DC 3  3  3  DC DC A . n 
A 1 4  DT 4  4  4  DT DT A . n 
A 1 5  DG 5  5  5  DG DG A . n 
A 1 6  DG 6  6  6  DG DG A . n 
A 1 7  DT 7  7  7  DT DT A . n 
A 1 8  DG 8  8  8  DG DG A . n 
A 1 9  DG 9  9  9  DG DG A . n 
A 1 10 DT 10 10 10 DT DT A . n 
A 1 11 DT 11 11 11 DT DT A . n 
A 1 12 DC 12 12 12 DC DC A . n 
A 1 13 DG 13 13 13 DG DG A . n 
A 1 14 DA 14 14 14 DA DA A . n 
B 2 1  DG 1  1  1  DG DG B . n 
B 2 2  DA 2  2  2  DA DA B . n 
B 2 3  DC 3  3  3  DC DC B . n 
B 2 4  DC 4  4  4  DC DC B . n 
B 2 5  DA 5  5  5  DA DA B . n 
B 2 6  DG 6  6  6  DG DG B . n 
B 2 7  DC 7  7  7  DC DC B . n 
B 2 8  DC 8  8  8  DC DC B . n 
B 2 9  DG 9  9  9  DG DG B . n 
B 2 10 DA 10 10 10 DA DA B . n 
B 2 11 DA 11 11 11 DA DA B . n 
B 2 12 DC 12 12 12 DC DC B . n 
B 2 13 DC 13 13 13 DC DC B . n 
B 2 14 DT 14 14 14 DT DT B . n 
# 
loop_
_software.citation_id 
_software.classification 
_software.compiler_name 
_software.compiler_version 
_software.contact_author 
_software.contact_author_email 
_software.date 
_software.description 
_software.dependencies 
_software.hardware 
_software.language 
_software.location 
_software.mods 
_software.name 
_software.os 
_software.os_version 
_software.type 
_software.version 
_software.pdbx_ordinal 
? refinement       ? ? ? ? ? ? ? ? ? ? ? PHENIX    ? ? ? 1.20.1_4487 1 
? 'data reduction' ? ? ? ? ? ? ? ? ? ? ? autoPROC  ? ? ? .           2 
? 'data scaling'   ? ? ? ? ? ? ? ? ? ? ? STARANISO ? ? ? .           3 
? phasing          ? ? ? ? ? ? ? ? ? ? ? PHASER    ? ? ? .           4 
# 
_cell.angle_alpha                  90.000 
_cell.angle_alpha_esd              ? 
_cell.angle_beta                   90.000 
_cell.angle_beta_esd               ? 
_cell.angle_gamma                  120.000 
_cell.angle_gamma_esd              ? 
_cell.entry_id                     8EPB 
_cell.details                      ? 
_cell.formula_units_Z              ? 
_cell.length_a                     37.970 
_cell.length_a_esd                 ? 
_cell.length_b                     37.970 
_cell.length_b_esd                 ? 
_cell.length_c                     69.554 
_cell.length_c_esd                 ? 
_cell.volume                       86842.824 
_cell.volume_esd                   ? 
_cell.Z_PDB                        3 
_cell.reciprocal_angle_alpha       ? 
_cell.reciprocal_angle_beta        ? 
_cell.reciprocal_angle_gamma       ? 
_cell.reciprocal_angle_alpha_esd   ? 
_cell.reciprocal_angle_beta_esd    ? 
_cell.reciprocal_angle_gamma_esd   ? 
_cell.reciprocal_length_a          ? 
_cell.reciprocal_length_b          ? 
_cell.reciprocal_length_c          ? 
_cell.reciprocal_length_a_esd      ? 
_cell.reciprocal_length_b_esd      ? 
_cell.reciprocal_length_c_esd      ? 
_cell.pdbx_unique_axis             ? 
_cell.pdbx_esd_method              ? 
# 
_symmetry.entry_id                         8EPB 
_symmetry.cell_setting                     ? 
_symmetry.Int_Tables_number                145 
_symmetry.space_group_name_Hall            'P 32' 
_symmetry.space_group_name_H-M             'P 32' 
_symmetry.pdbx_full_space_group_name_H-M   ? 
# 
_exptl.absorpt_coefficient_mu     ? 
_exptl.absorpt_correction_T_max   ? 
_exptl.absorpt_correction_T_min   ? 
_exptl.absorpt_correction_type    ? 
_exptl.absorpt_process_details    ? 
_exptl.entry_id                   8EPB 
_exptl.crystals_number            1 
_exptl.details                    ? 
_exptl.method                     'X-RAY DIFFRACTION' 
_exptl.method_details             ? 
# 
_exptl_crystal.colour                       ? 
_exptl_crystal.density_diffrn               ? 
_exptl_crystal.density_Matthews             3.38 
_exptl_crystal.density_method               ? 
_exptl_crystal.density_percent_sol          63.62 
_exptl_crystal.description                  ? 
_exptl_crystal.F_000                        ? 
_exptl_crystal.id                           1 
_exptl_crystal.preparation                  ? 
_exptl_crystal.size_max                     ? 
_exptl_crystal.size_mid                     ? 
_exptl_crystal.size_min                     ? 
_exptl_crystal.size_rad                     ? 
_exptl_crystal.colour_lustre                ? 
_exptl_crystal.colour_modifier              ? 
_exptl_crystal.colour_primary               ? 
_exptl_crystal.density_meas                 ? 
_exptl_crystal.density_meas_esd             ? 
_exptl_crystal.density_meas_gt              ? 
_exptl_crystal.density_meas_lt              ? 
_exptl_crystal.density_meas_temp            ? 
_exptl_crystal.density_meas_temp_esd        ? 
_exptl_crystal.density_meas_temp_gt         ? 
_exptl_crystal.density_meas_temp_lt         ? 
_exptl_crystal.pdbx_crystal_image_url       ? 
_exptl_crystal.pdbx_crystal_image_format    ? 
_exptl_crystal.pdbx_mosaicity               ? 
_exptl_crystal.pdbx_mosaicity_esd           ? 
_exptl_crystal.pdbx_mosaic_method           ? 
_exptl_crystal.pdbx_mosaic_block_size       ? 
_exptl_crystal.pdbx_mosaic_block_size_esd   ? 
# 
_exptl_crystal_grow.apparatus       ? 
_exptl_crystal_grow.atmosphere      ? 
_exptl_crystal_grow.crystal_id      1 
_exptl_crystal_grow.details         ? 
_exptl_crystal_grow.method          'VAPOR DIFFUSION, HANGING DROP' 
_exptl_crystal_grow.method_ref      ? 
_exptl_crystal_grow.pH              ? 
_exptl_crystal_grow.pressure        ? 
_exptl_crystal_grow.pressure_esd    ? 
_exptl_crystal_grow.seeding         ? 
_exptl_crystal_grow.seeding_ref     ? 
_exptl_crystal_grow.temp            277 
_exptl_crystal_grow.temp_details    ? 
_exptl_crystal_grow.temp_esd        ? 
_exptl_crystal_grow.time            ? 
_exptl_crystal_grow.pdbx_details    
;0.5 ug/uL motif
0.005 M magnesium sulfate hydrate, 0.005 M HEPES sodium, 0.16 M lithium sulfate monohydrate, 3 % MPD at pH 7.0
;
_exptl_crystal_grow.pdbx_pH_range   ? 
# 
_diffrn.ambient_environment              ? 
_diffrn.ambient_temp                     100 
_diffrn.ambient_temp_details             ? 
_diffrn.ambient_temp_esd                 ? 
_diffrn.crystal_id                       1 
_diffrn.crystal_support                  ? 
_diffrn.crystal_treatment                ? 
_diffrn.details                          ? 
_diffrn.id                               1 
_diffrn.ambient_pressure                 ? 
_diffrn.ambient_pressure_esd             ? 
_diffrn.ambient_pressure_gt              ? 
_diffrn.ambient_pressure_lt              ? 
_diffrn.ambient_temp_gt                  ? 
_diffrn.ambient_temp_lt                  ? 
_diffrn.pdbx_serial_crystal_experiment   N 
# 
_diffrn_detector.details                      ? 
_diffrn_detector.detector                     'IMAGE PLATE' 
_diffrn_detector.diffrn_id                    1 
_diffrn_detector.type                         'RIGAKU RAXIS IV++' 
_diffrn_detector.area_resol_mean              ? 
_diffrn_detector.dtime                        ? 
_diffrn_detector.pdbx_frames_total            ? 
_diffrn_detector.pdbx_collection_time_total   ? 
_diffrn_detector.pdbx_collection_date         2022-03-27 
_diffrn_detector.pdbx_frequency               ? 
# 
_diffrn_radiation.collimation                      ? 
_diffrn_radiation.diffrn_id                        1 
_diffrn_radiation.filter_edge                      ? 
_diffrn_radiation.inhomogeneity                    ? 
_diffrn_radiation.monochromator                    ? 
_diffrn_radiation.polarisn_norm                    ? 
_diffrn_radiation.polarisn_ratio                   ? 
_diffrn_radiation.probe                            ? 
_diffrn_radiation.type                             ? 
_diffrn_radiation.xray_symbol                      ? 
_diffrn_radiation.wavelength_id                    1 
_diffrn_radiation.pdbx_monochromatic_or_laue_m_l   M 
_diffrn_radiation.pdbx_wavelength_list             ? 
_diffrn_radiation.pdbx_wavelength                  ? 
_diffrn_radiation.pdbx_diffrn_protocol             'SINGLE WAVELENGTH' 
_diffrn_radiation.pdbx_analyzer                    ? 
_diffrn_radiation.pdbx_scattering_type             x-ray 
# 
_diffrn_radiation_wavelength.id           1 
_diffrn_radiation_wavelength.wavelength   1.54 
_diffrn_radiation_wavelength.wt           1.0 
# 
_diffrn_source.current                     ? 
_diffrn_source.details                     ? 
_diffrn_source.diffrn_id                   1 
_diffrn_source.power                       ? 
_diffrn_source.size                        ? 
_diffrn_source.source                      'ROTATING ANODE' 
_diffrn_source.target                      ? 
_diffrn_source.type                        'RIGAKU RUH2R' 
_diffrn_source.voltage                     ? 
_diffrn_source.take-off_angle              ? 
_diffrn_source.pdbx_wavelength_list        1.54 
_diffrn_source.pdbx_wavelength             ? 
_diffrn_source.pdbx_synchrotron_beamline   ? 
_diffrn_source.pdbx_synchrotron_site       ? 
# 
_reflns.B_iso_Wilson_estimate                          57.95 
_reflns.entry_id                                       8EPB 
_reflns.data_reduction_details                         ? 
_reflns.data_reduction_method                          ? 
_reflns.d_resolution_high                              2.610 
_reflns.d_resolution_low                               32.883 
_reflns.details                                        ? 
_reflns.limit_h_max                                    ? 
_reflns.limit_h_min                                    ? 
_reflns.limit_k_max                                    ? 
_reflns.limit_k_min                                    ? 
_reflns.limit_l_max                                    ? 
_reflns.limit_l_min                                    ? 
_reflns.number_all                                     ? 
_reflns.number_obs                                     1876 
_reflns.observed_criterion                             ? 
_reflns.observed_criterion_F_max                       ? 
_reflns.observed_criterion_F_min                       ? 
_reflns.observed_criterion_I_max                       ? 
_reflns.observed_criterion_I_min                       ? 
_reflns.observed_criterion_sigma_F                     ? 
_reflns.observed_criterion_sigma_I                     ? 
_reflns.percent_possible_obs                           80.0 
_reflns.R_free_details                                 ? 
_reflns.Rmerge_F_all                                   ? 
_reflns.Rmerge_F_obs                                   ? 
_reflns.Friedel_coverage                               ? 
_reflns.number_gt                                      ? 
_reflns.threshold_expression                           ? 
_reflns.pdbx_redundancy                                7.5 
_reflns.pdbx_Rmerge_I_obs                              ? 
_reflns.pdbx_Rmerge_I_all                              ? 
_reflns.pdbx_Rsym_value                                ? 
_reflns.pdbx_netI_over_av_sigmaI                       ? 
_reflns.pdbx_netI_over_sigmaI                          17.3 
_reflns.pdbx_res_netI_over_av_sigmaI_2                 ? 
_reflns.pdbx_res_netI_over_sigmaI_2                    ? 
_reflns.pdbx_chi_squared                               ? 
_reflns.pdbx_scaling_rejects                           ? 
_reflns.pdbx_d_res_high_opt                            ? 
_reflns.pdbx_d_res_low_opt                             ? 
_reflns.pdbx_d_res_opt_method                          ? 
_reflns.phase_calculation_details                      ? 
_reflns.pdbx_Rrim_I_all                                ? 
_reflns.pdbx_Rpim_I_all                                ? 
_reflns.pdbx_d_opt                                     ? 
_reflns.pdbx_number_measured_all                       ? 
_reflns.pdbx_diffrn_id                                 1 
_reflns.pdbx_ordinal                                   1 
_reflns.pdbx_CC_half                                   1.00 
_reflns.pdbx_CC_star                                   ? 
_reflns.pdbx_R_split                                   ? 
_reflns.pdbx_aniso_diffraction_limit_axis_1_ortho[1]   ? 
_reflns.pdbx_aniso_diffraction_limit_axis_1_ortho[2]   ? 
_reflns.pdbx_aniso_diffraction_limit_axis_1_ortho[3]   ? 
_reflns.pdbx_aniso_diffraction_limit_axis_2_ortho[1]   ? 
_reflns.pdbx_aniso_diffraction_limit_axis_2_ortho[2]   ? 
_reflns.pdbx_aniso_diffraction_limit_axis_2_ortho[3]   ? 
_reflns.pdbx_aniso_diffraction_limit_axis_3_ortho[1]   ? 
_reflns.pdbx_aniso_diffraction_limit_axis_3_ortho[2]   ? 
_reflns.pdbx_aniso_diffraction_limit_axis_3_ortho[3]   ? 
_reflns.pdbx_aniso_diffraction_limit_1                 ? 
_reflns.pdbx_aniso_diffraction_limit_2                 ? 
_reflns.pdbx_aniso_diffraction_limit_3                 ? 
_reflns.pdbx_aniso_B_tensor_eigenvector_1_ortho[1]     ? 
_reflns.pdbx_aniso_B_tensor_eigenvector_1_ortho[2]     ? 
_reflns.pdbx_aniso_B_tensor_eigenvector_1_ortho[3]     ? 
_reflns.pdbx_aniso_B_tensor_eigenvector_2_ortho[1]     ? 
_reflns.pdbx_aniso_B_tensor_eigenvector_2_ortho[2]     ? 
_reflns.pdbx_aniso_B_tensor_eigenvector_2_ortho[3]     ? 
_reflns.pdbx_aniso_B_tensor_eigenvector_3_ortho[1]     ? 
_reflns.pdbx_aniso_B_tensor_eigenvector_3_ortho[2]     ? 
_reflns.pdbx_aniso_B_tensor_eigenvector_3_ortho[3]     ? 
_reflns.pdbx_aniso_B_tensor_eigenvalue_1               ? 
_reflns.pdbx_aniso_B_tensor_eigenvalue_2               ? 
_reflns.pdbx_aniso_B_tensor_eigenvalue_3               ? 
_reflns.pdbx_orthogonalization_convention              ? 
_reflns.pdbx_percent_possible_ellipsoidal              ? 
_reflns.pdbx_percent_possible_spherical                ? 
_reflns.pdbx_percent_possible_ellipsoidal_anomalous    ? 
_reflns.pdbx_percent_possible_spherical_anomalous      ? 
_reflns.pdbx_redundancy_anomalous                      ? 
_reflns.pdbx_CC_half_anomalous                         ? 
_reflns.pdbx_absDiff_over_sigma_anomalous              ? 
_reflns.pdbx_percent_possible_anomalous                ? 
_reflns.pdbx_observed_signal_threshold                 ? 
_reflns.pdbx_signal_type                               ? 
_reflns.pdbx_signal_details                            ? 
_reflns.pdbx_signal_software_id                        ? 
_reflns.pdbx_CC_split_method                           ? 
# 
_reflns_shell.d_res_high                                    2.610 
_reflns_shell.d_res_low                                     2.948 
_reflns_shell.meanI_over_sigI_all                           ? 
_reflns_shell.meanI_over_sigI_obs                           ? 
_reflns_shell.number_measured_all                           ? 
_reflns_shell.number_measured_obs                           ? 
_reflns_shell.number_possible                               ? 
_reflns_shell.number_unique_all                             ? 
_reflns_shell.number_unique_obs                             208 
_reflns_shell.percent_possible_all                          ? 
_reflns_shell.percent_possible_obs                          ? 
_reflns_shell.Rmerge_F_all                                  ? 
_reflns_shell.Rmerge_F_obs                                  ? 
_reflns_shell.Rmerge_I_all                                  ? 
_reflns_shell.Rmerge_I_obs                                  ? 
_reflns_shell.meanI_over_sigI_gt                            ? 
_reflns_shell.meanI_over_uI_all                             ? 
_reflns_shell.meanI_over_uI_gt                              ? 
_reflns_shell.number_measured_gt                            ? 
_reflns_shell.number_unique_gt                              ? 
_reflns_shell.percent_possible_gt                           ? 
_reflns_shell.Rmerge_F_gt                                   ? 
_reflns_shell.Rmerge_I_gt                                   ? 
_reflns_shell.pdbx_redundancy                               ? 
_reflns_shell.pdbx_Rsym_value                               ? 
_reflns_shell.pdbx_chi_squared                              ? 
_reflns_shell.pdbx_netI_over_sigmaI_all                     ? 
_reflns_shell.pdbx_netI_over_sigmaI_obs                     ? 
_reflns_shell.pdbx_Rrim_I_all                               ? 
_reflns_shell.pdbx_Rpim_I_all                               ? 
_reflns_shell.pdbx_rejects                                  ? 
_reflns_shell.pdbx_ordinal                                  1 
_reflns_shell.pdbx_diffrn_id                                1 
_reflns_shell.pdbx_CC_half                                  0.59 
_reflns_shell.pdbx_CC_star                                  ? 
_reflns_shell.pdbx_R_split                                  ? 
_reflns_shell.pdbx_percent_possible_ellipsoidal             ? 
_reflns_shell.pdbx_percent_possible_spherical               ? 
_reflns_shell.pdbx_percent_possible_ellipsoidal_anomalous   ? 
_reflns_shell.pdbx_percent_possible_spherical_anomalous     ? 
_reflns_shell.pdbx_redundancy_anomalous                     ? 
_reflns_shell.pdbx_CC_half_anomalous                        ? 
_reflns_shell.pdbx_absDiff_over_sigma_anomalous             ? 
_reflns_shell.pdbx_percent_possible_anomalous               ? 
# 
_refine.aniso_B[1][1]                            ? 
_refine.aniso_B[1][2]                            ? 
_refine.aniso_B[1][3]                            ? 
_refine.aniso_B[2][2]                            ? 
_refine.aniso_B[2][3]                            ? 
_refine.aniso_B[3][3]                            ? 
_refine.B_iso_max                                ? 
_refine.B_iso_mean                               42.58 
_refine.B_iso_min                                ? 
_refine.correlation_coeff_Fo_to_Fc               ? 
_refine.correlation_coeff_Fo_to_Fc_free          ? 
_refine.details                                  ? 
_refine.diff_density_max                         ? 
_refine.diff_density_max_esd                     ? 
_refine.diff_density_min                         ? 
_refine.diff_density_min_esd                     ? 
_refine.diff_density_rms                         ? 
_refine.diff_density_rms_esd                     ? 
_refine.entry_id                                 8EPB 
_refine.pdbx_refine_id                           'X-RAY DIFFRACTION' 
_refine.ls_abs_structure_details                 ? 
_refine.ls_abs_structure_Flack                   ? 
_refine.ls_abs_structure_Flack_esd               ? 
_refine.ls_abs_structure_Rogers                  ? 
_refine.ls_abs_structure_Rogers_esd              ? 
_refine.ls_d_res_high                            2.61 
_refine.ls_d_res_low                             29.73 
_refine.ls_extinction_coef                       ? 
_refine.ls_extinction_coef_esd                   ? 
_refine.ls_extinction_expression                 ? 
_refine.ls_extinction_method                     ? 
_refine.ls_goodness_of_fit_all                   ? 
_refine.ls_goodness_of_fit_all_esd               ? 
_refine.ls_goodness_of_fit_obs                   ? 
_refine.ls_goodness_of_fit_obs_esd               ? 
_refine.ls_hydrogen_treatment                    ? 
_refine.ls_matrix_type                           ? 
_refine.ls_number_constraints                    ? 
_refine.ls_number_parameters                     ? 
_refine.ls_number_reflns_all                     ? 
_refine.ls_number_reflns_obs                     1871 
_refine.ls_number_reflns_R_free                  86 
_refine.ls_number_reflns_R_work                  1785 
_refine.ls_number_restraints                     ? 
_refine.ls_percent_reflns_obs                    54.80 
_refine.ls_percent_reflns_R_free                 4.60 
_refine.ls_R_factor_all                          ? 
_refine.ls_R_factor_obs                          0.2197 
_refine.ls_R_factor_R_free                       0.2926 
_refine.ls_R_factor_R_free_error                 ? 
_refine.ls_R_factor_R_free_error_details         ? 
_refine.ls_R_factor_R_work                       0.2156 
_refine.ls_R_Fsqd_factor_obs                     ? 
_refine.ls_R_I_factor_obs                        ? 
_refine.ls_redundancy_reflns_all                 ? 
_refine.ls_redundancy_reflns_obs                 ? 
_refine.ls_restrained_S_all                      ? 
_refine.ls_restrained_S_obs                      ? 
_refine.ls_shift_over_esd_max                    ? 
_refine.ls_shift_over_esd_mean                   ? 
_refine.ls_structure_factor_coef                 ? 
_refine.ls_weighting_details                     ? 
_refine.ls_weighting_scheme                      ? 
_refine.ls_wR_factor_all                         ? 
_refine.ls_wR_factor_obs                         ? 
_refine.ls_wR_factor_R_free                      ? 
_refine.ls_wR_factor_R_work                      ? 
_refine.occupancy_max                            ? 
_refine.occupancy_min                            ? 
_refine.solvent_model_details                    'FLAT BULK SOLVENT MODEL' 
_refine.solvent_model_param_bsol                 ? 
_refine.solvent_model_param_ksol                 ? 
_refine.pdbx_R_complete                          ? 
_refine.ls_R_factor_gt                           ? 
_refine.ls_goodness_of_fit_gt                    ? 
_refine.ls_goodness_of_fit_ref                   ? 
_refine.ls_shift_over_su_max                     ? 
_refine.ls_shift_over_su_max_lt                  ? 
_refine.ls_shift_over_su_mean                    ? 
_refine.ls_shift_over_su_mean_lt                 ? 
_refine.pdbx_ls_sigma_I                          ? 
_refine.pdbx_ls_sigma_F                          1.97 
_refine.pdbx_ls_sigma_Fsqd                       ? 
_refine.pdbx_data_cutoff_high_absF               ? 
_refine.pdbx_data_cutoff_high_rms_absF           ? 
_refine.pdbx_data_cutoff_low_absF                ? 
_refine.pdbx_isotropic_thermal_model             ? 
_refine.pdbx_ls_cross_valid_method               'FREE R-VALUE' 
_refine.pdbx_method_to_determine_struct          'MOLECULAR REPLACEMENT' 
_refine.pdbx_starting_model                      'ideal B type DNA duplexes generated in Cadnano' 
_refine.pdbx_stereochemistry_target_values       'GeoStd + Monomer Library + CDL v1.2' 
_refine.pdbx_R_Free_selection_details            ? 
_refine.pdbx_stereochem_target_val_spec_case     ? 
_refine.pdbx_overall_ESU_R                       ? 
_refine.pdbx_overall_ESU_R_Free                  ? 
_refine.pdbx_solvent_vdw_probe_radii             1.1000 
_refine.pdbx_solvent_ion_probe_radii             ? 
_refine.pdbx_solvent_shrinkage_radii             0.9000 
_refine.pdbx_real_space_R                        ? 
_refine.pdbx_density_correlation                 ? 
_refine.pdbx_pd_number_of_powder_patterns        ? 
_refine.pdbx_pd_number_of_points                 ? 
_refine.pdbx_pd_meas_number_of_points            ? 
_refine.pdbx_pd_proc_ls_prof_R_factor            ? 
_refine.pdbx_pd_proc_ls_prof_wR_factor           ? 
_refine.pdbx_pd_Marquardt_correlation_coeff      ? 
_refine.pdbx_pd_Fsqrd_R_factor                   ? 
_refine.pdbx_pd_ls_matrix_band_width             ? 
_refine.pdbx_overall_phase_error                 25.0368 
_refine.pdbx_overall_SU_R_free_Cruickshank_DPI   ? 
_refine.pdbx_overall_SU_R_free_Blow_DPI          ? 
_refine.pdbx_overall_SU_R_Blow_DPI               ? 
_refine.pdbx_TLS_residual_ADP_flag               ? 
_refine.pdbx_diffrn_id                           1 
_refine.overall_SU_B                             ? 
_refine.overall_SU_ML                            0.4979 
_refine.overall_SU_R_Cruickshank_DPI             ? 
_refine.overall_SU_R_free                        ? 
_refine.overall_FOM_free_R_set                   ? 
_refine.overall_FOM_work_R_set                   ? 
_refine.pdbx_average_fsc_overall                 ? 
_refine.pdbx_average_fsc_work                    ? 
_refine.pdbx_average_fsc_free                    ? 
# 
_refine_hist.pdbx_refine_id                   'X-RAY DIFFRACTION' 
_refine_hist.cycle_id                         LAST 
_refine_hist.details                          ? 
_refine_hist.d_res_high                       2.61 
_refine_hist.d_res_low                        29.73 
_refine_hist.number_atoms_solvent             0 
_refine_hist.number_atoms_total               568 
_refine_hist.number_reflns_all                ? 
_refine_hist.number_reflns_obs                ? 
_refine_hist.number_reflns_R_free             ? 
_refine_hist.number_reflns_R_work             ? 
_refine_hist.R_factor_all                     ? 
_refine_hist.R_factor_obs                     ? 
_refine_hist.R_factor_R_free                  ? 
_refine_hist.R_factor_R_work                  ? 
_refine_hist.pdbx_number_residues_total       ? 
_refine_hist.pdbx_B_iso_mean_ligand           ? 
_refine_hist.pdbx_B_iso_mean_solvent          ? 
_refine_hist.pdbx_number_atoms_protein        0 
_refine_hist.pdbx_number_atoms_nucleic_acid   568 
_refine_hist.pdbx_number_atoms_ligand         0 
_refine_hist.pdbx_number_atoms_lipid          ? 
_refine_hist.pdbx_number_atoms_carb           ? 
_refine_hist.pdbx_pseudo_atom_details         ? 
# 
loop_
_refine_ls_restr.pdbx_refine_id 
_refine_ls_restr.criterion 
_refine_ls_restr.dev_ideal 
_refine_ls_restr.dev_ideal_target 
_refine_ls_restr.number 
_refine_ls_restr.rejects 
_refine_ls_restr.type 
_refine_ls_restr.weight 
_refine_ls_restr.pdbx_restraint_function 
'X-RAY DIFFRACTION' ? 0.0133  ? 636 ? f_bond_d           ? ? 
'X-RAY DIFFRACTION' ? 1.7152  ? 978 ? f_angle_d          ? ? 
'X-RAY DIFFRACTION' ? 0.0870  ? 110 ? f_chiral_restr     ? ? 
'X-RAY DIFFRACTION' ? 0.0079  ? 28  ? f_plane_restr      ? ? 
'X-RAY DIFFRACTION' ? 40.8527 ? 272 ? f_dihedral_angle_d ? ? 
# 
_refine_ls_shell.pdbx_refine_id                   'X-RAY DIFFRACTION' 
_refine_ls_shell.d_res_high                       2.61 
_refine_ls_shell.d_res_low                        29.73 
_refine_ls_shell.number_reflns_all                ? 
_refine_ls_shell.number_reflns_obs                ? 
_refine_ls_shell.number_reflns_R_free             86 
_refine_ls_shell.number_reflns_R_work             1785 
_refine_ls_shell.percent_reflns_obs               54.80 
_refine_ls_shell.percent_reflns_R_free            ? 
_refine_ls_shell.R_factor_all                     ? 
_refine_ls_shell.R_factor_obs                     ? 
_refine_ls_shell.R_factor_R_free                  0.2926 
_refine_ls_shell.R_factor_R_free_error            ? 
_refine_ls_shell.R_factor_R_work                  0.2156 
_refine_ls_shell.redundancy_reflns_all            ? 
_refine_ls_shell.redundancy_reflns_obs            ? 
_refine_ls_shell.wR_factor_all                    ? 
_refine_ls_shell.wR_factor_obs                    ? 
_refine_ls_shell.wR_factor_R_free                 ? 
_refine_ls_shell.wR_factor_R_work                 ? 
_refine_ls_shell.pdbx_R_complete                  ? 
_refine_ls_shell.pdbx_total_number_of_bins_used   ? 
_refine_ls_shell.pdbx_phase_error                 ? 
_refine_ls_shell.pdbx_fsc_work                    ? 
_refine_ls_shell.pdbx_fsc_free                    ? 
# 
_struct.entry_id                     8EPB 
_struct.title                        'Engineering Crystals with Tunable Symmetries from 14- or 16-Base-Long DNA Strands' 
_struct.pdbx_model_details           ? 
_struct.pdbx_formula_weight          ? 
_struct.pdbx_formula_weight_method   ? 
_struct.pdbx_model_type_details      ? 
_struct.pdbx_CASP_flag               N 
# 
_struct_keywords.entry_id        8EPB 
_struct_keywords.text            'DNA, Three-Fold Rotational Axis, Left-Handed, Parallel' 
_struct_keywords.pdbx_keywords   DNA 
# 
loop_
_struct_asym.id 
_struct_asym.pdbx_blank_PDB_chainid_flag 
_struct_asym.pdbx_modified 
_struct_asym.entity_id 
_struct_asym.details 
A N N 1 ? 
B N N 2 ? 
# 
loop_
_struct_ref.id 
_struct_ref.db_name 
_struct_ref.db_code 
_struct_ref.pdbx_db_accession 
_struct_ref.pdbx_db_isoform 
_struct_ref.entity_id 
_struct_ref.pdbx_seq_one_letter_code 
_struct_ref.pdbx_align_begin 
1 PDB 8EPB 8EPB ? 1 ? 1 
2 PDB 8EPB 8EPB ? 2 ? 1 
# 
loop_
_struct_ref_seq.align_id 
_struct_ref_seq.ref_id 
_struct_ref_seq.pdbx_PDB_id_code 
_struct_ref_seq.pdbx_strand_id 
_struct_ref_seq.seq_align_beg 
_struct_ref_seq.pdbx_seq_align_beg_ins_code 
_struct_ref_seq.seq_align_end 
_struct_ref_seq.pdbx_seq_align_end_ins_code 
_struct_ref_seq.pdbx_db_accession 
_struct_ref_seq.db_align_beg 
_struct_ref_seq.pdbx_db_align_beg_ins_code 
_struct_ref_seq.db_align_end 
_struct_ref_seq.pdbx_db_align_end_ins_code 
_struct_ref_seq.pdbx_auth_seq_align_beg 
_struct_ref_seq.pdbx_auth_seq_align_end 
1 1 8EPB A 1 ? 14 ? 8EPB 1 ? 14 ? 1 14 
2 2 8EPB B 1 ? 14 ? 8EPB 1 ? 14 ? 1 14 
# 
_pdbx_struct_assembly.id                   1 
_pdbx_struct_assembly.details              author_and_software_defined_assembly 
_pdbx_struct_assembly.method_details       PISA 
_pdbx_struct_assembly.oligomeric_details   dimeric 
_pdbx_struct_assembly.oligomeric_count     2 
# 
loop_
_pdbx_struct_assembly_prop.biol_id 
_pdbx_struct_assembly_prop.type 
_pdbx_struct_assembly_prop.value 
_pdbx_struct_assembly_prop.details 
1 'ABSA (A^2)' 1160 ? 
1 MORE         -9   ? 
1 'SSA (A^2)'  5350 ? 
# 
_pdbx_struct_assembly_gen.assembly_id       1 
_pdbx_struct_assembly_gen.oper_expression   1 
_pdbx_struct_assembly_gen.asym_id_list      A,B 
# 
_pdbx_struct_assembly_auth_evidence.id                     1 
_pdbx_struct_assembly_auth_evidence.assembly_id            1 
_pdbx_struct_assembly_auth_evidence.experimental_support   'native gel electrophoresis' 
_pdbx_struct_assembly_auth_evidence.details                ? 
# 
_pdbx_struct_oper_list.id                   1 
_pdbx_struct_oper_list.type                 'identity operation' 
_pdbx_struct_oper_list.name                 1_555 
_pdbx_struct_oper_list.symmetry_operation   x,y,z 
_pdbx_struct_oper_list.matrix[1][1]         1.0000000000 
_pdbx_struct_oper_list.matrix[1][2]         0.0000000000 
_pdbx_struct_oper_list.matrix[1][3]         0.0000000000 
_pdbx_struct_oper_list.vector[1]            0.0000000000 
_pdbx_struct_oper_list.matrix[2][1]         0.0000000000 
_pdbx_struct_oper_list.matrix[2][2]         1.0000000000 
_pdbx_struct_oper_list.matrix[2][3]         0.0000000000 
_pdbx_struct_oper_list.vector[2]            0.0000000000 
_pdbx_struct_oper_list.matrix[3][1]         0.0000000000 
_pdbx_struct_oper_list.matrix[3][2]         0.0000000000 
_pdbx_struct_oper_list.matrix[3][3]         1.0000000000 
_pdbx_struct_oper_list.vector[3]            0.0000000000 
# 
loop_
_struct_conn.id 
_struct_conn.conn_type_id 
_struct_conn.pdbx_leaving_atom_flag 
_struct_conn.pdbx_PDB_id 
_struct_conn.ptnr1_label_asym_id 
_struct_conn.ptnr1_label_comp_id 
_struct_conn.ptnr1_label_seq_id 
_struct_conn.ptnr1_label_atom_id 
_struct_conn.pdbx_ptnr1_label_alt_id 
_struct_conn.pdbx_ptnr1_PDB_ins_code 
_struct_conn.pdbx_ptnr1_standard_comp_id 
_struct_conn.ptnr1_symmetry 
_struct_conn.ptnr2_label_asym_id 
_struct_conn.ptnr2_label_comp_id 
_struct_conn.ptnr2_label_seq_id 
_struct_conn.ptnr2_label_atom_id 
_struct_conn.pdbx_ptnr2_label_alt_id 
_struct_conn.pdbx_ptnr2_PDB_ins_code 
_struct_conn.ptnr1_auth_asym_id 
_struct_conn.ptnr1_auth_comp_id 
_struct_conn.ptnr1_auth_seq_id 
_struct_conn.ptnr2_auth_asym_id 
_struct_conn.ptnr2_auth_comp_id 
_struct_conn.ptnr2_auth_seq_id 
_struct_conn.ptnr2_symmetry 
_struct_conn.pdbx_ptnr3_label_atom_id 
_struct_conn.pdbx_ptnr3_label_seq_id 
_struct_conn.pdbx_ptnr3_label_comp_id 
_struct_conn.pdbx_ptnr3_label_asym_id 
_struct_conn.pdbx_ptnr3_label_alt_id 
_struct_conn.pdbx_ptnr3_PDB_ins_code 
_struct_conn.details 
_struct_conn.pdbx_dist_value 
_struct_conn.pdbx_value_order 
_struct_conn.pdbx_role 
hydrog1  hydrog ? ? A DG 2  N1 ? ? ? 1_555 B DC 7  N3 ? ? A DG 2  B DC 7  1_555 ? ? ? ? ? ? WATSON-CRICK ? ? ? 
hydrog2  hydrog ? ? A DG 2  N2 ? ? ? 1_555 B DC 7  O2 ? ? A DG 2  B DC 7  1_555 ? ? ? ? ? ? WATSON-CRICK ? ? ? 
hydrog3  hydrog ? ? A DG 2  O6 ? ? ? 1_555 B DC 7  N4 ? ? A DG 2  B DC 7  1_555 ? ? ? ? ? ? WATSON-CRICK ? ? ? 
hydrog4  hydrog ? ? A DC 3  N3 ? ? ? 1_555 B DG 6  N1 ? ? A DC 3  B DG 6  1_555 ? ? ? ? ? ? WATSON-CRICK ? ? ? 
hydrog5  hydrog ? ? A DC 3  N4 ? ? ? 1_555 B DG 6  O6 ? ? A DC 3  B DG 6  1_555 ? ? ? ? ? ? WATSON-CRICK ? ? ? 
hydrog6  hydrog ? ? A DC 3  O2 ? ? ? 1_555 B DG 6  N2 ? ? A DC 3  B DG 6  1_555 ? ? ? ? ? ? WATSON-CRICK ? ? ? 
hydrog7  hydrog ? ? A DT 4  N3 ? ? ? 1_555 B DA 5  N1 ? ? A DT 4  B DA 5  1_555 ? ? ? ? ? ? WATSON-CRICK ? ? ? 
hydrog8  hydrog ? ? A DT 4  O4 ? ? ? 1_555 B DA 5  N6 ? ? A DT 4  B DA 5  1_555 ? ? ? ? ? ? WATSON-CRICK ? ? ? 
hydrog9  hydrog ? ? A DG 5  N1 ? ? ? 1_555 B DC 4  N3 ? ? A DG 5  B DC 4  1_555 ? ? ? ? ? ? WATSON-CRICK ? ? ? 
hydrog10 hydrog ? ? A DG 5  N2 ? ? ? 1_555 B DC 4  O2 ? ? A DG 5  B DC 4  1_555 ? ? ? ? ? ? WATSON-CRICK ? ? ? 
hydrog11 hydrog ? ? A DG 5  O6 ? ? ? 1_555 B DC 4  N4 ? ? A DG 5  B DC 4  1_555 ? ? ? ? ? ? WATSON-CRICK ? ? ? 
hydrog12 hydrog ? ? A DG 6  N1 ? ? ? 1_555 B DC 3  N3 ? ? A DG 6  B DC 3  1_555 ? ? ? ? ? ? WATSON-CRICK ? ? ? 
hydrog13 hydrog ? ? A DG 6  N2 ? ? ? 1_555 B DC 3  O2 ? ? A DG 6  B DC 3  1_555 ? ? ? ? ? ? WATSON-CRICK ? ? ? 
hydrog14 hydrog ? ? A DG 6  O6 ? ? ? 1_555 B DC 3  N4 ? ? A DG 6  B DC 3  1_555 ? ? ? ? ? ? WATSON-CRICK ? ? ? 
hydrog15 hydrog ? ? A DT 7  N3 ? ? ? 1_555 B DA 2  N1 ? ? A DT 7  B DA 2  1_555 ? ? ? ? ? ? WATSON-CRICK ? ? ? 
hydrog16 hydrog ? ? A DT 7  O4 ? ? ? 1_555 B DA 2  N6 ? ? A DT 7  B DA 2  1_555 ? ? ? ? ? ? WATSON-CRICK ? ? ? 
hydrog17 hydrog ? ? A DG 8  N1 ? ? ? 1_555 B DC 13 N3 ? ? A DG 8  B DC 13 1_555 ? ? ? ? ? ? 'DG-DC PAIR' ? ? ? 
hydrog18 hydrog ? ? A DG 9  N1 ? ? ? 1_555 B DC 12 N3 ? ? A DG 9  B DC 12 1_555 ? ? ? ? ? ? WATSON-CRICK ? ? ? 
hydrog19 hydrog ? ? A DG 9  N2 ? ? ? 1_555 B DC 12 O2 ? ? A DG 9  B DC 12 1_555 ? ? ? ? ? ? WATSON-CRICK ? ? ? 
hydrog20 hydrog ? ? A DG 9  O6 ? ? ? 1_555 B DC 12 N4 ? ? A DG 9  B DC 12 1_555 ? ? ? ? ? ? WATSON-CRICK ? ? ? 
hydrog21 hydrog ? ? A DT 10 N3 ? ? ? 1_555 B DA 11 N1 ? ? A DT 10 B DA 11 1_555 ? ? ? ? ? ? WATSON-CRICK ? ? ? 
hydrog22 hydrog ? ? A DT 10 O4 ? ? ? 1_555 B DA 11 N6 ? ? A DT 10 B DA 11 1_555 ? ? ? ? ? ? WATSON-CRICK ? ? ? 
hydrog23 hydrog ? ? A DT 11 N3 ? ? ? 1_555 B DA 10 N1 ? ? A DT 11 B DA 10 1_555 ? ? ? ? ? ? WATSON-CRICK ? ? ? 
hydrog24 hydrog ? ? A DT 11 O4 ? ? ? 1_555 B DA 10 N6 ? ? A DT 11 B DA 10 1_555 ? ? ? ? ? ? WATSON-CRICK ? ? ? 
hydrog25 hydrog ? ? A DC 12 N3 ? ? ? 1_555 B DG 9  N1 ? ? A DC 12 B DG 9  1_555 ? ? ? ? ? ? WATSON-CRICK ? ? ? 
hydrog26 hydrog ? ? A DC 12 N4 ? ? ? 1_555 B DG 9  O6 ? ? A DC 12 B DG 9  1_555 ? ? ? ? ? ? WATSON-CRICK ? ? ? 
hydrog27 hydrog ? ? A DC 12 O2 ? ? ? 1_555 B DG 9  N2 ? ? A DC 12 B DG 9  1_555 ? ? ? ? ? ? WATSON-CRICK ? ? ? 
hydrog28 hydrog ? ? A DG 13 N1 ? ? ? 1_555 B DC 8  N3 ? ? A DG 13 B DC 8  1_555 ? ? ? ? ? ? WATSON-CRICK ? ? ? 
hydrog29 hydrog ? ? A DG 13 N2 ? ? ? 1_555 B DC 8  O2 ? ? A DG 13 B DC 8  1_555 ? ? ? ? ? ? WATSON-CRICK ? ? ? 
hydrog30 hydrog ? ? A DG 13 O6 ? ? ? 1_555 B DC 8  N4 ? ? A DG 13 B DC 8  1_555 ? ? ? ? ? ? WATSON-CRICK ? ? ? 
# 
_struct_conn_type.id          hydrog 
_struct_conn_type.criteria    ? 
_struct_conn_type.reference   ? 
# 
_pdbx_validate_close_contact.id               1 
_pdbx_validate_close_contact.PDB_model_num    1 
_pdbx_validate_close_contact.auth_atom_id_1   O6 
_pdbx_validate_close_contact.auth_asym_id_1   A 
_pdbx_validate_close_contact.auth_comp_id_1   DG 
_pdbx_validate_close_contact.auth_seq_id_1    8 
_pdbx_validate_close_contact.PDB_ins_code_1   ? 
_pdbx_validate_close_contact.label_alt_id_1   ? 
_pdbx_validate_close_contact.auth_atom_id_2   N4 
_pdbx_validate_close_contact.auth_asym_id_2   B 
_pdbx_validate_close_contact.auth_comp_id_2   DC 
_pdbx_validate_close_contact.auth_seq_id_2    13 
_pdbx_validate_close_contact.PDB_ins_code_2   ? 
_pdbx_validate_close_contact.label_alt_id_2   ? 
_pdbx_validate_close_contact.dist             2.09 
# 
loop_
_pdbx_validate_rmsd_bond.id 
_pdbx_validate_rmsd_bond.PDB_model_num 
_pdbx_validate_rmsd_bond.auth_atom_id_1 
_pdbx_validate_rmsd_bond.auth_asym_id_1 
_pdbx_validate_rmsd_bond.auth_comp_id_1 
_pdbx_validate_rmsd_bond.auth_seq_id_1 
_pdbx_validate_rmsd_bond.PDB_ins_code_1 
_pdbx_validate_rmsd_bond.label_alt_id_1 
_pdbx_validate_rmsd_bond.auth_atom_id_2 
_pdbx_validate_rmsd_bond.auth_asym_id_2 
_pdbx_validate_rmsd_bond.auth_comp_id_2 
_pdbx_validate_rmsd_bond.auth_seq_id_2 
_pdbx_validate_rmsd_bond.PDB_ins_code_2 
_pdbx_validate_rmsd_bond.label_alt_id_2 
_pdbx_validate_rmsd_bond.bond_value 
_pdbx_validate_rmsd_bond.bond_target_value 
_pdbx_validate_rmsd_bond.bond_deviation 
_pdbx_validate_rmsd_bond.bond_standard_deviation 
_pdbx_validate_rmsd_bond.linker_flag 
1 1 "O3'" A DC 12 ? ? "C3'" A DC 12 ? ? 1.362 1.419 -0.057 0.006 N 
2 1 "O3'" A DG 13 ? ? "C3'" A DG 13 ? ? 1.380 1.419 -0.039 0.006 N 
3 1 "O3'" B DA 2  ? ? "C3'" B DA 2  ? ? 1.364 1.419 -0.055 0.006 N 
4 1 "O3'" B DC 4  ? ? "C3'" B DC 4  ? ? 1.364 1.419 -0.055 0.006 N 
# 
loop_
_pdbx_validate_rmsd_angle.id 
_pdbx_validate_rmsd_angle.PDB_model_num 
_pdbx_validate_rmsd_angle.auth_atom_id_1 
_pdbx_validate_rmsd_angle.auth_asym_id_1 
_pdbx_validate_rmsd_angle.auth_comp_id_1 
_pdbx_validate_rmsd_angle.auth_seq_id_1 
_pdbx_validate_rmsd_angle.PDB_ins_code_1 
_pdbx_validate_rmsd_angle.label_alt_id_1 
_pdbx_validate_rmsd_angle.auth_atom_id_2 
_pdbx_validate_rmsd_angle.auth_asym_id_2 
_pdbx_validate_rmsd_angle.auth_comp_id_2 
_pdbx_validate_rmsd_angle.auth_seq_id_2 
_pdbx_validate_rmsd_angle.PDB_ins_code_2 
_pdbx_validate_rmsd_angle.label_alt_id_2 
_pdbx_validate_rmsd_angle.auth_atom_id_3 
_pdbx_validate_rmsd_angle.auth_asym_id_3 
_pdbx_validate_rmsd_angle.auth_comp_id_3 
_pdbx_validate_rmsd_angle.auth_seq_id_3 
_pdbx_validate_rmsd_angle.PDB_ins_code_3 
_pdbx_validate_rmsd_angle.label_alt_id_3 
_pdbx_validate_rmsd_angle.angle_value 
_pdbx_validate_rmsd_angle.angle_target_value 
_pdbx_validate_rmsd_angle.angle_deviation 
_pdbx_validate_rmsd_angle.angle_standard_deviation 
_pdbx_validate_rmsd_angle.linker_flag 
1  1 "O4'" A DC 1  ? ? "C1'" A DC 1  ? ? N1    A DC 1  ? ? 110.82 108.30 2.52  0.30 N 
2  1 "C3'" A DT 4  ? ? "C2'" A DT 4  ? ? "C1'" A DT 4  ? ? 96.51  102.40 -5.89 0.80 N 
3  1 "O4'" A DG 5  ? ? "C4'" A DG 5  ? ? "C3'" A DG 5  ? ? 101.38 104.50 -3.12 0.40 N 
4  1 "C4'" A DG 5  ? ? "C3'" A DG 5  ? ? "C2'" A DG 5  ? ? 98.00  102.20 -4.20 0.70 N 
5  1 "C3'" A DG 5  ? ? "C2'" A DG 5  ? ? "C1'" A DG 5  ? ? 95.85  102.40 -6.55 0.80 N 
6  1 "O4'" A DG 8  ? ? "C1'" A DG 8  ? ? N9    A DG 8  ? ? 111.28 108.30 2.98  0.30 N 
7  1 "C3'" A DG 9  ? ? "C2'" A DG 9  ? ? "C1'" A DG 9  ? ? 96.69  102.40 -5.71 0.80 N 
8  1 "O4'" A DG 9  ? ? "C1'" A DG 9  ? ? N9    A DG 9  ? ? 111.74 108.30 3.44  0.30 N 
9  1 "O4'" A DT 10 ? ? "C1'" A DT 10 ? ? N1    A DT 10 ? ? 110.39 108.30 2.09  0.30 N 
10 1 "O4'" B DA 2  ? ? "C1'" B DA 2  ? ? N9    B DA 2  ? ? 111.20 108.30 2.90  0.30 N 
11 1 "O4'" B DC 7  ? ? "C1'" B DC 7  ? ? N1    B DC 7  ? ? 110.14 108.30 1.84  0.30 N 
12 1 "O4'" B DA 10 ? ? "C1'" B DA 10 ? ? N9    B DA 10 ? ? 111.44 108.30 3.14  0.30 N 
13 1 "O4'" B DC 12 ? ? "C1'" B DC 12 ? ? N1    B DC 12 ? ? 110.23 108.30 1.93  0.30 N 
14 1 "C3'" B DC 13 ? ? "C2'" B DC 13 ? ? "C1'" B DC 13 ? ? 97.27  102.40 -5.13 0.80 N 
# 
loop_
_space_group_symop.id 
_space_group_symop.operation_xyz 
1 x,y,z         
2 -y,x-y,z+2/3  
3 -x+y,-x,z+1/3 
# 
_pdbx_refine_tls.id               1 
_pdbx_refine_tls.pdbx_refine_id   'X-RAY DIFFRACTION' 
_pdbx_refine_tls.details          ? 
_pdbx_refine_tls.method           refined 
_pdbx_refine_tls.origin_x         -0.02979726158 
_pdbx_refine_tls.origin_y         0.02318717820 
_pdbx_refine_tls.origin_z         -0.03726773042 
_pdbx_refine_tls.T[1][1]          0.219752656099 
_pdbx_refine_tls.T[1][1]_esd      ? 
_pdbx_refine_tls.T[1][2]          0.035161171649 
_pdbx_refine_tls.T[1][2]_esd      ? 
_pdbx_refine_tls.T[1][3]          -0.035079262341 
_pdbx_refine_tls.T[1][3]_esd      ? 
_pdbx_refine_tls.T[2][2]          0.201972346106 
_pdbx_refine_tls.T[2][2]_esd      ? 
_pdbx_refine_tls.T[2][3]          0.009133990629 
_pdbx_refine_tls.T[2][3]_esd      ? 
_pdbx_refine_tls.T[3][3]          0.232676109159 
_pdbx_refine_tls.T[3][3]_esd      ? 
_pdbx_refine_tls.L[1][1]          1.169738971914 
_pdbx_refine_tls.L[1][1]_esd      ? 
_pdbx_refine_tls.L[1][2]          -0.657968421779 
_pdbx_refine_tls.L[1][2]_esd      ? 
_pdbx_refine_tls.L[1][3]          -0.127896296451 
_pdbx_refine_tls.L[1][3]_esd      ? 
_pdbx_refine_tls.L[2][2]          2.52698630257 
_pdbx_refine_tls.L[2][2]_esd      ? 
_pdbx_refine_tls.L[2][3]          0.431106393021 
_pdbx_refine_tls.L[2][3]_esd      ? 
_pdbx_refine_tls.L[3][3]          0.49500810875 
_pdbx_refine_tls.L[3][3]_esd      ? 
_pdbx_refine_tls.S[1][1]          0.211636351369 
_pdbx_refine_tls.S[1][1]_esd      ? 
_pdbx_refine_tls.S[1][2]          0.068141427569 
_pdbx_refine_tls.S[1][2]_esd      ? 
_pdbx_refine_tls.S[1][3]          -0.091117790518 
_pdbx_refine_tls.S[1][3]_esd      ? 
_pdbx_refine_tls.S[2][1]          -0.147725062079 
_pdbx_refine_tls.S[2][1]_esd      ? 
_pdbx_refine_tls.S[2][2]          -0.066681172466 
_pdbx_refine_tls.S[2][2]_esd      ? 
_pdbx_refine_tls.S[2][3]          0.27335843968 
_pdbx_refine_tls.S[2][3]_esd      ? 
_pdbx_refine_tls.S[3][1]          0.135358386959 
_pdbx_refine_tls.S[3][1]_esd      ? 
_pdbx_refine_tls.S[3][2]          -0.087168491310 
_pdbx_refine_tls.S[3][2]_esd      ? 
_pdbx_refine_tls.S[3][3]          0.183966353265 
_pdbx_refine_tls.S[3][3]_esd      ? 
# 
_pdbx_refine_tls_group.id                  1 
_pdbx_refine_tls_group.pdbx_refine_id      'X-RAY DIFFRACTION' 
_pdbx_refine_tls_group.refine_tls_id       1 
_pdbx_refine_tls_group.beg_label_asym_id   A 
_pdbx_refine_tls_group.beg_label_seq_id    ? 
_pdbx_refine_tls_group.beg_auth_asym_id    A 
_pdbx_refine_tls_group.beg_auth_seq_id     1 
_pdbx_refine_tls_group.beg_PDB_ins_code    ? 
_pdbx_refine_tls_group.end_label_asym_id   B 
_pdbx_refine_tls_group.end_label_seq_id    ? 
_pdbx_refine_tls_group.end_auth_asym_id    B 
_pdbx_refine_tls_group.end_auth_seq_id     14 
_pdbx_refine_tls_group.end_PDB_ins_code    ? 
_pdbx_refine_tls_group.selection           ? 
_pdbx_refine_tls_group.selection_details   all 
# 
loop_
_chem_comp_atom.comp_id 
_chem_comp_atom.atom_id 
_chem_comp_atom.type_symbol 
_chem_comp_atom.pdbx_aromatic_flag 
_chem_comp_atom.pdbx_stereo_config 
_chem_comp_atom.pdbx_ordinal 
DA OP3    O N N 1   
DA P      P N N 2   
DA OP1    O N N 3   
DA OP2    O N N 4   
DA "O5'"  O N N 5   
DA "C5'"  C N N 6   
DA "C4'"  C N R 7   
DA "O4'"  O N N 8   
DA "C3'"  C N S 9   
DA "O3'"  O N N 10  
DA "C2'"  C N N 11  
DA "C1'"  C N R 12  
DA N9     N Y N 13  
DA C8     C Y N 14  
DA N7     N Y N 15  
DA C5     C Y N 16  
DA C6     C Y N 17  
DA N6     N N N 18  
DA N1     N Y N 19  
DA C2     C Y N 20  
DA N3     N Y N 21  
DA C4     C Y N 22  
DA HOP3   H N N 23  
DA HOP2   H N N 24  
DA "H5'"  H N N 25  
DA "H5''" H N N 26  
DA "H4'"  H N N 27  
DA "H3'"  H N N 28  
DA "HO3'" H N N 29  
DA "H2'"  H N N 30  
DA "H2''" H N N 31  
DA "H1'"  H N N 32  
DA H8     H N N 33  
DA H61    H N N 34  
DA H62    H N N 35  
DA H2     H N N 36  
DC OP3    O N N 37  
DC P      P N N 38  
DC OP1    O N N 39  
DC OP2    O N N 40  
DC "O5'"  O N N 41  
DC "C5'"  C N N 42  
DC "C4'"  C N R 43  
DC "O4'"  O N N 44  
DC "C3'"  C N S 45  
DC "O3'"  O N N 46  
DC "C2'"  C N N 47  
DC "C1'"  C N R 48  
DC N1     N N N 49  
DC C2     C N N 50  
DC O2     O N N 51  
DC N3     N N N 52  
DC C4     C N N 53  
DC N4     N N N 54  
DC C5     C N N 55  
DC C6     C N N 56  
DC HOP3   H N N 57  
DC HOP2   H N N 58  
DC "H5'"  H N N 59  
DC "H5''" H N N 60  
DC "H4'"  H N N 61  
DC "H3'"  H N N 62  
DC "HO3'" H N N 63  
DC "H2'"  H N N 64  
DC "H2''" H N N 65  
DC "H1'"  H N N 66  
DC H41    H N N 67  
DC H42    H N N 68  
DC H5     H N N 69  
DC H6     H N N 70  
DG OP3    O N N 71  
DG P      P N N 72  
DG OP1    O N N 73  
DG OP2    O N N 74  
DG "O5'"  O N N 75  
DG "C5'"  C N N 76  
DG "C4'"  C N R 77  
DG "O4'"  O N N 78  
DG "C3'"  C N S 79  
DG "O3'"  O N N 80  
DG "C2'"  C N N 81  
DG "C1'"  C N R 82  
DG N9     N Y N 83  
DG C8     C Y N 84  
DG N7     N Y N 85  
DG C5     C Y N 86  
DG C6     C N N 87  
DG O6     O N N 88  
DG N1     N N N 89  
DG C2     C N N 90  
DG N2     N N N 91  
DG N3     N N N 92  
DG C4     C Y N 93  
DG HOP3   H N N 94  
DG HOP2   H N N 95  
DG "H5'"  H N N 96  
DG "H5''" H N N 97  
DG "H4'"  H N N 98  
DG "H3'"  H N N 99  
DG "HO3'" H N N 100 
DG "H2'"  H N N 101 
DG "H2''" H N N 102 
DG "H1'"  H N N 103 
DG H8     H N N 104 
DG H1     H N N 105 
DG H21    H N N 106 
DG H22    H N N 107 
DT OP3    O N N 108 
DT P      P N N 109 
DT OP1    O N N 110 
DT OP2    O N N 111 
DT "O5'"  O N N 112 
DT "C5'"  C N N 113 
DT "C4'"  C N R 114 
DT "O4'"  O N N 115 
DT "C3'"  C N S 116 
DT "O3'"  O N N 117 
DT "C2'"  C N N 118 
DT "C1'"  C N R 119 
DT N1     N N N 120 
DT C2     C N N 121 
DT O2     O N N 122 
DT N3     N N N 123 
DT C4     C N N 124 
DT O4     O N N 125 
DT C5     C N N 126 
DT C7     C N N 127 
DT C6     C N N 128 
DT HOP3   H N N 129 
DT HOP2   H N N 130 
DT "H5'"  H N N 131 
DT "H5''" H N N 132 
DT "H4'"  H N N 133 
DT "H3'"  H N N 134 
DT "HO3'" H N N 135 
DT "H2'"  H N N 136 
DT "H2''" H N N 137 
DT "H1'"  H N N 138 
DT H3     H N N 139 
DT H71    H N N 140 
DT H72    H N N 141 
DT H73    H N N 142 
DT H6     H N N 143 
# 
loop_
_chem_comp_bond.comp_id 
_chem_comp_bond.atom_id_1 
_chem_comp_bond.atom_id_2 
_chem_comp_bond.value_order 
_chem_comp_bond.pdbx_aromatic_flag 
_chem_comp_bond.pdbx_stereo_config 
_chem_comp_bond.pdbx_ordinal 
DA OP3   P      sing N N 1   
DA OP3   HOP3   sing N N 2   
DA P     OP1    doub N N 3   
DA P     OP2    sing N N 4   
DA P     "O5'"  sing N N 5   
DA OP2   HOP2   sing N N 6   
DA "O5'" "C5'"  sing N N 7   
DA "C5'" "C4'"  sing N N 8   
DA "C5'" "H5'"  sing N N 9   
DA "C5'" "H5''" sing N N 10  
DA "C4'" "O4'"  sing N N 11  
DA "C4'" "C3'"  sing N N 12  
DA "C4'" "H4'"  sing N N 13  
DA "O4'" "C1'"  sing N N 14  
DA "C3'" "O3'"  sing N N 15  
DA "C3'" "C2'"  sing N N 16  
DA "C3'" "H3'"  sing N N 17  
DA "O3'" "HO3'" sing N N 18  
DA "C2'" "C1'"  sing N N 19  
DA "C2'" "H2'"  sing N N 20  
DA "C2'" "H2''" sing N N 21  
DA "C1'" N9     sing N N 22  
DA "C1'" "H1'"  sing N N 23  
DA N9    C8     sing Y N 24  
DA N9    C4     sing Y N 25  
DA C8    N7     doub Y N 26  
DA C8    H8     sing N N 27  
DA N7    C5     sing Y N 28  
DA C5    C6     sing Y N 29  
DA C5    C4     doub Y N 30  
DA C6    N6     sing N N 31  
DA C6    N1     doub Y N 32  
DA N6    H61    sing N N 33  
DA N6    H62    sing N N 34  
DA N1    C2     sing Y N 35  
DA C2    N3     doub Y N 36  
DA C2    H2     sing N N 37  
DA N3    C4     sing Y N 38  
DC OP3   P      sing N N 39  
DC OP3   HOP3   sing N N 40  
DC P     OP1    doub N N 41  
DC P     OP2    sing N N 42  
DC P     "O5'"  sing N N 43  
DC OP2   HOP2   sing N N 44  
DC "O5'" "C5'"  sing N N 45  
DC "C5'" "C4'"  sing N N 46  
DC "C5'" "H5'"  sing N N 47  
DC "C5'" "H5''" sing N N 48  
DC "C4'" "O4'"  sing N N 49  
DC "C4'" "C3'"  sing N N 50  
DC "C4'" "H4'"  sing N N 51  
DC "O4'" "C1'"  sing N N 52  
DC "C3'" "O3'"  sing N N 53  
DC "C3'" "C2'"  sing N N 54  
DC "C3'" "H3'"  sing N N 55  
DC "O3'" "HO3'" sing N N 56  
DC "C2'" "C1'"  sing N N 57  
DC "C2'" "H2'"  sing N N 58  
DC "C2'" "H2''" sing N N 59  
DC "C1'" N1     sing N N 60  
DC "C1'" "H1'"  sing N N 61  
DC N1    C2     sing N N 62  
DC N1    C6     sing N N 63  
DC C2    O2     doub N N 64  
DC C2    N3     sing N N 65  
DC N3    C4     doub N N 66  
DC C4    N4     sing N N 67  
DC C4    C5     sing N N 68  
DC N4    H41    sing N N 69  
DC N4    H42    sing N N 70  
DC C5    C6     doub N N 71  
DC C5    H5     sing N N 72  
DC C6    H6     sing N N 73  
DG OP3   P      sing N N 74  
DG OP3   HOP3   sing N N 75  
DG P     OP1    doub N N 76  
DG P     OP2    sing N N 77  
DG P     "O5'"  sing N N 78  
DG OP2   HOP2   sing N N 79  
DG "O5'" "C5'"  sing N N 80  
DG "C5'" "C4'"  sing N N 81  
DG "C5'" "H5'"  sing N N 82  
DG "C5'" "H5''" sing N N 83  
DG "C4'" "O4'"  sing N N 84  
DG "C4'" "C3'"  sing N N 85  
DG "C4'" "H4'"  sing N N 86  
DG "O4'" "C1'"  sing N N 87  
DG "C3'" "O3'"  sing N N 88  
DG "C3'" "C2'"  sing N N 89  
DG "C3'" "H3'"  sing N N 90  
DG "O3'" "HO3'" sing N N 91  
DG "C2'" "C1'"  sing N N 92  
DG "C2'" "H2'"  sing N N 93  
DG "C2'" "H2''" sing N N 94  
DG "C1'" N9     sing N N 95  
DG "C1'" "H1'"  sing N N 96  
DG N9    C8     sing Y N 97  
DG N9    C4     sing Y N 98  
DG C8    N7     doub Y N 99  
DG C8    H8     sing N N 100 
DG N7    C5     sing Y N 101 
DG C5    C6     sing N N 102 
DG C5    C4     doub Y N 103 
DG C6    O6     doub N N 104 
DG C6    N1     sing N N 105 
DG N1    C2     sing N N 106 
DG N1    H1     sing N N 107 
DG C2    N2     sing N N 108 
DG C2    N3     doub N N 109 
DG N2    H21    sing N N 110 
DG N2    H22    sing N N 111 
DG N3    C4     sing N N 112 
DT OP3   P      sing N N 113 
DT OP3   HOP3   sing N N 114 
DT P     OP1    doub N N 115 
DT P     OP2    sing N N 116 
DT P     "O5'"  sing N N 117 
DT OP2   HOP2   sing N N 118 
DT "O5'" "C5'"  sing N N 119 
DT "C5'" "C4'"  sing N N 120 
DT "C5'" "H5'"  sing N N 121 
DT "C5'" "H5''" sing N N 122 
DT "C4'" "O4'"  sing N N 123 
DT "C4'" "C3'"  sing N N 124 
DT "C4'" "H4'"  sing N N 125 
DT "O4'" "C1'"  sing N N 126 
DT "C3'" "O3'"  sing N N 127 
DT "C3'" "C2'"  sing N N 128 
DT "C3'" "H3'"  sing N N 129 
DT "O3'" "HO3'" sing N N 130 
DT "C2'" "C1'"  sing N N 131 
DT "C2'" "H2'"  sing N N 132 
DT "C2'" "H2''" sing N N 133 
DT "C1'" N1     sing N N 134 
DT "C1'" "H1'"  sing N N 135 
DT N1    C2     sing N N 136 
DT N1    C6     sing N N 137 
DT C2    O2     doub N N 138 
DT C2    N3     sing N N 139 
DT N3    C4     sing N N 140 
DT N3    H3     sing N N 141 
DT C4    O4     doub N N 142 
DT C4    C5     sing N N 143 
DT C5    C7     sing N N 144 
DT C5    C6     doub N N 145 
DT C7    H71    sing N N 146 
DT C7    H72    sing N N 147 
DT C7    H73    sing N N 148 
DT C6    H6     sing N N 149 
# 
loop_
_ndb_struct_conf_na.entry_id 
_ndb_struct_conf_na.feature 
8EPB 'double helix'        
8EPB 'b-form double helix' 
# 
loop_
_ndb_struct_na_base_pair.model_number 
_ndb_struct_na_base_pair.i_label_asym_id 
_ndb_struct_na_base_pair.i_label_comp_id 
_ndb_struct_na_base_pair.i_label_seq_id 
_ndb_struct_na_base_pair.i_symmetry 
_ndb_struct_na_base_pair.j_label_asym_id 
_ndb_struct_na_base_pair.j_label_comp_id 
_ndb_struct_na_base_pair.j_label_seq_id 
_ndb_struct_na_base_pair.j_symmetry 
_ndb_struct_na_base_pair.shear 
_ndb_struct_na_base_pair.stretch 
_ndb_struct_na_base_pair.stagger 
_ndb_struct_na_base_pair.buckle 
_ndb_struct_na_base_pair.propeller 
_ndb_struct_na_base_pair.opening 
_ndb_struct_na_base_pair.pair_number 
_ndb_struct_na_base_pair.pair_name 
_ndb_struct_na_base_pair.i_auth_asym_id 
_ndb_struct_na_base_pair.i_auth_seq_id 
_ndb_struct_na_base_pair.i_PDB_ins_code 
_ndb_struct_na_base_pair.j_auth_asym_id 
_ndb_struct_na_base_pair.j_auth_seq_id 
_ndb_struct_na_base_pair.j_PDB_ins_code 
_ndb_struct_na_base_pair.hbond_type_28 
_ndb_struct_na_base_pair.hbond_type_12 
1 A DG 2  1_555 B DC 7  1_555 0.926  -0.155 -1.032 -23.746 -18.833 -9.778  1  A_DG2:DC7_B   A 2  ? B 7  ? 19 1 
1 A DC 3  1_555 B DG 6  1_555 -1.763 0.461  0.616  -9.747  -2.582  -4.304  2  A_DC3:DG6_B   A 3  ? B 6  ? 19 1 
1 A DT 4  1_555 B DA 5  1_555 0.173  0.202  -0.249 8.854   -13.489 -6.323  3  A_DT4:DA5_B   A 4  ? B 5  ? 20 1 
1 A DG 5  1_555 B DC 4  1_555 -0.702 -0.692 -0.607 0.098   -8.830  -7.977  4  A_DG5:DC4_B   A 5  ? B 4  ? 19 1 
1 A DG 6  1_555 B DC 3  1_555 0.714  0.214  0.275  2.106   -14.110 -0.226  5  A_DG6:DC3_B   A 6  ? B 3  ? 19 1 
1 A DT 7  1_555 B DA 2  1_555 -0.141 0.289  -0.412 6.663   -10.853 -2.724  6  A_DT7:DA2_B   A 7  ? B 2  ? 20 1 
1 A DG 8  1_555 B DC 13 1_555 -0.354 -0.421 0.258  20.894  -2.534  -20.432 7  A_DG8:DC13_B  A 8  ? B 13 ? ?  1 
1 A DG 9  1_555 B DC 12 1_555 -1.656 -0.427 -0.229 -4.811  -21.671 0.971   8  A_DG9:DC12_B  A 9  ? B 12 ? 19 1 
1 A DT 10 1_555 B DA 11 1_555 -0.022 0.047  0.259  -5.363  -2.886  9.381   9  A_DT10:DA11_B A 10 ? B 11 ? 20 1 
1 A DT 11 1_555 B DA 10 1_555 0.344  -0.019 -0.094 2.197   -9.522  4.253   10 A_DT11:DA10_B A 11 ? B 10 ? 20 1 
1 A DC 12 1_555 B DG 9  1_555 1.901  -0.394 -0.608 5.058   -17.284 15.299  11 A_DC12:DG9_B  A 12 ? B 9  ? 19 1 
1 A DG 13 1_555 B DC 8  1_555 -1.537 -0.150 0.016  -6.792  -12.590 9.587   12 A_DG13:DC8_B  A 13 ? B 8  ? 19 1 
# 
loop_
_ndb_struct_na_base_pair_step.model_number 
_ndb_struct_na_base_pair_step.i_label_asym_id_1 
_ndb_struct_na_base_pair_step.i_label_comp_id_1 
_ndb_struct_na_base_pair_step.i_label_seq_id_1 
_ndb_struct_na_base_pair_step.i_symmetry_1 
_ndb_struct_na_base_pair_step.j_label_asym_id_1 
_ndb_struct_na_base_pair_step.j_label_comp_id_1 
_ndb_struct_na_base_pair_step.j_label_seq_id_1 
_ndb_struct_na_base_pair_step.j_symmetry_1 
_ndb_struct_na_base_pair_step.i_label_asym_id_2 
_ndb_struct_na_base_pair_step.i_label_comp_id_2 
_ndb_struct_na_base_pair_step.i_label_seq_id_2 
_ndb_struct_na_base_pair_step.i_symmetry_2 
_ndb_struct_na_base_pair_step.j_label_asym_id_2 
_ndb_struct_na_base_pair_step.j_label_comp_id_2 
_ndb_struct_na_base_pair_step.j_label_seq_id_2 
_ndb_struct_na_base_pair_step.j_symmetry_2 
_ndb_struct_na_base_pair_step.shift 
_ndb_struct_na_base_pair_step.slide 
_ndb_struct_na_base_pair_step.rise 
_ndb_struct_na_base_pair_step.tilt 
_ndb_struct_na_base_pair_step.roll 
_ndb_struct_na_base_pair_step.twist 
_ndb_struct_na_base_pair_step.x_displacement 
_ndb_struct_na_base_pair_step.y_displacement 
_ndb_struct_na_base_pair_step.helical_rise 
_ndb_struct_na_base_pair_step.inclination 
_ndb_struct_na_base_pair_step.tip 
_ndb_struct_na_base_pair_step.helical_twist 
_ndb_struct_na_base_pair_step.step_number 
_ndb_struct_na_base_pair_step.step_name 
_ndb_struct_na_base_pair_step.i_auth_asym_id_1 
_ndb_struct_na_base_pair_step.i_auth_seq_id_1 
_ndb_struct_na_base_pair_step.i_PDB_ins_code_1 
_ndb_struct_na_base_pair_step.j_auth_asym_id_1 
_ndb_struct_na_base_pair_step.j_auth_seq_id_1 
_ndb_struct_na_base_pair_step.j_PDB_ins_code_1 
_ndb_struct_na_base_pair_step.i_auth_asym_id_2 
_ndb_struct_na_base_pair_step.i_auth_seq_id_2 
_ndb_struct_na_base_pair_step.i_PDB_ins_code_2 
_ndb_struct_na_base_pair_step.j_auth_asym_id_2 
_ndb_struct_na_base_pair_step.j_auth_seq_id_2 
_ndb_struct_na_base_pair_step.j_PDB_ins_code_2 
1 A DG 2  1_555 B DC 7  1_555 A DC 3  1_555 B DG 6  1_555 -0.103 -0.362 2.799 -16.727 1.383  18.018 -1.221 -4.242 2.109 3.566   
43.145  24.577 1  AA_DG2DC3:DG6DC7_BB     A 2  ? B 7  ? A 3  ? B 6  ? 
1 A DC 3  1_555 B DG 6  1_555 A DT 4  1_555 B DA 5  1_555 -0.538 0.726  2.858 6.923   0.134  38.059 1.083  1.546  2.725 0.204   
-10.510 38.661 2  AA_DC3DT4:DA5DG6_BB     A 3  ? B 6  ? A 4  ? B 5  ? 
1 A DT 4  1_555 B DA 5  1_555 A DG 5  1_555 B DC 4  1_555 0.061  1.965  3.560 3.401   4.724  35.073 2.441  0.461  3.773 7.773   
-5.596  35.538 3  AA_DT4DG5:DC4DA5_BB     A 4  ? B 5  ? A 5  ? B 4  ? 
1 A DG 5  1_555 B DC 4  1_555 A DG 6  1_555 B DC 3  1_555 -0.073 0.577  3.243 -11.093 1.610  46.311 0.585  -0.800 3.196 2.013   
13.867  47.575 4  AA_DG5DG6:DC3DC4_BB     A 5  ? B 4  ? A 6  ? B 3  ? 
1 A DG 6  1_555 B DC 3  1_555 A DT 7  1_555 B DA 2  1_555 -0.035 -0.618 3.196 5.699   5.036  27.617 -2.345 1.309  2.972 10.304  
-11.660 28.626 5  AA_DG6DT7:DA2DC3_BB     A 6  ? B 3  ? A 7  ? B 2  ? 
1 A DG 8  1_555 B DC 13 1_555 A DG 9  1_555 B DC 12 1_555 1.456  -0.894 3.977 6.506   9.992  31.545 -3.534 -1.219 3.748 17.612  
-11.468 33.669 6  AA_DG8DG9:DC12DC13_BB   A 8  ? B 13 ? A 9  ? B 12 ? 
1 A DG 9  1_555 B DC 12 1_555 A DT 10 1_555 B DA 11 1_555 0.232  -0.192 3.362 -5.002  -2.302 41.473 -0.021 -0.862 3.319 -3.233  
7.026   41.821 7  AA_DG9DT10:DA11DC12_BB  A 9  ? B 12 ? A 10 ? B 11 ? 
1 A DT 10 1_555 B DA 11 1_555 A DT 11 1_555 B DA 10 1_555 -0.286 0.308  3.210 4.699   -8.207 39.016 1.356  0.937  3.034 -12.073 
-6.912  40.103 8  AA_DT10DT11:DA10DA11_BB A 10 ? B 11 ? A 11 ? B 10 ? 
1 A DT 11 1_555 B DA 10 1_555 A DC 12 1_555 B DG 9  1_555 0.792  0.982  3.104 12.118  8.129  46.302 0.563  -0.020 3.318 10.048  
-14.980 48.426 9  AA_DT11DC12:DG9DA10_BB  A 11 ? B 10 ? A 12 ? B 9  ? 
1 A DC 12 1_555 B DG 9  1_555 A DG 13 1_555 B DC 8  1_555 -0.677 1.305  3.618 -11.956 5.922  19.030 0.738  -3.380 3.649 15.660  
31.616  23.206 10 AA_DC12DG13:DC8DG9_BB   A 12 ? B 9  ? A 13 ? B 8  ? 
# 
loop_
_pdbx_audit_support.funding_organization 
_pdbx_audit_support.country 
_pdbx_audit_support.grant_number 
_pdbx_audit_support.ordinal 
'National Science Foundation (NSF, United States)'                                         'United States' CMMI-2025187 1 
'National Science Foundation (NSF, United States)'                                         'United States' CCF-2107393  2 
'National Institutes of Health/National Institute of General Medical Sciences (NIH/NIGMS)' 'United States' 1R01GM127884 3 
'National Institutes of Health/National Institute of General Medical Sciences (NIH/NIGMS)' 'United States' 1R01GM127896 4 
# 
_pdbx_initial_refinement_model.accession_code   ? 
_pdbx_initial_refinement_model.id               1 
_pdbx_initial_refinement_model.entity_id_list   ? 
_pdbx_initial_refinement_model.type             'in silico model' 
_pdbx_initial_refinement_model.source_name      Other 
_pdbx_initial_refinement_model.details          'ideal B type DNA duplexes generated in Cadnano' 
# 
_space_group.name_H-M_alt     'P 32' 
_space_group.name_Hall        'P 32' 
_space_group.IT_number        145 
_space_group.crystal_system   trigonal 
_space_group.id               1 
# 
_atom_sites.entry_id                    8EPB 
_atom_sites.Cartn_transf_matrix[1][1]   ? 
_atom_sites.Cartn_transf_matrix[1][2]   ? 
_atom_sites.Cartn_transf_matrix[1][3]   ? 
_atom_sites.Cartn_transf_matrix[2][1]   ? 
_atom_sites.Cartn_transf_matrix[2][2]   ? 
_atom_sites.Cartn_transf_matrix[2][3]   ? 
_atom_sites.Cartn_transf_matrix[3][1]   ? 
_atom_sites.Cartn_transf_matrix[3][2]   ? 
_atom_sites.Cartn_transf_matrix[3][3]   ? 
_atom_sites.Cartn_transf_vector[1]      ? 
_atom_sites.Cartn_transf_vector[2]      ? 
_atom_sites.Cartn_transf_vector[3]      ? 
_atom_sites.fract_transf_matrix[1][1]   -0.01022878 
_atom_sites.fract_transf_matrix[1][2]   0.00218276 
_atom_sites.fract_transf_matrix[1][3]   0.02855586 
_atom_sites.fract_transf_matrix[2][1]   -0.02556555 
_atom_sites.fract_transf_matrix[2][2]   0.01539182 
_atom_sites.fract_transf_matrix[2][3]   0.00585863 
_atom_sites.fract_transf_matrix[3][1]   -0.00766008 
_atom_sites.fract_transf_matrix[3][2]   -0.01202884 
_atom_sites.fract_transf_matrix[3][3]   -0.00182439 
_atom_sites.fract_transf_vector[1]      0.145382 
_atom_sites.fract_transf_vector[2]      -0.168244 
_atom_sites.fract_transf_vector[3]      -0.071365 
_atom_sites.solution_primary            ? 
_atom_sites.solution_secondary          ? 
_atom_sites.solution_hydrogens          ? 
_atom_sites.special_details             ? 
# 
loop_
_atom_type.symbol 
_atom_type.scat_dispersion_real 
_atom_type.scat_dispersion_imag 
_atom_type.scat_Cromer_Mann_a1 
_atom_type.scat_Cromer_Mann_a2 
_atom_type.scat_Cromer_Mann_a3 
_atom_type.scat_Cromer_Mann_a4 
_atom_type.scat_Cromer_Mann_b1 
_atom_type.scat_Cromer_Mann_b2 
_atom_type.scat_Cromer_Mann_b3 
_atom_type.scat_Cromer_Mann_b4 
_atom_type.scat_Cromer_Mann_c 
_atom_type.scat_source 
_atom_type.scat_dispersion_source 
C ? ? 3.54356 2.42580 ? ? 25.62398 1.50364  ? ? 0.0 
;2-Gaussian fit: Grosse-Kunstleve RW, Sauter NK, Adams PD: Newsletter of the IUCr Commission on Crystallographic Computing 2004, 3, 22-31.
;
? 
N ? ? 4.01032 2.96436 ? ? 19.97189 1.75589  ? ? 0.0 
;2-Gaussian fit: Grosse-Kunstleve RW, Sauter NK, Adams PD: Newsletter of the IUCr Commission on Crystallographic Computing 2004, 3, 22-31.
;
? 
O ? ? 4.49882 3.47563 ? ? 15.80542 1.70748  ? ? 0.0 
;2-Gaussian fit: Grosse-Kunstleve RW, Sauter NK, Adams PD: Newsletter of the IUCr Commission on Crystallographic Computing 2004, 3, 22-31.
;
? 
P ? ? 9.51135 5.44231 ? ? 1.42069  35.72801 ? ? 0.0 
;2-Gaussian fit: Grosse-Kunstleve RW, Sauter NK, Adams PD: Newsletter of the IUCr Commission on Crystallographic Computing 2004, 3, 22-31.
;
? 
# 
loop_
_atom_site.group_PDB 
_atom_site.id 
_atom_site.type_symbol 
_atom_site.label_atom_id 
_atom_site.label_alt_id 
_atom_site.label_comp_id 
_atom_site.label_asym_id 
_atom_site.label_entity_id 
_atom_site.label_seq_id 
_atom_site.pdbx_PDB_ins_code 
_atom_site.Cartn_x 
_atom_site.Cartn_y 
_atom_site.Cartn_z 
_atom_site.occupancy 
_atom_site.B_iso_or_equiv 
_atom_site.pdbx_formal_charge 
_atom_site.auth_seq_id 
_atom_site.auth_comp_id 
_atom_site.auth_asym_id 
_atom_site.auth_atom_id 
_atom_site.pdbx_PDB_model_num 
ATOM 1   O "O5'" . DC A 1 1  ? 1.56867   -15.90068 15.07230  1.000 36.56399 ? 1  DC A "O5'" 1 
ATOM 2   C "C5'" . DC A 1 1  ? 1.26265   -17.28456 14.84542  1.000 38.30980 ? 1  DC A "C5'" 1 
ATOM 3   C "C4'" . DC A 1 1  ? 2.04342   -17.79794 13.65688  1.000 40.14020 ? 1  DC A "C4'" 1 
ATOM 4   O "O4'" . DC A 1 1  ? 1.15156   -17.88117 12.49679  1.000 39.23025 ? 1  DC A "O4'" 1 
ATOM 5   C "C3'" . DC A 1 1  ? 3.20232   -16.87944 13.25002  1.000 40.49503 ? 1  DC A "C3'" 1 
ATOM 6   O "O3'" . DC A 1 1  ? 4.32517   -17.63710 12.72709  1.000 37.12823 ? 1  DC A "O3'" 1 
ATOM 7   C "C2'" . DC A 1 1  ? 2.55882   -15.99556 12.19424  1.000 43.83520 ? 1  DC A "C2'" 1 
ATOM 8   C "C1'" . DC A 1 1  ? 1.53247   -16.92197 11.53236  1.000 40.33248 ? 1  DC A "C1'" 1 
ATOM 9   N N1    . DC A 1 1  ? 0.34998   -16.14839 11.05888  1.000 39.07717 ? 1  DC A N1    1 
ATOM 10  C C2    . DC A 1 1  ? 0.01288   -16.16468 9.70731   1.000 41.47270 ? 1  DC A C2    1 
ATOM 11  O O2    . DC A 1 1  ? 0.64813   -16.89296 8.94410   1.000 44.98751 ? 1  DC A O2    1 
ATOM 12  N N3    . DC A 1 1  ? -1.01991  -15.39982 9.27202   1.000 39.10504 ? 1  DC A N3    1 
ATOM 13  C C4    . DC A 1 1  ? -1.68039  -14.63043 10.12700  1.000 37.17955 ? 1  DC A C4    1 
ATOM 14  N N4    . DC A 1 1  ? -2.69751  -13.90905 9.65820   1.000 36.22812 ? 1  DC A N4    1 
ATOM 15  C C5    . DC A 1 1  ? -1.32834  -14.56859 11.50226  1.000 38.51912 ? 1  DC A C5    1 
ATOM 16  C C6    . DC A 1 1  ? -0.30641  -15.32708 11.91771  1.000 38.80817 ? 1  DC A C6    1 
ATOM 17  P P     . DG A 1 2  ? 5.57918   -16.92595 11.98779  1.000 40.31722 ? 2  DG A P     1 
ATOM 18  O OP1   . DG A 1 2  ? 6.79538   -17.39928 12.66764  1.000 60.76810 ? 2  DG A OP1   1 
ATOM 19  O OP2   . DG A 1 2  ? 5.46365   -15.45078 11.85057  1.000 35.27140 ? 2  DG A OP2   1 
ATOM 20  O "O5'" . DG A 1 2  ? 5.59649   -17.63250 10.56239  1.000 36.18717 ? 2  DG A "O5'" 1 
ATOM 21  C "C5'" . DG A 1 2  ? 4.59517   -17.35504 9.63043   1.000 38.25097 ? 2  DG A "C5'" 1 
ATOM 22  C "C4'" . DG A 1 2  ? 5.18665   -16.80211 8.34613   1.000 39.19100 ? 2  DG A "C4'" 1 
ATOM 23  O "O4'" . DG A 1 2  ? 4.14724   -16.08629 7.64848   1.000 41.32324 ? 2  DG A "O4'" 1 
ATOM 24  C "C3'" . DG A 1 2  ? 6.31960   -15.78681 8.51911   1.000 42.99179 ? 2  DG A "C3'" 1 
ATOM 25  O "O3'" . DG A 1 2  ? 7.12882   -15.71602 7.32414   1.000 44.27549 ? 2  DG A "O3'" 1 
ATOM 26  C "C2'" . DG A 1 2  ? 5.54497   -14.50589 8.71506   1.000 42.02590 ? 2  DG A "C2'" 1 
ATOM 27  C "C1'" . DG A 1 2  ? 4.37536   -14.69868 7.75019   1.000 39.45238 ? 2  DG A "C1'" 1 
ATOM 28  N N9    . DG A 1 2  ? 3.16305   -14.03606 8.21480   1.000 38.00202 ? 2  DG A N9    1 
ATOM 29  C C8    . DG A 1 2  ? 2.72637   -13.94172 9.50852   1.000 40.56914 ? 2  DG A C8    1 
ATOM 30  N N7    . DG A 1 2  ? 1.63517   -13.24857 9.63936   1.000 39.84458 ? 2  DG A N7    1 
ATOM 31  C C5    . DG A 1 2  ? 1.34077   -12.84714 8.35337   1.000 38.89626 ? 2  DG A C5    1 
ATOM 32  C C6    . DG A 1 2  ? 0.27104   -12.07559 7.88107   1.000 41.92069 ? 2  DG A C6    1 
ATOM 33  O O6    . DG A 1 2  ? -0.65366  -11.57732 8.53353   1.000 43.67980 ? 2  DG A O6    1 
ATOM 34  N N1    . DG A 1 2  ? 0.33949   -11.88900 6.50080   1.000 42.34685 ? 2  DG A N1    1 
ATOM 35  C C2    . DG A 1 2  ? 1.32589   -12.39918 5.69032   1.000 41.90455 ? 2  DG A C2    1 
ATOM 36  N N2    . DG A 1 2  ? 1.23228   -12.12107 4.37385   1.000 41.94937 ? 2  DG A N2    1 
ATOM 37  N N3    . DG A 1 2  ? 2.32898   -13.13767 6.13188   1.000 40.80101 ? 2  DG A N3    1 
ATOM 38  C C4    . DG A 1 2  ? 2.26990   -13.32090 7.46614   1.000 37.88103 ? 2  DG A C4    1 
ATOM 39  P P     . DC A 1 3  ? 8.59996   -15.03885 7.33269   1.000 50.58526 ? 3  DC A P     1 
ATOM 40  O OP1   . DC A 1 3  ? 9.56572   -16.15776 7.42999   1.000 36.02291 ? 3  DC A OP1   1 
ATOM 41  O OP2   . DC A 1 3  ? 8.64628   -13.89314 8.27908   1.000 46.25543 ? 3  DC A OP2   1 
ATOM 42  O "O5'" . DC A 1 3  ? 8.72470   -14.41070 5.86551   1.000 48.27791 ? 3  DC A "O5'" 1 
ATOM 43  C "C5'" . DC A 1 3  ? 7.72528   -14.70813 4.89460   1.000 46.87573 ? 3  DC A "C5'" 1 
ATOM 44  C "C4'" . DC A 1 3  ? 7.36416   -13.47345 4.08790   1.000 44.37230 ? 3  DC A "C4'" 1 
ATOM 45  O "O4'" . DC A 1 3  ? 6.12136   -12.87376 4.57408   1.000 40.07919 ? 3  DC A "O4'" 1 
ATOM 46  C "C3'" . DC A 1 3  ? 8.38260   -12.35277 4.13856   1.000 44.98803 ? 3  DC A "C3'" 1 
ATOM 47  O "O3'" . DC A 1 3  ? 8.35606   -11.70011 2.90314   1.000 37.44416 ? 3  DC A "O3'" 1 
ATOM 48  C "C2'" . DC A 1 3  ? 7.80635   -11.45516 5.24592   1.000 48.44788 ? 3  DC A "C2'" 1 
ATOM 49  C "C1'" . DC A 1 3  ? 6.35384   -11.49867 4.81476   1.000 44.91430 ? 3  DC A "C1'" 1 
ATOM 50  N N1    . DC A 1 3  ? 5.32103   -10.97354 5.80569   1.000 43.10549 ? 3  DC A N1    1 
ATOM 51  C C2    . DC A 1 3  ? 4.35940   -10.02909 5.37223   1.000 40.29607 ? 3  DC A C2    1 
ATOM 52  O O2    . DC A 1 3  ? 4.40513   -9.60802  4.21308   1.000 34.64625 ? 3  DC A O2    1 
ATOM 53  N N3    . DC A 1 3  ? 3.40682   -9.60128  6.24485   1.000 39.45098 ? 3  DC A N3    1 
ATOM 54  C C4    . DC A 1 3  ? 3.38745   -10.06350 7.49300   1.000 37.32178 ? 3  DC A C4    1 
ATOM 55  N N4    . DC A 1 3  ? 2.44409   -9.59533  8.30806   1.000 33.62598 ? 3  DC A N4    1 
ATOM 56  C C5    . DC A 1 3  ? 4.35148   -11.01701 7.96263   1.000 40.91293 ? 3  DC A C5    1 
ATOM 57  C C6    . DC A 1 3  ? 5.28928   -11.44832 7.09050   1.000 42.19954 ? 3  DC A C6    1 
ATOM 58  P P     . DT A 1 4  ? 9.60582   -10.81235 2.48898   1.000 50.22303 ? 4  DT A P     1 
ATOM 59  O OP1   . DT A 1 4  ? 10.52255  -11.82883 1.95106   1.000 56.67702 ? 4  DT A OP1   1 
ATOM 60  O OP2   . DT A 1 4  ? 10.05753  -10.02172 3.66734   1.000 44.96404 ? 4  DT A OP2   1 
ATOM 61  O "O5'" . DT A 1 4  ? 9.05730   -9.85842  1.30493   1.000 44.14401 ? 4  DT A "O5'" 1 
ATOM 62  C "C5'" . DT A 1 4  ? 7.68026   -9.55965  1.21219   1.000 36.66199 ? 4  DT A "C5'" 1 
ATOM 63  C "C4'" . DT A 1 4  ? 7.44683   -8.04929  1.16007   1.000 43.69059 ? 4  DT A "C4'" 1 
ATOM 64  O "O4'" . DT A 1 4  ? 6.57137   -7.62926  2.24885   1.000 46.26265 ? 4  DT A "O4'" 1 
ATOM 65  C "C3'" . DT A 1 4  ? 8.66018   -7.15918  1.34242   1.000 41.89396 ? 4  DT A "C3'" 1 
ATOM 66  O "O3'" . DT A 1 4  ? 8.27807   -5.88279  0.91488   1.000 44.17951 ? 4  DT A "O3'" 1 
ATOM 67  C "C2'" . DT A 1 4  ? 8.74265   -7.12918  2.85231   1.000 45.40772 ? 4  DT A "C2'" 1 
ATOM 68  C "C1'" . DT A 1 4  ? 7.29505   -6.75579  3.09595   1.000 41.70191 ? 4  DT A "C1'" 1 
ATOM 69  N N1    . DT A 1 4  ? 6.81987   -6.93710  4.46630   1.000 39.99002 ? 4  DT A N1    1 
ATOM 70  C C2    . DT A 1 4  ? 5.53658   -6.56704  4.75976   1.000 39.44619 ? 4  DT A C2    1 
ATOM 71  O O2    . DT A 1 4  ? 4.78416   -6.08099  3.93150   1.000 38.84805 ? 4  DT A O2    1 
ATOM 72  N N3    . DT A 1 4  ? 5.16335   -6.77272  6.05548   1.000 33.66392 ? 4  DT A N3    1 
ATOM 73  C C4    . DT A 1 4  ? 5.93734   -7.30263  7.05646   1.000 33.16833 ? 4  DT A C4    1 
ATOM 74  O O4    . DT A 1 4  ? 5.52234   -7.45271  8.18670   1.000 35.61402 ? 4  DT A O4    1 
ATOM 75  C C5    . DT A 1 4  ? 7.27087   -7.67794  6.67924   1.000 38.18415 ? 4  DT A C5    1 
ATOM 76  C C7    . DT A 1 4  ? 8.19824   -8.27414  7.69603   1.000 41.19486 ? 4  DT A C7    1 
ATOM 77  C C6    . DT A 1 4  ? 7.64701   -7.47916  5.41205   1.000 40.40159 ? 4  DT A C6    1 
ATOM 78  P P     . DG A 1 5  ? 8.59759   -5.40440  -0.56794  1.000 46.38460 ? 5  DG A P     1 
ATOM 79  O OP1   . DG A 1 5  ? 8.41753   -6.60480  -1.41408  1.000 44.13203 ? 5  DG A OP1   1 
ATOM 80  O OP2   . DG A 1 5  ? 9.87965   -4.65692  -0.40717  1.000 43.74346 ? 5  DG A OP2   1 
ATOM 81  O "O5'" . DG A 1 5  ? 7.41244   -4.39311  -0.97934  1.000 47.38002 ? 5  DG A "O5'" 1 
ATOM 82  C "C5'" . DG A 1 5  ? 6.27894   -4.21092  -0.12643  1.000 48.59109 ? 5  DG A "C5'" 1 
ATOM 83  C "C4'" . DG A 1 5  ? 5.95826   -2.73709  0.04064   1.000 40.76286 ? 5  DG A "C4'" 1 
ATOM 84  O "O4'" . DG A 1 5  ? 5.86926   -2.46345  1.44222   1.000 37.40650 ? 5  DG A "O4'" 1 
ATOM 85  C "C3'" . DG A 1 5  ? 7.06502   -1.79423  -0.37803  1.000 42.70067 ? 5  DG A "C3'" 1 
ATOM 86  O "O3'" . DG A 1 5  ? 6.61853   -0.44213  -0.12047  1.000 53.18383 ? 5  DG A "O3'" 1 
ATOM 87  C "C2'" . DG A 1 5  ? 8.06448   -2.15548  0.69207   1.000 35.09142 ? 5  DG A "C2'" 1 
ATOM 88  C "C1'" . DG A 1 5  ? 7.12682   -1.93373  1.86017   1.000 39.10905 ? 5  DG A "C1'" 1 
ATOM 89  N N9    . DG A 1 5  ? 7.47131   -2.58370  3.08776   1.000 39.79804 ? 5  DG A N9    1 
ATOM 90  C C8    . DG A 1 5  ? 8.63160   -3.22751  3.43834   1.000 43.47441 ? 5  DG A C8    1 
ATOM 91  N N7    . DG A 1 5  ? 8.58788   -3.72696  4.64259   1.000 38.57084 ? 5  DG A N7    1 
ATOM 92  C C5    . DG A 1 5  ? 7.31646   -3.37933  5.08573   1.000 36.00764 ? 5  DG A C5    1 
ATOM 93  C C6    . DG A 1 5  ? 6.67265   -3.63604  6.30495   1.000 33.74122 ? 5  DG A C6    1 
ATOM 94  O O6    . DG A 1 5  ? 7.10859   -4.24352  7.28053   1.000 33.97646 ? 5  DG A O6    1 
ATOM 95  N N1    . DG A 1 5  ? 5.38800   -3.09794  6.33138   1.000 33.30582 ? 5  DG A N1    1 
ATOM 96  C C2    . DG A 1 5  ? 4.80995   -2.40000  5.28964   1.000 36.43308 ? 5  DG A C2    1 
ATOM 97  N N2    . DG A 1 5  ? 3.55812   -1.94220  5.47084   1.000 37.47814 ? 5  DG A N2    1 
ATOM 98  N N3    . DG A 1 5  ? 5.41259   -2.16249  4.15972   1.000 36.62203 ? 5  DG A N3    1 
ATOM 99  C C4    . DG A 1 5  ? 6.64603   -2.67677  4.13183   1.000 36.30300 ? 5  DG A C4    1 
ATOM 100 P P     . DG A 1 6  ? 5.99246   0.53634   -1.24358  1.000 55.95532 ? 6  DG A P     1 
ATOM 101 O OP1   . DG A 1 6  ? 5.33279   -0.26459  -2.31057  1.000 46.63440 ? 6  DG A OP1   1 
ATOM 102 O OP2   . DG A 1 6  ? 7.05093   1.53765   -1.54656  1.000 37.08433 ? 6  DG A OP2   1 
ATOM 103 O "O5'" . DG A 1 6  ? 4.84731   1.33140   -0.43857  1.000 47.14553 ? 6  DG A "O5'" 1 
ATOM 104 C "C5'" . DG A 1 6  ? 3.93353   0.61413   0.41623   1.000 38.34476 ? 6  DG A "C5'" 1 
ATOM 105 C "C4'" . DG A 1 6  ? 3.34644   1.52137   1.50444   1.000 40.87506 ? 6  DG A "C4'" 1 
ATOM 106 O "O4'" . DG A 1 6  ? 3.88777   1.14912   2.79445   1.000 47.37927 ? 6  DG A "O4'" 1 
ATOM 107 C "C3'" . DG A 1 6  ? 3.66771   3.00547   1.39674   1.000 42.75918 ? 6  DG A "C3'" 1 
ATOM 108 O "O3'" . DG A 1 6  ? 2.75243   3.72362   2.22042   1.000 39.33447 ? 6  DG A "O3'" 1 
ATOM 109 C "C2'" . DG A 1 6  ? 5.06102   3.04766   1.99722   1.000 40.24448 ? 6  DG A "C2'" 1 
ATOM 110 C "C1'" . DG A 1 6  ? 4.84544   2.13428   3.20251   1.000 44.39896 ? 6  DG A "C1'" 1 
ATOM 111 N N9    . DG A 1 6  ? 6.06544   1.46211   3.67248   1.000 41.89090 ? 6  DG A N9    1 
ATOM 112 C C8    . DG A 1 6  ? 7.19983   1.19755   2.95216   1.000 41.40238 ? 6  DG A C8    1 
ATOM 113 N N7    . DG A 1 6  ? 8.12086   0.58260   3.63750   1.000 35.91162 ? 6  DG A N7    1 
ATOM 114 C C5    . DG A 1 6  ? 7.56317   0.43040   4.87937   1.000 35.91189 ? 6  DG A C5    1 
ATOM 115 C C6    . DG A 1 6  ? 8.09543   -0.16015  6.02595   1.000 38.40140 ? 6  DG A C6    1 
ATOM 116 O O6    . DG A 1 6  ? 9.21700   -0.67853  6.16978   1.000 36.08289 ? 6  DG A O6    1 
ATOM 117 N N1    . DG A 1 6  ? 7.19177   -0.10376  7.08895   1.000 38.57986 ? 6  DG A N1    1 
ATOM 118 C C2    . DG A 1 6  ? 5.93256   0.46621   7.02777   1.000 33.83415 ? 6  DG A C2    1 
ATOM 119 N N2    . DG A 1 6  ? 5.20135   0.43533   8.15083   1.000 33.01954 ? 6  DG A N2    1 
ATOM 120 N N3    . DG A 1 6  ? 5.43125   1.01902   5.94986   1.000 32.20333 ? 6  DG A N3    1 
ATOM 121 C C4    . DG A 1 6  ? 6.29587   0.97030   4.92386   1.000 36.16758 ? 6  DG A C4    1 
ATOM 122 P P     . DT A 1 7  ? 2.67866   5.33538   2.17868   1.000 54.94861 ? 7  DT A P     1 
ATOM 123 O OP1   . DT A 1 7  ? 1.25134   5.65016   1.82980   1.000 38.87668 ? 7  DT A OP1   1 
ATOM 124 O OP2   . DT A 1 7  ? 3.80081   5.90901   1.34962   1.000 40.61207 ? 7  DT A OP2   1 
ATOM 125 O "O5'" . DT A 1 7  ? 2.97549   5.74101   3.69808   1.000 37.77345 ? 7  DT A "O5'" 1 
ATOM 126 C "C5'" . DT A 1 7  ? 2.92422   4.76002   4.71477   1.000 35.52774 ? 7  DT A "C5'" 1 
ATOM 127 C "C4'" . DT A 1 7  ? 3.06974   5.43113   6.05771   1.000 37.82500 ? 7  DT A "C4'" 1 
ATOM 128 O "O4'" . DT A 1 7  ? 4.07118   4.74054   6.84658   1.000 38.61163 ? 7  DT A "O4'" 1 
ATOM 129 C "C3'" . DT A 1 7  ? 3.54290   6.86350   5.96179   1.000 40.78616 ? 7  DT A "C3'" 1 
ATOM 130 O "O3'" . DT A 1 7  ? 2.98690   7.65696   7.00062   1.000 43.11551 ? 7  DT A "O3'" 1 
ATOM 131 C "C2'" . DT A 1 7  ? 5.05561   6.73844   6.07615   1.000 39.74863 ? 7  DT A "C2'" 1 
ATOM 132 C "C1'" . DT A 1 7  ? 5.19368   5.56988   7.03998   1.000 38.77893 ? 7  DT A "C1'" 1 
ATOM 133 N N1    . DT A 1 7  ? 6.40859   4.77280   6.81676   1.000 35.90534 ? 7  DT A N1    1 
ATOM 134 C C2    . DT A 1 7  ? 6.85705   3.95882   7.81616   1.000 36.57860 ? 7  DT A C2    1 
ATOM 135 O O2    . DT A 1 7  ? 6.29137   3.85119   8.88308   1.000 37.09921 ? 7  DT A O2    1 
ATOM 136 N N3    . DT A 1 7  ? 7.99357   3.26032   7.51914   1.000 37.60713 ? 7  DT A N3    1 
ATOM 137 C C4    . DT A 1 7  ? 8.71594   3.30762   6.33918   1.000 37.47500 ? 7  DT A C4    1 
ATOM 138 O O4    . DT A 1 7  ? 9.74093   2.65299   6.15567   1.000 35.17734 ? 7  DT A O4    1 
ATOM 139 C C5    . DT A 1 7  ? 8.18516   4.18436   5.33707   1.000 37.39537 ? 7  DT A C5    1 
ATOM 140 C C7    . DT A 1 7  ? 8.88442   4.31052   4.02495   1.000 42.98726 ? 7  DT A C7    1 
ATOM 141 C C6    . DT A 1 7  ? 7.06702   4.86693   5.61614   1.000 33.97517 ? 7  DT A C6    1 
ATOM 142 P P     . DG A 1 8  ? 2.65092   9.18046   6.64983   1.000 51.23861 ? 8  DG A P     1 
ATOM 143 O OP1   . DG A 1 8  ? 3.90329   9.61170   5.97363   1.000 37.16947 ? 8  DG A OP1   1 
ATOM 144 O OP2   . DG A 1 8  ? 2.09706   9.97838   7.76609   1.000 42.34076 ? 8  DG A OP2   1 
ATOM 145 O "O5'" . DG A 1 8  ? 1.49139   9.02579   5.57672   1.000 42.73051 ? 8  DG A "O5'" 1 
ATOM 146 C "C5'" . DG A 1 8  ? 1.71776   9.47519   4.26995   1.000 44.09075 ? 8  DG A "C5'" 1 
ATOM 147 C "C4'" . DG A 1 8  ? 0.46021   10.06414  3.69627   1.000 41.23176 ? 8  DG A "C4'" 1 
ATOM 148 O "O4'" . DG A 1 8  ? 0.74130   10.67025  2.40073   1.000 29.60175 ? 8  DG A "O4'" 1 
ATOM 149 C "C3'" . DG A 1 8  ? -0.63832  9.02603   3.45445   1.000 37.93432 ? 8  DG A "C3'" 1 
ATOM 150 O "O3'" . DG A 1 8  ? -1.86542  9.50834   3.88442   1.000 31.95915 ? 8  DG A "O3'" 1 
ATOM 151 C "C2'" . DG A 1 8  ? -0.62478  8.89216   1.95245   1.000 41.79068 ? 8  DG A "C2'" 1 
ATOM 152 C "C1'" . DG A 1 8  ? -0.29672  10.31297  1.56985   1.000 30.70891 ? 8  DG A "C1'" 1 
ATOM 153 N N9    . DG A 1 8  ? 0.07682   10.42947  0.19140   1.000 34.30246 ? 8  DG A N9    1 
ATOM 154 C C8    . DG A 1 8  ? 1.11263   9.82294   -0.48007  1.000 36.53357 ? 8  DG A C8    1 
ATOM 155 N N7    . DG A 1 8  ? 1.12249   10.09018  -1.75597  1.000 33.03833 ? 8  DG A N7    1 
ATOM 156 C C5    . DG A 1 8  ? -0.00196  10.89526  -1.92280  1.000 34.98135 ? 8  DG A C5    1 
ATOM 157 C C6    . DG A 1 8  ? -0.53680  11.49736  -3.07945  1.000 34.93889 ? 8  DG A C6    1 
ATOM 158 O O6    . DG A 1 8  ? -0.09708  11.45311  -4.23031  1.000 37.15549 ? 8  DG A O6    1 
ATOM 159 N N1    . DG A 1 8  ? -1.70830  12.23056  -2.79789  1.000 36.40542 ? 8  DG A N1    1 
ATOM 160 C C2    . DG A 1 8  ? -2.27544  12.35985  -1.53869  1.000 39.06279 ? 8  DG A C2    1 
ATOM 161 N N2    . DG A 1 8  ? -3.39987  13.10315  -1.42736  1.000 35.98416 ? 8  DG A N2    1 
ATOM 162 N N3    . DG A 1 8  ? -1.77370  11.79368  -0.46242  1.000 43.61447 ? 8  DG A N3    1 
ATOM 163 C C4    . DG A 1 8  ? -0.64428  11.08249  -0.73367  1.000 38.75122 ? 8  DG A C4    1 
ATOM 164 P P     . DG A 1 9  ? -3.04053  8.48075   4.23969   1.000 39.39805 ? 9  DG A P     1 
ATOM 165 O OP1   . DG A 1 9  ? -3.00086  8.52438   5.71184   1.000 50.25924 ? 9  DG A OP1   1 
ATOM 166 O OP2   . DG A 1 9  ? -3.03710  7.18612   3.48865   1.000 32.02113 ? 9  DG A OP2   1 
ATOM 167 O "O5'" . DG A 1 9  ? -4.34530  9.23849   3.76659   1.000 38.78187 ? 9  DG A "O5'" 1 
ATOM 168 C "C5'" . DG A 1 9  ? -4.21864  10.40563  2.99056   1.000 41.56886 ? 9  DG A "C5'" 1 
ATOM 169 C "C4'" . DG A 1 9  ? -5.14874  10.35877  1.79095   1.000 40.02608 ? 9  DG A "C4'" 1 
ATOM 170 O "O4'" . DG A 1 9  ? -4.35353  10.33320  0.56650   1.000 37.30218 ? 9  DG A "O4'" 1 
ATOM 171 C "C3'" . DG A 1 9  ? -6.02889  9.10332   1.70571   1.000 37.39574 ? 9  DG A "C3'" 1 
ATOM 172 O "O3'" . DG A 1 9  ? -7.16929  9.38784   0.89783   1.000 30.41436 ? 9  DG A "O3'" 1 
ATOM 173 C "C2'" . DG A 1 9  ? -5.09006  8.18080   0.95876   1.000 40.56164 ? 9  DG A "C2'" 1 
ATOM 174 C "C1'" . DG A 1 9  ? -4.70558  9.16076   -0.12502  1.000 39.04572 ? 9  DG A "C1'" 1 
ATOM 175 N N9    . DG A 1 9  ? -3.65322  8.73076   -1.02218  1.000 35.40434 ? 9  DG A N9    1 
ATOM 176 C C8    . DG A 1 9  ? -2.50983  7.99949   -0.73515  1.000 36.39172 ? 9  DG A C8    1 
ATOM 177 N N7    . DG A 1 9  ? -1.77446  7.75528   -1.79026  1.000 35.65708 ? 9  DG A N7    1 
ATOM 178 C C5    . DG A 1 9  ? -2.49389  8.35059   -2.83044  1.000 34.90029 ? 9  DG A C5    1 
ATOM 179 C C6    . DG A 1 9  ? -2.20924  8.41333   -4.20992  1.000 30.57117 ? 9  DG A C6    1 
ATOM 180 O O6    . DG A 1 9  ? -1.22744  7.95606   -4.79954  1.000 26.37546 ? 9  DG A O6    1 
ATOM 181 N N1    . DG A 1 9  ? -3.20762  9.11039   -4.91623  1.000 34.40438 ? 9  DG A N1    1 
ATOM 182 C C2    . DG A 1 9  ? -4.34211  9.68833   -4.33537  1.000 37.16958 ? 9  DG A C2    1 
ATOM 183 N N2    . DG A 1 9  ? -5.18924  10.32703  -5.16695  1.000 39.77924 ? 9  DG A N2    1 
ATOM 184 N N3    . DG A 1 9  ? -4.61608  9.63751   -3.03456  1.000 29.99199 ? 9  DG A N3    1 
ATOM 185 C C4    . DG A 1 9  ? -3.65171  8.94886   -2.35684  1.000 34.51545 ? 9  DG A C4    1 
ATOM 186 P P     . DT A 1 10 ? -8.54152  8.59182   1.08463   1.000 33.93521 ? 10 DT A P     1 
ATOM 187 O OP1   . DT A 1 10 ? -9.25568  9.58921   1.93121   1.000 31.63936 ? 10 DT A OP1   1 
ATOM 188 O OP2   . DT A 1 10 ? -8.37732  7.16461   1.45652   1.000 31.52232 ? 10 DT A OP2   1 
ATOM 189 O "O5'" . DT A 1 10 ? -9.12863  8.46492   -0.39996  1.000 36.69138 ? 10 DT A "O5'" 1 
ATOM 190 C "C5'" . DT A 1 10 ? -8.91262  9.52608   -1.30663  1.000 41.61745 ? 10 DT A "C5'" 1 
ATOM 191 C "C4'" . DT A 1 10 ? -9.09255  9.08950   -2.75160  1.000 38.57931 ? 10 DT A "C4'" 1 
ATOM 192 O "O4'" . DT A 1 10 ? -7.79461  8.69418   -3.30912  1.000 33.91581 ? 10 DT A "O4'" 1 
ATOM 193 C "C3'" . DT A 1 10 ? -10.03518 7.90151   -2.96426  1.000 40.55377 ? 10 DT A "C3'" 1 
ATOM 194 O "O3'" . DT A 1 10 ? -10.69990 8.01685   -4.31598  1.000 43.71141 ? 10 DT A "O3'" 1 
ATOM 195 C "C2'" . DT A 1 10 ? -9.02635  6.74753   -2.89122  1.000 39.60748 ? 10 DT A "C2'" 1 
ATOM 196 C "C1'" . DT A 1 10 ? -7.88371  7.35394   -3.72576  1.000 39.04755 ? 10 DT A "C1'" 1 
ATOM 197 N N1    . DT A 1 10 ? -6.52381  6.66784   -3.60631  1.000 31.96002 ? 10 DT A N1    1 
ATOM 198 C C2    . DT A 1 10 ? -5.78432  6.43572   -4.74977  1.000 29.30504 ? 10 DT A C2    1 
ATOM 199 O O2    . DT A 1 10 ? -6.15035  6.74762   -5.85912  1.000 31.50641 ? 10 DT A O2    1 
ATOM 200 N N3    . DT A 1 10 ? -4.59433  5.82872   -4.54798  1.000 28.85417 ? 10 DT A N3    1 
ATOM 201 C C4    . DT A 1 10 ? -4.06202  5.42210   -3.35048  1.000 30.53023 ? 10 DT A C4    1 
ATOM 202 O O4    . DT A 1 10 ? -2.97248  4.86881   -3.27047  1.000 31.97836 ? 10 DT A O4    1 
ATOM 203 C C5    . DT A 1 10 ? -4.86897  5.68273   -2.19538  1.000 34.21225 ? 10 DT A C5    1 
ATOM 204 C C7    . DT A 1 10 ? -4.37214  5.27403   -0.83405  1.000 40.05479 ? 10 DT A C7    1 
ATOM 205 C C6    . DT A 1 10 ? -6.05862  6.28530   -2.37551  1.000 33.85463 ? 10 DT A C6    1 
ATOM 206 P P     . DT A 1 11 ? -12.28756 7.72331   -4.57759  1.000 58.27810 ? 11 DT A P     1 
ATOM 207 O OP1   . DT A 1 11 ? -13.07534 8.98701   -4.51300  1.000 46.77582 ? 11 DT A OP1   1 
ATOM 208 O OP2   . DT A 1 11 ? -12.71060 6.48133   -3.87078  1.000 48.58117 ? 11 DT A OP2   1 
ATOM 209 O "O5'" . DT A 1 11 ? -12.34470 7.37941   -6.12302  1.000 38.39207 ? 11 DT A "O5'" 1 
ATOM 210 C "C5'" . DT A 1 11 ? -11.61773 8.18485   -6.99288  1.000 38.83227 ? 11 DT A "C5'" 1 
ATOM 211 C "C4'" . DT A 1 11 ? -10.79035 7.35557   -7.95528  1.000 39.27065 ? 11 DT A "C4'" 1 
ATOM 212 O "O4'" . DT A 1 11 ? -9.65430  6.72101   -7.29424  1.000 33.54762 ? 11 DT A "O4'" 1 
ATOM 213 C "C3'" . DT A 1 11 ? -11.54361 6.23662   -8.68680  1.000 38.23465 ? 11 DT A "C3'" 1 
ATOM 214 O "O3'" . DT A 1 11 ? -11.22754 6.35995   -10.04526 1.000 39.20692 ? 11 DT A "O3'" 1 
ATOM 215 C "C2'" . DT A 1 11 ? -10.92824 4.96644   -8.08904  1.000 37.54719 ? 11 DT A "C2'" 1 
ATOM 216 C "C1'" . DT A 1 11 ? -9.49987  5.44409   -7.87445  1.000 35.41997 ? 11 DT A "C1'" 1 
ATOM 217 N N1    . DT A 1 11 ? -8.64242  4.59677   -6.97842  1.000 34.16577 ? 11 DT A N1    1 
ATOM 218 C C2    . DT A 1 11 ? -7.39010  4.22982   -7.41429  1.000 35.67392 ? 11 DT A C2    1 
ATOM 219 O O2    . DT A 1 11 ? -6.95507  4.51766   -8.51463  1.000 36.58854 ? 11 DT A O2    1 
ATOM 220 N N3    . DT A 1 11 ? -6.66145  3.49841   -6.51623  1.000 35.58290 ? 11 DT A N3    1 
ATOM 221 C C4    . DT A 1 11 ? -7.04457  3.11692   -5.24237  1.000 33.68966 ? 11 DT A C4    1 
ATOM 222 O O4    . DT A 1 11 ? -6.31473  2.45978   -4.51016  1.000 31.31562 ? 11 DT A O4    1 
ATOM 223 C C5    . DT A 1 11 ? -8.36560  3.53787   -4.83868  1.000 31.97718 ? 11 DT A C5    1 
ATOM 224 C C7    . DT A 1 11 ? -8.88986  3.17638   -3.47582  1.000 29.39733 ? 11 DT A C7    1 
ATOM 225 C C6    . DT A 1 11 ? -9.09105  4.25390   -5.71620  1.000 35.23387 ? 11 DT A C6    1 
ATOM 226 P P     . DC A 1 12 ? -12.21408 5.86535   -11.20486 1.000 44.40284 ? 12 DC A P     1 
ATOM 227 O OP1   . DC A 1 12 ? -12.43557 7.09569   -12.02521 1.000 36.69371 ? 12 DC A OP1   1 
ATOM 228 O OP2   . DC A 1 12 ? -13.33095 5.07004   -10.61632 1.000 30.56944 ? 12 DC A OP2   1 
ATOM 229 O "O5'" . DC A 1 12 ? -11.25644 4.91917   -12.06795 1.000 40.20077 ? 12 DC A "O5'" 1 
ATOM 230 C "C5'" . DC A 1 12 ? -9.81798  5.01323   -11.89852 1.000 39.08816 ? 12 DC A "C5'" 1 
ATOM 231 C "C4'" . DC A 1 12 ? -9.17087  3.80406   -12.50183 1.000 36.73517 ? 12 DC A "C4'" 1 
ATOM 232 O "O4'" . DC A 1 12 ? -8.50253  3.02192   -11.47231 1.000 37.38408 ? 12 DC A "O4'" 1 
ATOM 233 C "C3'" . DC A 1 12 ? -10.18705 2.89071   -13.13695 1.000 43.43031 ? 12 DC A "C3'" 1 
ATOM 234 O "O3'" . DC A 1 12 ? -9.69874  2.41325   -14.31525 1.000 49.30106 ? 12 DC A "O3'" 1 
ATOM 235 C "C2'" . DC A 1 12 ? -10.40653 1.78492   -12.10280 1.000 41.43714 ? 12 DC A "C2'" 1 
ATOM 236 C "C1'" . DC A 1 12 ? -9.06932  1.72067   -11.38216 1.000 40.42421 ? 12 DC A "C1'" 1 
ATOM 237 N N1    . DC A 1 12 ? -9.21716  1.38045   -9.93689  1.000 36.91379 ? 12 DC A N1    1 
ATOM 238 C C2    . DC A 1 12 ? -8.09052  1.08295   -9.16574  1.000 39.17919 ? 12 DC A C2    1 
ATOM 239 O O2    . DC A 1 12 ? -6.97939  1.07735   -9.71374  1.000 42.17877 ? 12 DC A O2    1 
ATOM 240 N N3    . DC A 1 12 ? -8.24855  0.80361   -7.83560  1.000 34.90126 ? 12 DC A N3    1 
ATOM 241 C C4    . DC A 1 12 ? -9.47130  0.81644   -7.29793  1.000 34.07949 ? 12 DC A C4    1 
ATOM 242 N N4    . DC A 1 12 ? -9.60850  0.53652   -5.98580  1.000 31.10168 ? 12 DC A N4    1 
ATOM 243 C C5    . DC A 1 12 ? -10.61703 1.11797   -8.08301  1.000 39.66993 ? 12 DC A C5    1 
ATOM 244 C C6    . DC A 1 12 ? -10.44446 1.39299   -9.37772  1.000 35.45452 ? 12 DC A C6    1 
ATOM 245 P P     . DG A 1 13 ? -10.64712 2.40491   -15.60751 1.000 51.19663 ? 13 DG A P     1 
ATOM 246 O OP1   . DG A 1 13 ? -10.84076 3.81353   -16.00833 1.000 42.53084 ? 13 DG A OP1   1 
ATOM 247 O OP2   . DG A 1 13 ? -11.85568 1.60125   -15.28615 1.000 40.74938 ? 13 DG A OP2   1 
ATOM 248 O "O5'" . DG A 1 13 ? -9.72778  1.63060   -16.67630 1.000 53.61407 ? 13 DG A "O5'" 1 
ATOM 249 C "C5'" . DG A 1 13 ? -8.29870  1.82524   -16.62920 1.000 49.28946 ? 13 DG A "C5'" 1 
ATOM 250 C "C4'" . DG A 1 13 ? -7.53655  0.51176   -16.42689 1.000 44.60581 ? 13 DG A "C4'" 1 
ATOM 251 O "O4'" . DG A 1 13 ? -7.47722  0.13629   -15.02755 1.000 41.97565 ? 13 DG A "O4'" 1 
ATOM 252 C "C3'" . DG A 1 13 ? -8.07141  -0.70315  -17.16767 1.000 44.50957 ? 13 DG A "C3'" 1 
ATOM 253 O "O3'" . DG A 1 13 ? -6.97807  -1.35829  -17.69733 1.000 47.08142 ? 13 DG A "O3'" 1 
ATOM 254 C "C2'" . DG A 1 13 ? -8.71272  -1.53020  -16.05543 1.000 44.79769 ? 13 DG A "C2'" 1 
ATOM 255 C "C1'" . DG A 1 13 ? -7.76437  -1.24086  -14.90575 1.000 45.16141 ? 13 DG A "C1'" 1 
ATOM 256 N N9    . DG A 1 13 ? -8.36281  -1.44989  -13.59204 1.000 45.70751 ? 13 DG A N9    1 
ATOM 257 C C8    . DG A 1 13 ? -9.61038  -1.04147  -13.20030 1.000 49.88500 ? 13 DG A C8    1 
ATOM 258 N N7    . DG A 1 13 ? -9.89556  -1.33074  -11.95864 1.000 50.03629 ? 13 DG A N7    1 
ATOM 259 C C5    . DG A 1 13 ? -8.76455  -1.97426  -11.49554 1.000 42.39943 ? 13 DG A C5    1 
ATOM 260 C C6    . DG A 1 13 ? -8.50847  -2.51325  -10.22718 1.000 37.49812 ? 13 DG A C6    1 
ATOM 261 O O6    . DG A 1 13 ? -9.25857  -2.51398  -9.24309  1.000 33.53052 ? 13 DG A O6    1 
ATOM 262 N N1    . DG A 1 13 ? -7.24010  -3.08822  -10.15605 1.000 38.32785 ? 13 DG A N1    1 
ATOM 263 C C2    . DG A 1 13 ? -6.33536  -3.14012  -11.20657 1.000 42.87630 ? 13 DG A C2    1 
ATOM 264 N N2    . DG A 1 13 ? -5.13998  -3.75693  -10.95804 1.000 40.05245 ? 13 DG A N2    1 
ATOM 265 N N3    . DG A 1 13 ? -6.57542  -2.61560  -12.41360 1.000 40.82723 ? 13 DG A N3    1 
ATOM 266 C C4    . DG A 1 13 ? -7.80122  -2.05777  -12.48418 1.000 39.95796 ? 13 DG A C4    1 
ATOM 267 P P     . DA A 1 14 ? -7.14092  -2.62741  -18.65679 1.000 47.42092 ? 14 DA A P     1 
ATOM 268 O OP1   . DA A 1 14 ? -6.28158  -2.24327  -19.79329 1.000 54.59630 ? 14 DA A OP1   1 
ATOM 269 O OP2   . DA A 1 14 ? -8.54839  -3.04220  -18.88304 1.000 44.52842 ? 14 DA A OP2   1 
ATOM 270 O "O5'" . DA A 1 14 ? -6.37693  -3.78323  -17.85874 1.000 51.55501 ? 14 DA A "O5'" 1 
ATOM 271 C "C5'" . DA A 1 14 ? -4.94371  -3.77848  -17.80318 1.000 47.93717 ? 14 DA A "C5'" 1 
ATOM 272 C "C4'" . DA A 1 14 ? -4.41476  -5.03599  -17.12365 1.000 48.98215 ? 14 DA A "C4'" 1 
ATOM 273 O "O4'" . DA A 1 14 ? -4.94245  -5.14220  -15.76541 1.000 46.64751 ? 14 DA A "O4'" 1 
ATOM 274 C "C3'" . DA A 1 14 ? -4.79165  -6.33650  -17.79862 1.000 48.75595 ? 14 DA A "C3'" 1 
ATOM 275 O "O3'" . DA A 1 14 ? -3.78119  -7.30040  -17.54542 1.000 55.55641 ? 14 DA A "O3'" 1 
ATOM 276 C "C2'" . DA A 1 14 ? -6.09341  -6.70395  -17.08789 1.000 52.90146 ? 14 DA A "C2'" 1 
ATOM 277 C "C1'" . DA A 1 14 ? -5.78383  -6.28267  -15.65292 1.000 47.60121 ? 14 DA A "C1'" 1 
ATOM 278 N N9    . DA A 1 14 ? -6.97484  -5.90093  -14.88300 1.000 46.91891 ? 14 DA A N9    1 
ATOM 279 C C8    . DA A 1 14 ? -8.12905  -5.35840  -15.38124 1.000 44.01836 ? 14 DA A C8    1 
ATOM 280 N N7    . DA A 1 14 ? -9.03079  -5.09916  -14.46143 1.000 48.86773 ? 14 DA A N7    1 
ATOM 281 C C5    . DA A 1 14 ? -8.43220  -5.48932  -13.26694 1.000 43.44627 ? 14 DA A C5    1 
ATOM 282 C C6    . DA A 1 14 ? -8.87439  -5.46628  -11.92023 1.000 35.07377 ? 14 DA A C6    1 
ATOM 283 N N6    . DA A 1 14 ? -10.07370 -5.01407  -11.53740 1.000 30.95132 ? 14 DA A N6    1 
ATOM 284 N N1    . DA A 1 14 ? -8.02667  -5.93253  -10.98049 1.000 36.40490 ? 14 DA A N1    1 
ATOM 285 C C2    . DA A 1 14 ? -6.81547  -6.39098  -11.35408 1.000 37.02298 ? 14 DA A C2    1 
ATOM 286 N N3    . DA A 1 14 ? -6.29155  -6.46552  -12.57884 1.000 41.86894 ? 14 DA A N3    1 
ATOM 287 C C4    . DA A 1 14 ? -7.16046  -5.99234  -13.50455 1.000 44.88103 ? 14 DA A C4    1 
ATOM 288 O "O5'" . DG B 2 1  ? 17.10681  -2.03738  11.72315  1.000 38.15696 ? 1  DG B "O5'" 1 
ATOM 289 C "C5'" . DG B 2 1  ? 17.91690  -0.85891  11.91972  1.000 53.55837 ? 1  DG B "C5'" 1 
ATOM 290 C "C4'" . DG B 2 1  ? 17.49122  -0.11989  13.18257  1.000 53.12085 ? 1  DG B "C4'" 1 
ATOM 291 O "O4'" . DG B 2 1  ? 17.50880  1.32222   12.97730  1.000 50.52246 ? 1  DG B "O4'" 1 
ATOM 292 C "C3'" . DG B 2 1  ? 16.09349  -0.45975  13.62964  1.000 50.85151 ? 1  DG B "C3'" 1 
ATOM 293 O "O3'" . DG B 2 1  ? 16.18363  -1.37897  14.68801  1.000 57.51789 ? 1  DG B "O3'" 1 
ATOM 294 C "C2'" . DG B 2 1  ? 15.50663  0.89249   14.05731  1.000 46.27452 ? 1  DG B "C2'" 1 
ATOM 295 C "C1'" . DG B 2 1  ? 16.20568  1.84305   13.12703  1.000 45.66609 ? 1  DG B "C1'" 1 
ATOM 296 N N9    . DG B 2 1  ? 15.60186  1.97996   11.78005  1.000 46.08406 ? 1  DG B N9    1 
ATOM 297 C C8    . DG B 2 1  ? 16.21113  1.66884   10.58016  1.000 47.73691 ? 1  DG B C8    1 
ATOM 298 N N7    . DG B 2 1  ? 15.48205  1.92636   9.53380   1.000 43.62094 ? 1  DG B N7    1 
ATOM 299 C C5    . DG B 2 1  ? 14.31198  2.45758   10.05340  1.000 39.79913 ? 1  DG B C5    1 
ATOM 300 C C6    . DG B 2 1  ? 13.16212  2.93100   9.37959   1.000 38.87800 ? 1  DG B C6    1 
ATOM 301 O O6    . DG B 2 1  ? 12.94690  2.96264   8.16554   1.000 40.72201 ? 1  DG B O6    1 
ATOM 302 N N1    . DG B 2 1  ? 12.20040  3.39951   10.25746  1.000 38.90011 ? 1  DG B N1    1 
ATOM 303 C C2    . DG B 2 1  ? 12.33021  3.41621   11.61889  1.000 43.69884 ? 1  DG B C2    1 
ATOM 304 N N2    . DG B 2 1  ? 11.28088  3.91060   12.29992  1.000 43.98960 ? 1  DG B N2    1 
ATOM 305 N N3    . DG B 2 1  ? 13.41734  2.98132   12.27753  1.000 43.51055 ? 1  DG B N3    1 
ATOM 306 C C4    . DG B 2 1  ? 14.36344  2.51059   11.43174  1.000 40.35758 ? 1  DG B C4    1 
ATOM 307 P P     . DA B 2 2  ? 14.84712  -1.96845  15.34056  1.000 77.33903 ? 2  DA B P     1 
ATOM 308 O OP1   . DA B 2 2  ? 15.21516  -2.93183  16.43257  1.000 58.03305 ? 2  DA B OP1   1 
ATOM 309 O OP2   . DA B 2 2  ? 14.04733  -2.46985  14.17512  1.000 52.63113 ? 2  DA B OP2   1 
ATOM 310 O "O5'" . DA B 2 2  ? 14.22352  -0.62670  15.98709  1.000 62.67900 ? 2  DA B "O5'" 1 
ATOM 311 C "C5'" . DA B 2 2  ? 13.32471  -0.66304  17.04188  1.000 62.04261 ? 2  DA B "C5'" 1 
ATOM 312 C "C4'" . DA B 2 2  ? 11.96015  -0.34190  16.52174  1.000 51.77508 ? 2  DA B "C4'" 1 
ATOM 313 O "O4'" . DA B 2 2  ? 12.07077  0.19595   15.16285  1.000 48.09335 ? 2  DA B "O4'" 1 
ATOM 314 C "C3'" . DA B 2 2  ? 11.05578  -1.55777  16.40863  1.000 47.36953 ? 2  DA B "C3'" 1 
ATOM 315 O "O3'" . DA B 2 2  ? 9.81776   -1.23796  16.88310  1.000 41.19181 ? 2  DA B "O3'" 1 
ATOM 316 C "C2'" . DA B 2 2  ? 11.00070  -1.81082  14.90511  1.000 51.87962 ? 2  DA B "C2'" 1 
ATOM 317 C "C1'" . DA B 2 2  ? 11.04598  -0.38629  14.40200  1.000 46.23911 ? 2  DA B "C1'" 1 
ATOM 318 N N9    . DA B 2 2  ? 11.32136  -0.27327  12.96783  1.000 42.01016 ? 2  DA B N9    1 
ATOM 319 C C8    . DA B 2 2  ? 12.28709  -0.92332  12.24476  1.000 43.61638 ? 2  DA B C8    1 
ATOM 320 N N7    . DA B 2 2  ? 12.26412  -0.64335  10.95598  1.000 38.07068 ? 2  DA B N7    1 
ATOM 321 C C5    . DA B 2 2  ? 11.20736  0.23559   10.82620  1.000 36.79743 ? 2  DA B C5    1 
ATOM 322 C C6    . DA B 2 2  ? 10.65649  0.90085   9.71506   1.000 35.13390 ? 2  DA B C6    1 
ATOM 323 N N6    . DA B 2 2  ? 11.12694  0.77334   8.48138   1.000 34.16677 ? 2  DA B N6    1 
ATOM 324 N N1    . DA B 2 2  ? 9.59923   1.71832   9.92803   1.000 38.43807 ? 2  DA B N1    1 
ATOM 325 C C2    . DA B 2 2  ? 9.12149   1.84734   11.17400  1.000 41.74757 ? 2  DA B C2    1 
ATOM 326 N N3    . DA B 2 2  ? 9.55458   1.26830   12.30252  1.000 45.11684 ? 2  DA B N3    1 
ATOM 327 C C4    . DA B 2 2  ? 10.60758  0.46584   12.05457  1.000 41.48379 ? 2  DA B C4    1 
ATOM 328 P P     . DC B 2 3  ? 8.75011   -2.40541  17.05950  1.000 54.86541 ? 3  DC B P     1 
ATOM 329 O OP1   . DC B 2 3  ? 9.30123   -3.24534  18.14645  1.000 65.86102 ? 3  DC B OP1   1 
ATOM 330 O OP2   . DC B 2 3  ? 8.41846   -3.05587  15.76637  1.000 46.49421 ? 3  DC B OP2   1 
ATOM 331 O "O5'" . DC B 2 3  ? 7.46010   -1.63754  17.60009  1.000 64.65174 ? 3  DC B "O5'" 1 
ATOM 332 C "C5'" . DC B 2 3  ? 7.17283   -0.33271  17.14263  1.000 57.19454 ? 3  DC B "C5'" 1 
ATOM 333 C "C4'" . DC B 2 3  ? 6.25960   -0.36866  15.92358  1.000 52.99654 ? 3  DC B "C4'" 1 
ATOM 334 O "O4'" . DC B 2 3  ? 7.03218   -0.44865  14.69469  1.000 46.93744 ? 3  DC B "O4'" 1 
ATOM 335 C "C3'" . DC B 2 3  ? 5.24117   -1.53187  15.85336  1.000 50.85351 ? 3  DC B "C3'" 1 
ATOM 336 O "O3'" . DC B 2 3  ? 3.93158   -0.96227  15.84888  1.000 51.93706 ? 3  DC B "O3'" 1 
ATOM 337 C "C2'" . DC B 2 3  ? 5.58488   -2.21676  14.50915  1.000 44.94183 ? 3  DC B "C2'" 1 
ATOM 338 C "C1'" . DC B 2 3  ? 6.19063   -1.04604  13.75151  1.000 45.17233 ? 3  DC B "C1'" 1 
ATOM 339 N N1    . DC B 2 3  ? 6.96945   -1.38337  12.51272  1.000 36.97841 ? 3  DC B N1    1 
ATOM 340 C C2    . DC B 2 3  ? 6.58049   -0.82458  11.27670  1.000 38.72578 ? 3  DC B C2    1 
ATOM 341 O O2    . DC B 2 3  ? 5.58755   -0.07138  11.22811  1.000 38.41983 ? 3  DC B O2    1 
ATOM 342 N N3    . DC B 2 3  ? 7.30096   -1.12314  10.16197  1.000 36.77750 ? 3  DC B N3    1 
ATOM 343 C C4    . DC B 2 3  ? 8.36175   -1.92684  10.24640  1.000 36.60700 ? 3  DC B C4    1 
ATOM 344 N N4    . DC B 2 3  ? 9.04251   -2.18848  9.11692   1.000 34.97103 ? 3  DC B N4    1 
ATOM 345 C C5    . DC B 2 3  ? 8.77149   -2.50110  11.49350  1.000 37.87975 ? 3  DC B C5    1 
ATOM 346 C C6    . DC B 2 3  ? 8.05485   -2.20005  12.58834  1.000 38.90103 ? 3  DC B C6    1 
ATOM 347 P P     . DC B 2 4  ? 2.60610   -1.83737  15.59675  1.000 63.28539 ? 4  DC B P     1 
ATOM 348 O OP1   . DC B 2 4  ? 1.93159   -1.92431  16.91005  1.000 65.99786 ? 4  DC B OP1   1 
ATOM 349 O OP2   . DC B 2 4  ? 2.88046   -3.08928  14.84193  1.000 52.84318 ? 4  DC B OP2   1 
ATOM 350 O "O5'" . DC B 2 4  ? 1.73091   -0.89469  14.64755  1.000 48.88802 ? 4  DC B "O5'" 1 
ATOM 351 C "C5'" . DC B 2 4  ? 2.27699   -0.46598  13.39762  1.000 49.07128 ? 4  DC B "C5'" 1 
ATOM 352 C "C4'" . DC B 2 4  ? 1.31762   -0.74508  12.24432  1.000 46.65747 ? 4  DC B "C4'" 1 
ATOM 353 O "O4'" . DC B 2 4  ? 2.05998   -1.12583  11.04779  1.000 44.70506 ? 4  DC B "O4'" 1 
ATOM 354 C "C3'" . DC B 2 4  ? 0.37706   -1.90574  12.45995  1.000 45.39694 ? 4  DC B "C3'" 1 
ATOM 355 O "O3'" . DC B 2 4  ? -0.60513  -1.81956  11.51710  1.000 43.54495 ? 4  DC B "O3'" 1 
ATOM 356 C "C2'" . DC B 2 4  ? 1.27815   -3.06737  12.11928  1.000 48.50381 ? 4  DC B "C2'" 1 
ATOM 357 C "C1'" . DC B 2 4  ? 1.89055   -2.52768  10.83162  1.000 45.64530 ? 4  DC B "C1'" 1 
ATOM 358 N N1    . DC B 2 4  ? 3.21520   -3.14885  10.49824  1.000 41.56849 ? 4  DC B N1    1 
ATOM 359 C C2    . DC B 2 4  ? 3.83987   -2.84383  9.28863   1.000 32.20998 ? 4  DC B C2    1 
ATOM 360 O O2    . DC B 2 4  ? 3.29066   -2.06309  8.51082   1.000 37.07341 ? 4  DC B O2    1 
ATOM 361 N N3    . DC B 2 4  ? 5.02210   -3.41291  9.00826   1.000 26.43046 ? 4  DC B N3    1 
ATOM 362 C C4    . DC B 2 4  ? 5.58032   -4.25346  9.88322   1.000 33.58440 ? 4  DC B C4    1 
ATOM 363 N N4    . DC B 2 4  ? 6.75419   -4.79869  9.56428   1.000 40.35644 ? 4  DC B N4    1 
ATOM 364 C C5    . DC B 2 4  ? 4.96515   -4.58058  11.11936  1.000 34.02016 ? 4  DC B C5    1 
ATOM 365 C C6    . DC B 2 4  ? 3.79135   -4.01565  11.38236  1.000 40.79837 ? 4  DC B C6    1 
ATOM 366 P P     . DA B 2 5  ? -2.13010  -1.87052  11.95876  1.000 46.57303 ? 5  DA B P     1 
ATOM 367 O OP1   . DA B 2 5  ? -2.18370  -1.29999  13.33104  1.000 36.50197 ? 5  DA B OP1   1 
ATOM 368 O OP2   . DA B 2 5  ? -2.56578  -3.26975  11.74411  1.000 46.12256 ? 5  DA B OP2   1 
ATOM 369 O "O5'" . DA B 2 5  ? -2.84179  -0.96464  10.83865  1.000 44.69594 ? 5  DA B "O5'" 1 
ATOM 370 C "C5'" . DA B 2 5  ? -2.02716  -0.28422  9.85434   1.000 48.06794 ? 5  DA B "C5'" 1 
ATOM 371 C "C4'" . DA B 2 5  ? -2.38976  -0.65867  8.40761   1.000 47.50138 ? 5  DA B "C4'" 1 
ATOM 372 O "O4'" . DA B 2 5  ? -1.42336  -1.58558  7.85574   1.000 51.77004 ? 5  DA B "O4'" 1 
ATOM 373 C "C3'" . DA B 2 5  ? -3.69737  -1.37212  8.19639   1.000 55.88287 ? 5  DA B "C3'" 1 
ATOM 374 O "O3'" . DA B 2 5  ? -3.99462  -1.28033  6.84484   1.000 59.43316 ? 5  DA B "O3'" 1 
ATOM 375 C "C2'" . DA B 2 5  ? -3.31657  -2.80273  8.52610   1.000 51.82561 ? 5  DA B "C2'" 1 
ATOM 376 C "C1'" . DA B 2 5  ? -2.02029  -2.88249  7.74468   1.000 52.93880 ? 5  DA B "C1'" 1 
ATOM 377 N N9    . DA B 2 5  ? -1.07217  -3.83593  8.27183   1.000 49.55810 ? 5  DA B N9    1 
ATOM 378 C C8    . DA B 2 5  ? -1.07937  -4.42401  9.50657   1.000 47.06879 ? 5  DA B C8    1 
ATOM 379 N N7    . DA B 2 5  ? -0.05683  -5.21283  9.71487   1.000 45.74253 ? 5  DA B N7    1 
ATOM 380 C C5    . DA B 2 5  ? 0.67048   -5.12247  8.53440   1.000 45.92900 ? 5  DA B C5    1 
ATOM 381 C C6    . DA B 2 5  ? 1.86968   -5.72216  8.10795   1.000 40.95788 ? 5  DA B C6    1 
ATOM 382 N N6    . DA B 2 5  ? 2.56704   -6.56526  8.86355   1.000 42.12946 ? 5  DA B N6    1 
ATOM 383 N N1    . DA B 2 5  ? 2.32055   -5.42197  6.86887   1.000 36.22393 ? 5  DA B N1    1 
ATOM 384 C C2    . DA B 2 5  ? 1.61021   -4.57149  6.11988   1.000 40.55209 ? 5  DA B C2    1 
ATOM 385 N N3    . DA B 2 5  ? 0.47538   -3.94372  6.41620   1.000 42.36904 ? 5  DA B N3    1 
ATOM 386 C C4    . DA B 2 5  ? 0.05631   -4.27177  7.64543   1.000 46.76416 ? 5  DA B C4    1 
ATOM 387 P P     . DG B 2 6  ? -5.50547  -1.46441  6.36809   1.000 84.93082 ? 6  DG B P     1 
ATOM 388 O OP1   . DG B 2 6  ? -6.08470  -0.09389  6.50149   1.000 68.72505 ? 6  DG B OP1   1 
ATOM 389 O OP2   . DG B 2 6  ? -6.07019  -2.60716  7.16045   1.000 70.18853 ? 6  DG B OP2   1 
ATOM 390 O "O5'" . DG B 2 6  ? -5.38299  -1.88051  4.80780   1.000 61.11802 ? 6  DG B "O5'" 1 
ATOM 391 C "C5'" . DG B 2 6  ? -4.13569  -1.85677  4.15410   1.000 46.21170 ? 6  DG B "C5'" 1 
ATOM 392 C "C4'" . DG B 2 6  ? -3.82201  -3.21230  3.54238   1.000 53.71958 ? 6  DG B "C4'" 1 
ATOM 393 O "O4'" . DG B 2 6  ? -3.01938  -4.01286  4.44823   1.000 57.67192 ? 6  DG B "O4'" 1 
ATOM 394 C "C3'" . DG B 2 6  ? -5.02381  -4.10445  3.19235   1.000 62.60292 ? 6  DG B "C3'" 1 
ATOM 395 O "O3'" . DG B 2 6  ? -4.74943  -4.73703  1.95589   1.000 70.61231 ? 6  DG B "O3'" 1 
ATOM 396 C "C2'" . DG B 2 6  ? -5.00650  -5.13423  4.31472   1.000 52.40122 ? 6  DG B "C2'" 1 
ATOM 397 C "C1'" . DG B 2 6  ? -3.51934  -5.33250  4.41534   1.000 55.09427 ? 6  DG B "C1'" 1 
ATOM 398 N N9    . DG B 2 6  ? -3.12710  -5.99497  5.62245   1.000 50.88451 ? 6  DG B N9    1 
ATOM 399 C C8    . DG B 2 6  ? -3.83781  -6.02382  6.78271   1.000 54.36036 ? 6  DG B C8    1 
ATOM 400 N N7    . DG B 2 6  ? -3.24651  -6.68095  7.73713   1.000 56.23088 ? 6  DG B N7    1 
ATOM 401 C C5    . DG B 2 6  ? -2.06325  -7.11292  7.17072   1.000 53.26711 ? 6  DG B C5    1 
ATOM 402 C C6    . DG B 2 6  ? -1.02766  -7.88068  7.73565   1.000 50.82304 ? 6  DG B C6    1 
ATOM 403 O O6    . DG B 2 6  ? -0.96600  -8.33654  8.89949   1.000 44.76361 ? 6  DG B O6    1 
ATOM 404 N N1    . DG B 2 6  ? 0.00249   -8.11485  6.81137   1.000 44.70845 ? 6  DG B N1    1 
ATOM 405 C C2    . DG B 2 6  ? 0.01303   -7.64822  5.51859   1.000 40.70928 ? 6  DG B C2    1 
ATOM 406 N N2    . DG B 2 6  ? 1.08131   -7.96740  4.79330   1.000 38.16464 ? 6  DG B N2    1 
ATOM 407 N N3    . DG B 2 6  ? -0.96491  -6.93157  4.97522   1.000 44.06973 ? 6  DG B N3    1 
ATOM 408 C C4    . DG B 2 6  ? -1.96523  -6.70046  5.85724   1.000 49.72335 ? 6  DG B C4    1 
ATOM 409 P P     . DC B 2 7  ? -5.72883  -5.85757  1.34827   1.000 74.99925 ? 7  DC B P     1 
ATOM 410 O OP1   . DC B 2 7  ? -7.03012  -5.16859  1.14053   1.000 66.10979 ? 7  DC B OP1   1 
ATOM 411 O OP2   . DC B 2 7  ? -5.72733  -7.08533  2.18293   1.000 62.12291 ? 7  DC B OP2   1 
ATOM 412 O "O5'" . DC B 2 7  ? -5.01360  -6.20907  -0.04985  1.000 65.72667 ? 7  DC B "O5'" 1 
ATOM 413 C "C5'" . DC B 2 7  ? -3.58399  -6.29640  -0.11954  1.000 60.48369 ? 7  DC B "C5'" 1 
ATOM 414 C "C4'" . DC B 2 7  ? -3.13693  -7.75337  -0.14052  1.000 63.05115 ? 7  DC B "C4'" 1 
ATOM 415 O "O4'" . DC B 2 7  ? -2.53103  -8.11774  1.13729   1.000 59.72695 ? 7  DC B "O4'" 1 
ATOM 416 C "C3'" . DC B 2 7  ? -4.26818  -8.78284  -0.37329  1.000 66.00703 ? 7  DC B "C3'" 1 
ATOM 417 O "O3'" . DC B 2 7  ? -3.96788  -9.74674  -1.45615  1.000 68.95585 ? 7  DC B "O3'" 1 
ATOM 418 C "C2'" . DC B 2 7  ? -4.38111  -9.49791  0.97371   1.000 62.69028 ? 7  DC B "C2'" 1 
ATOM 419 C "C1'" . DC B 2 7  ? -2.94056  -9.43474  1.43733   1.000 57.92372 ? 7  DC B "C1'" 1 
ATOM 420 N N1    . DC B 2 7  ? -2.76108  -9.70639  2.87011   1.000 50.23049 ? 7  DC B N1    1 
ATOM 421 C C2    . DC B 2 7  ? -1.48130  -9.87591  3.37336   1.000 51.66901 ? 7  DC B C2    1 
ATOM 422 O O2    . DC B 2 7  ? -0.51275  -9.78395  2.59169   1.000 51.69314 ? 7  DC B O2    1 
ATOM 423 N N3    . DC B 2 7  ? -1.33155  -10.13543 4.70502   1.000 47.54345 ? 7  DC B N3    1 
ATOM 424 C C4    . DC B 2 7  ? -2.40206  -10.23736 5.48591   1.000 40.90932 ? 7  DC B C4    1 
ATOM 425 N N4    . DC B 2 7  ? -2.21852  -10.50187 6.77213   1.000 35.15655 ? 7  DC B N4    1 
ATOM 426 C C5    . DC B 2 7  ? -3.70785  -10.07420 4.97723   1.000 45.30598 ? 7  DC B C5    1 
ATOM 427 C C6    . DC B 2 7  ? -3.84151  -9.81582  3.67679   1.000 48.51350 ? 7  DC B C6    1 
ATOM 428 P P     . DC B 2 8  ? -2.51615  -9.92266  -2.15199  1.000 66.27152 ? 8  DC B P     1 
ATOM 429 O OP1   . DC B 2 8  ? -2.70401  -11.10730 -3.02022  1.000 52.61672 ? 8  DC B OP1   1 
ATOM 430 O OP2   . DC B 2 8  ? -1.41241  -10.02636 -1.16426  1.000 57.66092 ? 8  DC B OP2   1 
ATOM 431 O "O5'" . DC B 2 8  ? -2.34040  -8.57986  -3.03846  1.000 54.32200 ? 8  DC B "O5'" 1 
ATOM 432 C "C5'" . DC B 2 8  ? -3.45302  -8.01790  -3.75588  1.000 56.08524 ? 8  DC B "C5'" 1 
ATOM 433 C "C4'" . DC B 2 8  ? -2.99371  -7.44924  -5.08454  1.000 54.31901 ? 8  DC B "C4'" 1 
ATOM 434 O "O4'" . DC B 2 8  ? -4.13194  -6.99981  -5.88157  1.000 50.73921 ? 8  DC B "O4'" 1 
ATOM 435 C "C3'" . DC B 2 8  ? -2.06847  -6.26376  -4.93932  1.000 56.59404 ? 8  DC B "C3'" 1 
ATOM 436 O "O3'" . DC B 2 8  ? -0.93536  -6.41789  -5.72698  1.000 52.41546 ? 8  DC B "O3'" 1 
ATOM 437 C "C2'" . DC B 2 8  ? -2.89031  -5.05740  -5.38069  1.000 61.46755 ? 8  DC B "C2'" 1 
ATOM 438 C "C1'" . DC B 2 8  ? -3.96256  -5.64777  -6.27620  1.000 48.87995 ? 8  DC B "C1'" 1 
ATOM 439 N N1    . DC B 2 8  ? -5.25892  -4.94037  -6.10322  1.000 44.62602 ? 8  DC B N1    1 
ATOM 440 C C2    . DC B 2 8  ? -5.93235  -4.46274  -7.21808  1.000 41.79096 ? 8  DC B C2    1 
ATOM 441 O O2    . DC B 2 8  ? -5.43301  -4.64732  -8.33581  1.000 44.72984 ? 8  DC B O2    1 
ATOM 442 N N3    . DC B 2 8  ? -7.12501  -3.82382  -7.04417  1.000 39.93600 ? 8  DC B N3    1 
ATOM 443 C C4    . DC B 2 8  ? -7.61716  -3.64825  -5.80388  1.000 41.39966 ? 8  DC B C4    1 
ATOM 444 N N4    . DC B 2 8  ? -8.79053  -3.00479  -5.66879  1.000 34.55338 ? 8  DC B N4    1 
ATOM 445 C C5    . DC B 2 8  ? -6.92193  -4.11791  -4.64939  1.000 41.89945 ? 8  DC B C5    1 
ATOM 446 C C6    . DC B 2 8  ? -5.76107  -4.74744  -4.84363  1.000 45.44534 ? 8  DC B C6    1 
ATOM 447 P P     . DG B 2 9  ? 0.42454   -5.80998  -5.15550  1.000 51.27784 ? 9  DG B P     1 
ATOM 448 O OP1   . DG B 2 9  ? 1.08750   -6.96780  -4.52497  1.000 52.04161 ? 9  DG B OP1   1 
ATOM 449 O OP2   . DG B 2 9  ? 0.07934   -4.60706  -4.33028  1.000 35.76975 ? 9  DG B OP2   1 
ATOM 450 O "O5'" . DG B 2 9  ? 1.25994   -5.40771  -6.46794  1.000 54.93165 ? 9  DG B "O5'" 1 
ATOM 451 C "C5'" . DG B 2 9  ? 0.71316   -5.61614  -7.75205  1.000 46.19321 ? 9  DG B "C5'" 1 
ATOM 452 C "C4'" . DG B 2 9  ? 0.52473   -4.28587  -8.47154  1.000 44.40153 ? 9  DG B "C4'" 1 
ATOM 453 O "O4'" . DG B 2 9  ? -0.80527  -3.73536  -8.21065  1.000 47.47111 ? 9  DG B "O4'" 1 
ATOM 454 C "C3'" . DG B 2 9  ? 1.49656   -3.16413  -8.10079  1.000 36.69807 ? 9  DG B "C3'" 1 
ATOM 455 O "O3'" . DG B 2 9  ? 1.69796   -2.41079  -9.24548  1.000 32.02015 ? 9  DG B "O3'" 1 
ATOM 456 C "C2'" . DG B 2 9  ? 0.66860   -2.35167  -7.10184  1.000 44.45655 ? 9  DG B "C2'" 1 
ATOM 457 C "C1'" . DG B 2 9  ? -0.65567  -2.37588  -7.84584  1.000 44.06419 ? 9  DG B "C1'" 1 
ATOM 458 N N9    . DG B 2 9  ? -1.85184  -1.92890  -7.09524  1.000 45.69765 ? 9  DG B N9    1 
ATOM 459 C C8    . DG B 2 9  ? -2.04540  -1.88183  -5.72504  1.000 43.07211 ? 9  DG B C8    1 
ATOM 460 N N7    . DG B 2 9  ? -3.23761  -1.45991  -5.38002  1.000 35.51424 ? 9  DG B N7    1 
ATOM 461 C C5    . DG B 2 9  ? -3.86188  -1.20648  -6.59494  1.000 39.02695 ? 9  DG B C5    1 
ATOM 462 C C6    . DG B 2 9  ? -5.15640  -0.71924  -6.86958  1.000 35.46330 ? 9  DG B C6    1 
ATOM 463 O O6    . DG B 2 9  ? -6.04044  -0.40986  -6.07646  1.000 35.47495 ? 9  DG B O6    1 
ATOM 464 N N1    . DG B 2 9  ? -5.38489  -0.60462  -8.22586  1.000 31.73256 ? 9  DG B N1    1 
ATOM 465 C C2    . DG B 2 9  ? -4.47626  -0.92087  -9.20315  1.000 38.44274 ? 9  DG B C2    1 
ATOM 466 N N2    . DG B 2 9  ? -4.87702  -0.73144  -10.46716 1.000 44.35214 ? 9  DG B N2    1 
ATOM 467 N N3    . DG B 2 9  ? -3.26332  -1.38438  -8.96850  1.000 37.99171 ? 9  DG B N3    1 
ATOM 468 C C4    . DG B 2 9  ? -3.02338  -1.49245  -7.64907  1.000 40.43934 ? 9  DG B C4    1 
ATOM 469 P P     . DA B 2 10 ? 3.11995   -1.76470  -9.60180  1.000 40.22218 ? 10 DA B P     1 
ATOM 470 O OP1   . DA B 2 10 ? 3.90080   -2.87568  -10.18342 1.000 43.92918 ? 10 DA B OP1   1 
ATOM 471 O OP2   . DA B 2 10 ? 3.71636   -1.06859  -8.44019  1.000 29.08941 ? 10 DA B OP2   1 
ATOM 472 O "O5'" . DA B 2 10 ? 2.71919   -0.71511  -10.76111 1.000 37.92439 ? 10 DA B "O5'" 1 
ATOM 473 C "C5'" . DA B 2 10 ? 1.69998   -1.10351  -11.74803 1.000 37.94199 ? 10 DA B "C5'" 1 
ATOM 474 C "C4'" . DA B 2 10 ? 0.97638   0.10232   -12.35365 1.000 37.64107 ? 10 DA B "C4'" 1 
ATOM 475 O "O4'" . DA B 2 10 ? -0.27788  0.36808   -11.64753 1.000 38.81615 ? 10 DA B "O4'" 1 
ATOM 476 C "C3'" . DA B 2 10 ? 1.73616   1.42501   -12.30504 1.000 38.11339 ? 10 DA B "C3'" 1 
ATOM 477 O "O3'" . DA B 2 10 ? 1.20971   2.26912   -13.30685 1.000 39.52069 ? 10 DA B "O3'" 1 
ATOM 478 C "C2'" . DA B 2 10 ? 1.34084   1.93661   -10.93466 1.000 36.79313 ? 10 DA B "C2'" 1 
ATOM 479 C "C1'" . DA B 2 10 ? -0.15206  1.60646   -10.93734 1.000 38.42661 ? 10 DA B "C1'" 1 
ATOM 480 N N9    . DA B 2 10 ? -0.72302  1.50953   -9.57520  1.000 37.80540 ? 10 DA B N9    1 
ATOM 481 C C8    . DA B 2 10 ? -0.11644  1.00223   -8.45325  1.000 36.69460 ? 10 DA B C8    1 
ATOM 482 N N7    . DA B 2 10 ? -0.85363  1.06795   -7.37428  1.000 33.82408 ? 10 DA B N7    1 
ATOM 483 C C5    . DA B 2 10 ? -2.01294  1.68219   -7.80761  1.000 34.58766 ? 10 DA B C5    1 
ATOM 484 C C6    . DA B 2 10 ? -3.19458  2.05223   -7.13887  1.000 36.05021 ? 10 DA B C6    1 
ATOM 485 N N6    . DA B 2 10 ? -3.38954  1.84214   -5.83695  1.000 38.98119 ? 10 DA B N6    1 
ATOM 486 N N1    . DA B 2 10 ? -4.16818  2.65928   -7.85713  1.000 35.06339 ? 10 DA B N1    1 
ATOM 487 C C2    . DA B 2 10 ? -3.96218  2.87529   -9.16096  1.000 37.23929 ? 10 DA B C2    1 
ATOM 488 N N3    . DA B 2 10 ? -2.89399  2.56657   -9.90107  1.000 38.90575 ? 10 DA B N3    1 
ATOM 489 C C4    . DA B 2 10 ? -1.94646  1.97054   -9.15537  1.000 36.27775 ? 10 DA B C4    1 
ATOM 490 P P     . DA B 2 11 ? 2.04473   3.49545   -13.92934 1.000 42.04394 ? 11 DA B P     1 
ATOM 491 O OP1   . DA B 2 11 ? 2.43199   3.01660   -15.29213 1.000 40.48521 ? 11 DA B OP1   1 
ATOM 492 O OP2   . DA B 2 11 ? 3.07215   4.00028   -12.98573 1.000 32.23089 ? 11 DA B OP2   1 
ATOM 493 O "O5'" . DA B 2 11 ? 0.90129   4.61596   -14.11148 1.000 40.95029 ? 11 DA B "O5'" 1 
ATOM 494 C "C5'" . DA B 2 11 ? -0.38141  4.20259   -14.60343 1.000 32.50482 ? 11 DA B "C5'" 1 
ATOM 495 C "C4'" . DA B 2 11 ? -1.46506  5.15749   -14.17321 1.000 33.01024 ? 11 DA B "C4'" 1 
ATOM 496 O "O4'" . DA B 2 11 ? -1.89186  4.85965   -12.81240 1.000 33.24610 ? 11 DA B "O4'" 1 
ATOM 497 C "C3'" . DA B 2 11 ? -1.06337  6.61815   -14.17213 1.000 39.01651 ? 11 DA B "C3'" 1 
ATOM 498 O "O3'" . DA B 2 11 ? -2.21409  7.41241   -14.51324 1.000 45.92791 ? 11 DA B "O3'" 1 
ATOM 499 C "C2'" . DA B 2 11 ? -0.65055  6.81838   -12.72502 1.000 39.36712 ? 11 DA B "C2'" 1 
ATOM 500 C "C1'" . DA B 2 11 ? -1.71440  5.99510   -12.00573 1.000 36.41787 ? 11 DA B "C1'" 1 
ATOM 501 N N9    . DA B 2 11 ? -1.30869  5.58652   -10.63874 1.000 43.25196 ? 11 DA B N9    1 
ATOM 502 C C8    . DA B 2 11 ? -0.08880  5.07898   -10.26257 1.000 41.67389 ? 11 DA B C8    1 
ATOM 503 N N7    . DA B 2 11 ? 0.01481   4.82713   -8.96869  1.000 39.03787 ? 11 DA B N7    1 
ATOM 504 C C5    . DA B 2 11 ? -1.21055  5.20992   -8.45426  1.000 36.04427 ? 11 DA B C5    1 
ATOM 505 C C6    . DA B 2 11 ? -1.72437  5.18481   -7.15589  1.000 32.92139 ? 11 DA B C6    1 
ATOM 506 N N6    . DA B 2 11 ? -1.01870  4.74918   -6.10750  1.000 36.89969 ? 11 DA B N6    1 
ATOM 507 N N1    . DA B 2 11 ? -2.98444  5.61972   -6.96750  1.000 29.31763 ? 11 DA B N1    1 
ATOM 508 C C2    . DA B 2 11 ? -3.66537  6.05268   -8.01250  1.000 32.53151 ? 11 DA B C2    1 
ATOM 509 N N3    . DA B 2 11 ? -3.28764  6.13348   -9.28839  1.000 38.65687 ? 11 DA B N3    1 
ATOM 510 C C4    . DA B 2 11 ? -2.04033  5.68843   -9.44966  1.000 39.56464 ? 11 DA B C4    1 
ATOM 511 P P     . DC B 2 12 ? -2.08838  8.95926   -14.96117 1.000 51.53956 ? 12 DC B P     1 
ATOM 512 O OP1   . DC B 2 12 ? -1.98796  9.02247   -16.44299 1.000 44.30477 ? 12 DC B OP1   1 
ATOM 513 O OP2   . DC B 2 12 ? -1.12971  9.68305   -14.08939 1.000 47.17269 ? 12 DC B OP2   1 
ATOM 514 O "O5'" . DC B 2 12 ? -3.50630  9.54186   -14.55196 1.000 47.81473 ? 12 DC B "O5'" 1 
ATOM 515 C "C5'" . DC B 2 12 ? -4.40131  8.72721   -13.83433 1.000 40.91173 ? 12 DC B "C5'" 1 
ATOM 516 C "C4'" . DC B 2 12 ? -4.74659  9.37877   -12.52007 1.000 37.67767 ? 12 DC B "C4'" 1 
ATOM 517 O "O4'" . DC B 2 12 ? -3.96150  8.78653   -11.44215 1.000 43.71532 ? 12 DC B "O4'" 1 
ATOM 518 C "C3'" . DC B 2 12 ? -4.47866  10.88544  -12.45814 1.000 32.50628 ? 12 DC B "C3'" 1 
ATOM 519 O "O3'" . DC B 2 12 ? -5.60073  11.52800  -11.89065 1.000 34.03789 ? 12 DC B "O3'" 1 
ATOM 520 C "C2'" . DC B 2 12 ? -3.27334  10.97541  -11.52655 1.000 41.82603 ? 12 DC B "C2'" 1 
ATOM 521 C "C1'" . DC B 2 12 ? -3.58403  9.82561   -10.57527 1.000 44.89055 ? 12 DC B "C1'" 1 
ATOM 522 N N1    . DC B 2 12 ? -2.41703  9.39169   -9.71516  1.000 39.09756 ? 12 DC B N1    1 
ATOM 523 C C2    . DC B 2 12 ? -2.60901  9.07361   -8.35456  1.000 34.97816 ? 12 DC B C2    1 
ATOM 524 O O2    . DC B 2 12 ? -3.75085  9.12842   -7.86530  1.000 31.65460 ? 12 DC B O2    1 
ATOM 525 N N3    . DC B 2 12 ? -1.53003  8.70505   -7.61706  1.000 34.43016 ? 12 DC B N3    1 
ATOM 526 C C4    . DC B 2 12 ? -0.31028  8.66254   -8.18836  1.000 36.69802 ? 12 DC B C4    1 
ATOM 527 N N4    . DC B 2 12 ? 0.74928   8.30100   -7.43824  1.000 33.57941 ? 12 DC B N4    1 
ATOM 528 C C5    . DC B 2 12 ? -0.11379  8.99951   -9.55423  1.000 40.93702 ? 12 DC B C5    1 
ATOM 529 C C6    . DC B 2 12 ? -1.17767  9.35689   -10.26601 1.000 38.60581 ? 12 DC B C6    1 
ATOM 530 P P     . DC B 2 13 ? -5.71923  13.12808  -11.92631 1.000 42.81663 ? 13 DC B P     1 
ATOM 531 O OP1   . DC B 2 13 ? -6.13394  13.41441  -13.31997 1.000 43.35291 ? 13 DC B OP1   1 
ATOM 532 O OP2   . DC B 2 13 ? -4.52702  13.75143  -11.29420 1.000 38.37129 ? 13 DC B OP2   1 
ATOM 533 O "O5'" . DC B 2 13 ? -6.96375  13.48114  -10.97721 1.000 44.62704 ? 13 DC B "O5'" 1 
ATOM 534 C "C5'" . DC B 2 13 ? -7.40411  12.55353  -10.01362 1.000 46.16443 ? 13 DC B "C5'" 1 
ATOM 535 C "C4'" . DC B 2 13 ? -7.34620  13.13540  -8.60494  1.000 41.20698 ? 13 DC B "C4'" 1 
ATOM 536 O "O4'" . DC B 2 13 ? -6.26034  12.52902  -7.85314  1.000 39.28567 ? 13 DC B "O4'" 1 
ATOM 537 C "C3'" . DC B 2 13 ? -7.11400  14.64216  -8.48448  1.000 41.06530 ? 13 DC B "C3'" 1 
ATOM 538 O "O3'" . DC B 2 13 ? -7.76737  15.06850  -7.28145  1.000 47.18406 ? 13 DC B "O3'" 1 
ATOM 539 C "C2'" . DC B 2 13 ? -5.60853  14.68501  -8.31027  1.000 39.22910 ? 13 DC B "C2'" 1 
ATOM 540 C "C1'" . DC B 2 13 ? -5.50103  13.56628  -7.29800  1.000 40.43333 ? 13 DC B "C1'" 1 
ATOM 541 N N1    . DC B 2 13 ? -4.14261  13.09960  -7.05202  1.000 38.78978 ? 13 DC B N1    1 
ATOM 542 C C2    . DC B 2 13 ? -3.67994  13.06010  -5.74636  1.000 35.99775 ? 13 DC B C2    1 
ATOM 543 O O2    . DC B 2 13 ? -4.43704  13.41140  -4.83320  1.000 37.93757 ? 13 DC B O2    1 
ATOM 544 N N3    . DC B 2 13 ? -2.42296  12.65166  -5.51697  1.000 31.85539 ? 13 DC B N3    1 
ATOM 545 C C4    . DC B 2 13 ? -1.66228  12.27079  -6.53019  1.000 33.10336 ? 13 DC B C4    1 
ATOM 546 N N4    . DC B 2 13 ? -0.42904  11.85618  -6.25416  1.000 35.92571 ? 13 DC B N4    1 
ATOM 547 C C5    . DC B 2 13 ? -2.12257  12.28770  -7.87143  1.000 33.11641 ? 13 DC B C5    1 
ATOM 548 C C6    . DC B 2 13 ? -3.35644  12.71571  -8.08635  1.000 36.51663 ? 13 DC B C6    1 
ATOM 549 P P     . DT B 2 14 ? -7.85218  16.61349  -6.81763  1.000 47.06758 ? 14 DT B P     1 
ATOM 550 O OP1   . DT B 2 14 ? -9.00572  17.15853  -7.55156  1.000 44.93773 ? 14 DT B OP1   1 
ATOM 551 O OP2   . DT B 2 14 ? -6.55871  17.34382  -6.86481  1.000 42.69468 ? 14 DT B OP2   1 
ATOM 552 O "O5'" . DT B 2 14 ? -8.15882  16.45955  -5.26034  1.000 51.40202 ? 14 DT B "O5'" 1 
ATOM 553 C "C5'" . DT B 2 14 ? -7.31203  15.59029  -4.47187  1.000 51.62543 ? 14 DT B "C5'" 1 
ATOM 554 C "C4'" . DT B 2 14 ? -6.67349  16.34827  -3.31160  1.000 58.03840 ? 14 DT B "C4'" 1 
ATOM 555 O "O4'" . DT B 2 14 ? -5.33080  15.84905  -3.06360  1.000 47.59019 ? 14 DT B "O4'" 1 
ATOM 556 C "C3'" . DT B 2 14 ? -6.53830  17.86219  -3.51378  1.000 65.27498 ? 14 DT B "C3'" 1 
ATOM 557 O "O3'" . DT B 2 14 ? -6.88794  18.53020  -2.31027  1.000 60.99759 ? 14 DT B "O3'" 1 
ATOM 558 C "C2'" . DT B 2 14 ? -5.05467  18.05388  -3.86961  1.000 54.11898 ? 14 DT B "C2'" 1 
ATOM 559 C "C1'" . DT B 2 14 ? -4.39665  16.91642  -3.09371  1.000 49.13238 ? 14 DT B "C1'" 1 
ATOM 560 N N1    . DT B 2 14 ? -3.17175  16.40852  -3.73219  1.000 43.32067 ? 14 DT B N1    1 
ATOM 561 C C2    . DT B 2 14 ? -2.13247  15.99076  -2.94414  1.000 41.18940 ? 14 DT B C2    1 
ATOM 562 O O2    . DT B 2 14 ? -2.15931  16.03467  -1.71805  1.000 45.46715 ? 14 DT B O2    1 
ATOM 563 N N3    . DT B 2 14 ? -1.04967  15.52403  -3.63098  1.000 32.94887 ? 14 DT B N3    1 
ATOM 564 C C4    . DT B 2 14 ? -0.91054  15.41857  -4.98803  1.000 33.58860 ? 14 DT B C4    1 
ATOM 565 O O4    . DT B 2 14 ? 0.10819   14.97771  -5.49412  1.000 33.06376 ? 14 DT B O4    1 
ATOM 566 C C5    . DT B 2 14 ? -2.05031  15.87208  -5.76794  1.000 42.00350 ? 14 DT B C5    1 
ATOM 567 C C7    . DT B 2 14 ? -2.03362  15.82202  -7.27911  1.000 37.15750 ? 14 DT B C7    1 
ATOM 568 C C6    . DT B 2 14 ? -3.11115  16.33804  -5.10068  1.000 44.05140 ? 14 DT B C6    1 
# 
loop_
_atom_site_anisotrop.id 
_atom_site_anisotrop.type_symbol 
_atom_site_anisotrop.pdbx_label_atom_id 
_atom_site_anisotrop.pdbx_label_alt_id 
_atom_site_anisotrop.pdbx_label_comp_id 
_atom_site_anisotrop.pdbx_label_asym_id 
_atom_site_anisotrop.pdbx_label_seq_id 
_atom_site_anisotrop.pdbx_PDB_ins_code 
_atom_site_anisotrop.U[1][1] 
_atom_site_anisotrop.U[2][2] 
_atom_site_anisotrop.U[3][3] 
_atom_site_anisotrop.U[1][2] 
_atom_site_anisotrop.U[1][3] 
_atom_site_anisotrop.U[2][3] 
_atom_site_anisotrop.pdbx_auth_seq_id 
_atom_site_anisotrop.pdbx_auth_comp_id 
_atom_site_anisotrop.pdbx_auth_asym_id 
_atom_site_anisotrop.pdbx_auth_atom_id 
1   O "O5'" . DC A 1  ? 0.50456 0.42019 0.46451 -0.04296 0.08897  0.15565  1  DC A "O5'" 
2   C "C5'" . DC A 1  ? 0.52840 0.42782 0.49937 -0.04669 0.09730  0.16159  1  DC A "C5'" 
3   C "C4'" . DC A 1  ? 0.54957 0.44415 0.53142 -0.04156 0.08593  0.15999  1  DC A "C4'" 
4   O "O4'" . DC A 1  ? 0.52707 0.42581 0.53769 -0.04613 0.08532  0.14590  1  DC A "O4'" 
5   C "C3'" . DC A 1  ? 0.55382 0.45832 0.52649 -0.03275 0.07055  0.15758  1  DC A "C3'" 
6   O "O3'" . DC A 1  ? 0.51528 0.40892 0.48650 -0.02603 0.06348  0.16442  1  DC A "O3'" 
7   C "C2'" . DC A 1  ? 0.58504 0.50363 0.57687 -0.03447 0.06546  0.14097  1  DC A "C2'" 
8   C "C1'" . DC A 1  ? 0.53563 0.44650 0.55032 -0.04087 0.07205  0.13515  1  DC A "C1'" 
9   N N1    . DC A 1  ? 0.50911 0.43315 0.54250 -0.04581 0.07220  0.11970  1  DC A N1    
10  C C2    . DC A 1  ? 0.53304 0.45780 0.58493 -0.04453 0.06418  0.10709  1  DC A C2    
11  O O2    . DC A 1  ? 0.58116 0.49473 0.63344 -0.04001 0.05902  0.10900  1  DC A O2    
12  N N3    . DC A 1  ? 0.49360 0.43032 0.56190 -0.04767 0.06198  0.09274  1  DC A N3    
13  C C4    . DC A 1  ? 0.46520 0.41376 0.53370 -0.05231 0.06850  0.09075  1  DC A C4    
14  N N4    . DC A 1  ? 0.44300 0.40320 0.53030 -0.05495 0.06568  0.07619  1  DC A N4    
15  C C5    . DC A 1  ? 0.48906 0.43708 0.53741 -0.05369 0.07772  0.10321  1  DC A C5    
16  C C6    . DC A 1  ? 0.50302 0.43833 0.53319 -0.05001 0.07850  0.11740  1  DC A C6    
17  P P     . DG A 2  ? 0.55345 0.45471 0.52370 -0.01691 0.04929  0.16137  2  DG A P     
18  O OP1   . DG A 2  ? 0.82037 0.71318 0.77536 -0.01026 0.04506  0.17480  2  DG A OP1   
19  O OP2   . DG A 2  ? 0.48340 0.40261 0.45414 -0.01623 0.04369  0.15126  2  DG A OP2   
20  O "O5'" . DG A 2  ? 0.49784 0.39113 0.48597 -0.01554 0.04726  0.15544  2  DG A "O5'" 
21  C "C5'" . DG A 2  ? 0.51703 0.41514 0.52119 -0.01953 0.04770  0.14168  2  DG A "C5'" 
22  C "C4'" . DG A 2  ? 0.52638 0.42775 0.53496 -0.01259 0.03845  0.13341  2  DG A "C4'" 
23  O "O4'" . DG A 2  ? 0.54704 0.45694 0.56611 -0.01559 0.03673  0.11909  2  DG A "O4'" 
24  C "C3'" . DG A 2  ? 0.57473 0.48564 0.57313 -0.00578 0.03166  0.13635  2  DG A "C3'" 
25  O "O3'" . DG A 2  ? 0.59103 0.49804 0.59319 0.00169  0.02644  0.13307  2  DG A "O3'" 
26  C "C2'" . DG A 2  ? 0.55705 0.48363 0.55610 -0.00928 0.03081  0.12723  2  DG A "C2'" 
27  C "C1'" . DG A 2  ? 0.52051 0.44490 0.53359 -0.01304 0.03198  0.11523  2  DG A "C1'" 
28  N N9    . DG A 2  ? 0.49647 0.43212 0.51531 -0.01989 0.03526  0.10769  2  DG A N9    
29  C C8    . DG A 2  ? 0.52908 0.46975 0.54261 -0.02561 0.04254  0.11276  2  DG A C8    
30  N N7    . DG A 2  ? 0.51344 0.46477 0.53571 -0.03074 0.04503  0.10331  2  DG A N7    
31  C C5    . DG A 2  ? 0.49689 0.45038 0.53060 -0.02788 0.03738  0.09136  2  DG A C5    
32  C C6    . DG A 2  ? 0.52746 0.49072 0.57462 -0.03025 0.03477  0.07766  2  DG A C6    
33  O O6    . DG A 2  ? 0.54390 0.51737 0.59837 -0.03609 0.03985  0.07297  2  DG A O6    
34  N N1    . DG A 2  ? 0.53278 0.49216 0.58405 -0.02429 0.02528  0.06887  2  DG A N1    
35  C C2    . DG A 2  ? 0.53395 0.48125 0.57698 -0.01724 0.02090  0.07295  2  DG A C2    
36  N N2    . DG A 2  ? 0.53569 0.47831 0.57989 -0.01116 0.01275  0.06334  2  DG A N2    
37  N N3    . DG A 2  ? 0.52579 0.46507 0.55939 -0.01554 0.02433  0.08544  2  DG A N3    
38  C C4    . DG A 2  ? 0.48883 0.43193 0.51855 -0.02103 0.03172  0.09406  2  DG A C4    
39  P P     . DC A 3  ? 0.67064 0.58289 0.66848 0.00986  0.02086  0.13807  3  DC A P     
40  O OP1   . DC A 3  ? 0.49039 0.39020 0.48810 0.01422  0.02122  0.14838  3  DC A OP1   
41  O OP2   . DC A 3  ? 0.61273 0.54004 0.60472 0.00843  0.01812  0.13826  3  DC A OP2   
42  O "O5'" . DC A 3  ? 0.63981 0.55193 0.64260 0.01506  0.01850  0.12811  3  DC A "O5'" 
43  C "C5'" . DC A 3  ? 0.62307 0.52845 0.62955 0.01330  0.01939  0.11822  3  DC A "C5'" 
44  C "C4'" . DC A 3  ? 0.58922 0.50182 0.59491 0.01574  0.01597  0.10759  3  DC A "C4'" 
45  O "O4'" . DC A 3  ? 0.53019 0.45371 0.53893 0.00867  0.01546  0.10061  3  DC A "O4'" 
46  C "C3'" . DC A 3  ? 0.59494 0.51632 0.59808 0.02096  0.01418  0.11031  3  DC A "C3'" 
47  O "O3'" . DC A 3  ? 0.50146 0.41909 0.50216 0.02657  0.01297  0.10256  3  DC A "O3'" 
48  C "C2'" . DC A 3  ? 0.63348 0.57088 0.63644 0.01484  0.01287  0.10910  3  DC A "C2'" 
49  C "C1'" . DC A 3  ? 0.58788 0.52467 0.59398 0.01011  0.01293  0.09874  3  DC A "C1'" 
50  N N1    . DC A 3  ? 0.55986 0.50943 0.56852 0.00228  0.01412  0.09534  3  DC A N1    
51  C C2    . DC A 3  ? 0.52019 0.47754 0.53334 0.00096  0.01135  0.08385  3  DC A C2    
52  O O2    . DC A 3  ? 0.45046 0.40329 0.46265 0.00673  0.00724  0.07744  3  DC A O2    
53  N N3    . DC A 3  ? 0.50426 0.47288 0.52182 -0.00600 0.01363  0.08023  3  DC A N3    
54  C C4    . DC A 3  ? 0.47758 0.44845 0.49202 -0.01125 0.01930  0.08793  3  DC A C4    
55  N N4    . DC A 3  ? 0.42632 0.40733 0.44398 -0.01754 0.02318  0.08394  3  DC A N4    
56  C C5    . DC A 3  ? 0.52870 0.49036 0.53543 -0.00952 0.02147  0.10026  3  DC A C5    
57  C C6    . DC A 3  ? 0.54857 0.50048 0.55434 -0.00288 0.01832  0.10330  3  DC A C6    
58  P P     . DT A 4  ? 0.66274 0.58235 0.66316 0.03408  0.01397  0.10571  4  DT A P     
59  O OP1   . DT A 4  ? 0.74896 0.65471 0.74980 0.03965  0.01753  0.11134  4  DT A OP1   
60  O OP2   . DT A 4  ? 0.58928 0.52466 0.59450 0.03121  0.01207  0.11031  4  DT A OP2   
61  O "O5'" . DT A 4  ? 0.58898 0.50538 0.58291 0.03834  0.01289  0.09569  4  DT A "O5'" 
62  C "C5'" . DT A 4  ? 0.49360 0.41345 0.48594 0.03410  0.00869  0.08614  4  DT A "C5'" 
63  C "C4'" . DT A 4  ? 0.57938 0.50962 0.57104 0.03498  0.00648  0.08128  4  DT A "C4'" 
64  O "O4'" . DT A 4  ? 0.60459 0.55036 0.60283 0.02665  0.00395  0.07839  4  DT A "O4'" 
65  C "C3'" . DT A 4  ? 0.55379 0.48972 0.54827 0.03877  0.00945  0.08748  4  DT A "C3'" 
66  O "O3'" . DT A 4  ? 0.58225 0.52205 0.57432 0.04092  0.00775  0.08134  4  DT A "O3'" 
67  C "C2'" . DT A 4  ? 0.59057 0.54175 0.59297 0.03157  0.00794  0.09209  4  DT A "C2'" 
68  C "C1'" . DT A 4  ? 0.54141 0.49974 0.54333 0.02577  0.00460  0.08328  4  DT A "C1'" 
69  N N1    . DT A 4  ? 0.51479 0.48451 0.52015 0.01774  0.00436  0.08512  4  DT A N1    
70  C C2    . DT A 4  ? 0.50450 0.48179 0.51249 0.01223  0.00309  0.07713  4  DT A C2    
71  O O2    . DT A 4  ? 0.49714 0.47287 0.50604 0.01394  0.00035  0.06821  4  DT A O2    
72  N N3    . DT A 4  ? 0.42806 0.41395 0.43708 0.00531  0.00522  0.07985  4  DT A N3    
73  C C4    . DT A 4  ? 0.42306 0.40936 0.42781 0.00419  0.00700  0.08979  4  DT A C4    
74  O O4    . DT A 4  ? 0.45327 0.44500 0.45491 -0.00120 0.00945  0.09205  4  DT A O4    
75  C C5    . DT A 4  ? 0.48948 0.46827 0.49308 0.01047  0.00604  0.09737  4  DT A C5    
76  C C7    . DT A 4  ? 0.52900 0.50724 0.52898 0.01082  0.00572  0.10798  4  DT A C7    
77  C C6    . DT A 4  ? 0.51943 0.49088 0.52477 0.01657  0.00557  0.09461  4  DT A C6    
78  P P     . DG A 5  ? 0.61914 0.54331 0.59996 0.05088  0.01070  0.07908  5  DG A P     
79  O OP1   . DG A 5  ? 0.59962 0.50660 0.57060 0.05463  0.01106  0.07750  5  DG A OP1   
80  O OP2   . DG A 5  ? 0.58174 0.51005 0.57027 0.05391  0.01646  0.08610  5  DG A OP2   
81  O "O5'" . DG A 5  ? 0.63287 0.55927 0.60808 0.05132  0.00489  0.06903  5  DG A "O5'" 
82  C "C5'" . DG A 5  ? 0.64073 0.58153 0.62397 0.04318  -0.00103 0.06292  5  DG A "C5'" 
83  C "C4'" . DG A 5  ? 0.53712 0.48817 0.52351 0.04310  -0.00327 0.05870  5  DG A "C4'" 
84  O "O4'" . DG A 5  ? 0.48435 0.45400 0.48293 0.03473  -0.00366 0.06000  5  DG A "O4'" 
85  C "C3'" . DG A 5  ? 0.56345 0.51083 0.54816 0.04939  0.00204  0.06400  5  DG A "C3'" 
86  O "O3'" . DG A 5  ? 0.69120 0.64876 0.68078 0.04829  -0.00076 0.05921  5  DG A "O3'" 
87  C "C2'" . DG A 5  ? 0.45971 0.41731 0.45629 0.04482  0.00548  0.07222  5  DG A "C2'" 
88  C "C1'" . DG A 5  ? 0.50261 0.47703 0.50633 0.03613  0.00025  0.06739  5  DG A "C1'" 
89  N N9    . DG A 5  ? 0.50619 0.48993 0.51603 0.03008  0.00050  0.07273  5  DG A N9    
90  C C8    . DG A 5  ? 0.55236 0.53417 0.56530 0.03121  0.00312  0.08160  5  DG A C8    
91  N N7    . DG A 5  ? 0.48681 0.47695 0.50176 0.02551  0.00141  0.08474  5  DG A N7    
92  C C5    . DG A 5  ? 0.45217 0.45021 0.46574 0.01994  -0.00074 0.07747  5  DG A C5    
93  C C6    . DG A 5  ? 0.42071 0.42781 0.43349 0.01288  -0.00117 0.07713  5  DG A C6    
94  O O6    . DG A 5  ? 0.42401 0.43286 0.43408 0.01054  -0.00070 0.08387  5  DG A O6    
95  N N1    . DG A 5  ? 0.41249 0.42583 0.42716 0.00904  -0.00187 0.06795  5  DG A N1    
96  C C2    . DG A 5  ? 0.45223 0.46312 0.46893 0.01230  -0.00406 0.05998  5  DG A C2    
97  N N2    . DG A 5  ? 0.46143 0.47979 0.48278 0.00831  -0.00547 0.05099  5  DG A N2    
98  N N3    . DG A 5  ? 0.45894 0.45978 0.47275 0.01951  -0.00447 0.06087  5  DG A N3    
99  C C4    . DG A 5  ? 0.45729 0.45231 0.46975 0.02267  -0.00184 0.06978  5  DG A C4    
100 P P     . DG A 6  ? 0.73357 0.68056 0.71191 0.05578  -0.00357 0.05283  6  DG A P     
101 O OP1   . DG A 6  ? 0.62640 0.55644 0.58905 0.06125  -0.00764 0.04804  6  DG A OP1   
102 O OP2   . DG A 6  ? 0.49544 0.43866 0.47493 0.06083  0.00360  0.05880  6  DG A OP2   
103 O "O5'" . DG A 6  ? 0.61261 0.57695 0.60176 0.04932  -0.01056 0.04423  6  DG A "O5'" 
104 C "C5'" . DG A 6  ? 0.49444 0.47044 0.49205 0.04087  -0.01457 0.03951  6  DG A "C5'" 
105 C "C4'" . DG A 6  ? 0.51571 0.51093 0.52641 0.03415  -0.01661 0.03460  6  DG A "C4'" 
106 O "O4'" . DG A 6  ? 0.59165 0.59898 0.60957 0.02705  -0.01290 0.04017  6  DG A "O4'" 
107 C "C3'" . DG A 6  ? 0.53772 0.53603 0.55089 0.03771  -0.01640 0.03376  6  DG A "C3'" 
108 O "O3'" . DG A 6  ? 0.48546 0.49950 0.50957 0.03215  -0.01991 0.02598  6  DG A "O3'" 
109 C "C2'" . DG A 6  ? 0.50301 0.50520 0.52088 0.03654  -0.01048 0.04300  6  DG A "C2'" 
110 C "C1'" . DG A 6  ? 0.55025 0.56379 0.57292 0.02817  -0.01078 0.04399  6  DG A "C1'" 
111 N N9    . DG A 6  ? 0.51834 0.53132 0.54200 0.02757  -0.00708 0.05344  6  DG A N9    
112 C C8    . DG A 6  ? 0.51671 0.51825 0.53814 0.03349  -0.00291 0.06068  6  DG A C8    
113 N N7    . DG A 6  ? 0.44456 0.44934 0.47058 0.03169  -0.00136 0.06765  6  DG A N7    
114 C C5    . DG A 6  ? 0.43970 0.45727 0.46752 0.02460  -0.00477 0.06544  6  DG A C5    
115 C C6    . DG A 6  ? 0.46858 0.49266 0.49782 0.02098  -0.00581 0.07074  6  DG A C6    
116 O O6    . DG A 6  ? 0.43923 0.46026 0.47149 0.02335  -0.00515 0.07821  6  DG A O6    
117 N N1    . DG A 6  ? 0.46835 0.50267 0.49484 0.01462  -0.00775 0.06654  6  DG A N1    
118 C C2    . DG A 6  ? 0.40649 0.44580 0.43325 0.01169  -0.00821 0.05767  6  DG A C2    
119 N N2    . DG A 6  ? 0.39371 0.44243 0.41846 0.00564  -0.00792 0.05473  6  DG A N2    
120 N N3    . DG A 6  ? 0.38696 0.42139 0.41524 0.01511  -0.00877 0.05214  6  DG A N3    
121 C C4    . DG A 6  ? 0.44144 0.46441 0.46836 0.02169  -0.00722 0.05671  6  DG A C4    
122 P P     . DT A 7  ? 0.67976 0.69864 0.70939 0.03491  -0.02153 0.02180  7  DT A P     
123 O OP1   . DT A 7  ? 0.47491 0.49517 0.50705 0.03567  -0.02843 0.01104  7  DT A OP1   
124 O OP2   . DT A 7  ? 0.50459 0.51053 0.52795 0.04258  -0.01725 0.02883  7  DT A OP2   
125 O "O5'" . DT A 7  ? 0.45193 0.48968 0.49360 0.02706  -0.01951 0.02192  7  DT A "O5'" 
126 C "C5'" . DT A 7  ? 0.42051 0.46629 0.46310 0.02003  -0.01772 0.02404  7  DT A "C5'" 
127 C "C4'" . DT A 7  ? 0.44193 0.50343 0.49182 0.01475  -0.01730 0.02207  7  DT A "C4'" 
128 O "O4'" . DT A 7  ? 0.45232 0.51560 0.49914 0.01245  -0.01517 0.03015  7  DT A "O4'" 
129 C "C3'" . DT A 7  ? 0.47603 0.54055 0.53312 0.01806  -0.01866 0.01974  7  DT A "C3'" 
130 O "O3'" . DT A 7  ? 0.49833 0.57729 0.56258 0.01353  -0.02016 0.01215  7  DT A "O3'" 
131 C "C2'" . DT A 7  ? 0.46353 0.52500 0.52175 0.02004  -0.01651 0.02866  7  DT A "C2'" 
132 C "C1'" . DT A 7  ? 0.45156 0.51749 0.50438 0.01500  -0.01597 0.03279  7  DT A "C1'" 
133 N N1    . DT A 7  ? 0.41839 0.47654 0.46930 0.01766  -0.01409 0.04255  7  DT A N1    
134 C C2    . DT A 7  ? 0.42670 0.48896 0.47416 0.01441  -0.01484 0.04731  7  DT A C2    
135 O O2    . DT A 7  ? 0.43191 0.50267 0.47503 0.00953  -0.01602 0.04435  7  DT A O2    
136 N N3    . DT A 7  ? 0.44191 0.49673 0.49026 0.01767  -0.01358 0.05592  7  DT A N3    
137 C C4    . DT A 7  ? 0.44254 0.48638 0.49497 0.02354  -0.01000 0.06005  7  DT A C4    
138 O O4    . DT A 7  ? 0.41446 0.45250 0.46963 0.02631  -0.00808 0.06743  7  DT A O4    
139 C C5    . DT A 7  ? 0.44325 0.48176 0.49584 0.02686  -0.00820 0.05525  7  DT A C5    
140 C C7    . DT A 7  ? 0.51898 0.54279 0.57155 0.03408  -0.00253 0.05991  7  DT A C7    
141 C C6    . DT A 7  ? 0.39774 0.44357 0.44960 0.02395  -0.01114 0.04684  7  DT A C6    
142 P P     . DG A 8  ? 0.59730 0.67872 0.67082 0.01674  -0.02272 0.00476  8  DG A P     
143 O OP1   . DG A 8  ? 0.42170 0.49376 0.49681 0.02222  -0.02119 0.01176  8  DG A OP1   
144 O OP2   . DG A 8  ? 0.47710 0.57338 0.55828 0.01219  -0.02388 -0.00383 8  DG A OP2   
145 O "O5'" . DG A 8  ? 0.49312 0.56651 0.56393 0.02007  -0.02514 -0.00002 8  DG A "O5'" 
146 C "C5'" . DG A 8  ? 0.51674 0.57548 0.58304 0.02817  -0.02645 0.00215  8  DG A "C5'" 
147 C "C4'" . DG A 8  ? 0.48002 0.53745 0.54914 0.03130  -0.03196 -0.00712 8  DG A "C4'" 
148 O "O4'" . DG A 8  ? 0.34126 0.38146 0.40201 0.04089  -0.03335 -0.00425 8  DG A "O4'" 
149 C "C3'" . DG A 8  ? 0.43908 0.49576 0.50649 0.02961  -0.03539 -0.01195 8  DG A "C3'" 
150 O "O3'" . DG A 8  ? 0.35517 0.42351 0.43563 0.02664  -0.03889 -0.02292 8  DG A "O3'" 
151 C "C2'" . DG A 8  ? 0.49898 0.53574 0.55313 0.03921  -0.03946 -0.00991 8  DG A "C2'" 
152 C "C1'" . DG A 8  ? 0.35999 0.39218 0.41463 0.04515  -0.03983 -0.00971 8  DG A "C1'" 
153 N N9    . DG A 8  ? 0.41854 0.42866 0.45614 0.05564  -0.04068 -0.00468 8  DG A N9    
154 C C8    . DG A 8  ? 0.45689 0.45162 0.47960 0.05996  -0.03492 0.00536  8  DG A C8    
155 N N7    . DG A 8  ? 0.42545 0.39914 0.43072 0.07060  -0.03646 0.00744  8  DG A N7    
156 C C5    . DG A 8  ? 0.44794 0.42374 0.45746 0.07351  -0.04545 -0.00195 8  DG A C5    
157 C C6    . DG A 8  ? 0.45857 0.41597 0.45299 0.08495  -0.05227 -0.00449 8  DG A C6    
158 O O6    . DG A 8  ? 0.50249 0.43602 0.47322 0.09531  -0.05054 0.00167  8  DG A O6    
159 N N1    . DG A 8  ? 0.46900 0.43695 0.47729 0.08440  -0.06176 -0.01548 8  DG A N1    
160 C C2    . DG A 8  ? 0.48580 0.47905 0.51935 0.07369  -0.06246 -0.02304 8  DG A C2    
161 N N2    . DG A 8  ? 0.43994 0.44079 0.48650 0.07481  -0.07105 -0.03374 8  DG A N2    
162 N N3    . DG A 8  ? 0.53474 0.54357 0.57885 0.06330  -0.05508 -0.02027 8  DG A N3    
163 C C4    . DG A 8  ? 0.48081 0.47967 0.51190 0.06404  -0.04770 -0.00962 8  DG A C4    
164 P P     . DG A 9  ? 0.44419 0.51982 0.53294 0.02065  -0.03956 -0.02949 9  DG A P     
165 O OP1   . DG A 9  ? 0.57417 0.66571 0.66974 0.01203  -0.03253 -0.02996 9  DG A OP1   
166 O OP2   . DG A 9  ? 0.35770 0.42121 0.43776 0.02230  -0.04114 -0.02589 9  DG A OP2   
167 O "O5'" . DG A 9  ? 0.43111 0.50956 0.53288 0.02409  -0.04744 -0.04188 9  DG A "O5'" 
168 C "C5'" . DG A 9  ? 0.47028 0.54062 0.56853 0.03258  -0.05300 -0.04314 9  DG A "C5'" 
169 C "C4'" . DG A 9  ? 0.45464 0.51398 0.55218 0.04052  -0.06403 -0.05014 9  DG A "C4'" 
170 O "O4'" . DG A 9  ? 0.43509 0.47238 0.50984 0.05042  -0.06660 -0.04209 9  DG A "O4'" 
171 C "C3'" . DG A 9  ? 0.41805 0.47945 0.52336 0.03687  -0.06728 -0.05581 9  DG A "C3'" 
172 O "O3'" . DG A 9  ? 0.32799 0.38566 0.44195 0.04329  -0.07972 -0.06698 9  DG A "O3'" 
173 C "C2'" . DG A 9  ? 0.47121 0.51533 0.55462 0.04078  -0.06610 -0.04571 9  DG A "C2'" 
174 C "C1'" . DG A 9  ? 0.46281 0.49043 0.53032 0.05256  -0.07161 -0.04337 9  DG A "C1'" 
175 N N9    . DG A 9  ? 0.43163 0.43902 0.47456 0.05945  -0.06919 -0.03297 9  DG A N9    
176 C C8    . DG A 9  ? 0.44778 0.45279 0.48215 0.05584  -0.05947 -0.02215 9  DG A C8    
177 N N7    . DG A 9  ? 0.45263 0.43686 0.46531 0.06447  -0.05857 -0.01506 9  DG A N7    
178 C C5    . DG A 9  ? 0.45063 0.42154 0.45388 0.07475  -0.06877 -0.02134 9  DG A C5    
179 C C6    . DG A 9  ? 0.41349 0.35825 0.38981 0.08778  -0.07213 -0.01797 9  DG A C6    
180 O O6    . DG A 9  ? 0.37229 0.30083 0.32903 0.09241  -0.06503 -0.00860 9  DG A O6    
181 N N1    . DG A 9  ? 0.46597 0.40291 0.43833 0.09650  -0.08492 -0.02685 9  DG A N1    
182 C C2    . DG A 9  ? 0.48720 0.44163 0.48345 0.09243  -0.09309 -0.03813 9  DG A C2    
183 N N2    . DG A 9  ? 0.52601 0.46946 0.51595 0.10293  -0.10642 -0.04585 9  DG A N2    
184 N N3    . DG A 9  ? 0.37886 0.35860 0.40211 0.07969  -0.08825 -0.04157 9  DG A N3    
185 C C4    . DG A 9  ? 0.43422 0.41989 0.45732 0.07170  -0.07621 -0.03251 9  DG A C4    
186 P P     . DT A 10 ? 0.36098 0.42902 0.49938 0.03811  -0.08447 -0.07922 10 DT A P     
187 O OP1   . DT A 10 ? 0.31850 0.40439 0.47926 0.03403  -0.08219 -0.08747 10 DT A OP1   
188 O OP2   . DT A 10 ? 0.32984 0.39901 0.46885 0.03045  -0.07766 -0.07512 10 DT A OP2   
189 O "O5'" . DT A 10 ? 0.40394 0.45469 0.53548 0.04997  -0.10147 -0.08613 10 DT A "O5'" 
190 C "C5'" . DT A 10 ? 0.47669 0.51310 0.59148 0.06207  -0.10984 -0.08517 10 DT A "C5'" 
191 C "C4'" . DT A 10 ? 0.45223 0.46594 0.54766 0.07431  -0.12409 -0.08763 10 DT A "C4'" 
192 O "O4'" . DT A 10 ? 0.41026 0.40509 0.47331 0.07876  -0.11751 -0.07395 10 DT A "O4'" 
193 C "C3'" . DT A 10 ? 0.47098 0.48727 0.58261 0.07176  -0.13283 -0.09823 10 DT A "C3'" 
194 O "O3'" . DT A 10 ? 0.52051 0.51862 0.62172 0.08599  -0.15313 -0.10744 10 DT A "O3'" 
195 C "C2'" . DT A 10 ? 0.46716 0.47612 0.56162 0.06728  -0.12237 -0.08698 10 DT A "C2'" 
196 C "C1'" . DT A 10 ? 0.47936 0.46672 0.53756 0.07827  -0.12085 -0.07542 10 DT A "C1'" 
197 N N1    . DT A 10 ? 0.39873 0.37842 0.43718 0.07539  -0.10733 -0.06099 10 DT A N1    
198 C C2    . DT A 10 ? 0.38416 0.33868 0.39062 0.08636  -0.10907 -0.05432 10 DT A C2    
199 O O2    . DT A 10 ? 0.42382 0.36022 0.41307 0.09880  -0.12107 -0.05891 10 DT A O2    
200 N N3    . DT A 10 ? 0.38392 0.33418 0.37823 0.08301  -0.09619 -0.04213 10 DT A N3    
201 C C4    . DT A 10 ? 0.39451 0.36197 0.40353 0.07065  -0.08370 -0.03587 10 DT A C4    
202 O O4    . DT A 10 ? 0.41846 0.38035 0.41623 0.06921  -0.07390 -0.02523 10 DT A O4    
203 C C5    . DT A 10 ? 0.42354 0.41502 0.46135 0.06021  -0.08283 -0.04281 10 DT A C5    
204 C C7    . DT A 10 ? 0.48764 0.49633 0.53793 0.04773  -0.06999 -0.03647 10 DT A C7    
205 C C6    . DT A 10 ? 0.41256 0.40933 0.46443 0.06276  -0.09373 -0.05503 10 DT A C6    
206 P P     . DT A 11 ? 0.69166 0.69778 0.82485 0.08730  -0.17099 -0.12690 11 DT A P     
207 O OP1   . DT A 11 ? 0.53957 0.55105 0.68664 0.09080  -0.17574 -0.13413 11 DT A OP1   
208 O OP2   . DT A 11 ? 0.55470 0.57573 0.71543 0.07431  -0.16458 -0.13140 11 DT A OP2   
209 O "O5'" . DT A 11 ? 0.45910 0.43677 0.56286 0.10310  -0.18935 -0.13048 11 DT A "O5'" 
210 C "C5'" . DT A 11 ? 0.48558 0.43997 0.54990 0.11636  -0.19169 -0.12168 11 DT A "C5'" 
211 C "C4'" . DT A 11 ? 0.51239 0.44120 0.53851 0.12484  -0.19326 -0.11442 11 DT A "C4'" 
212 O "O4'" . DT A 11 ? 0.44051 0.37385 0.46030 0.11436  -0.17252 -0.10063 11 DT A "O4'" 
213 C "C3'" . DT A 11 ? 0.50174 0.42072 0.53028 0.12797  -0.20764 -0.12695 11 DT A "C3'" 
214 O "O3'" . DT A 11 ? 0.53972 0.42597 0.52400 0.14251  -0.21449 -0.12506 11 DT A "O3'" 
215 C "C2'" . DT A 11 ? 0.48803 0.41522 0.52338 0.11672  -0.19549 -0.12094 11 DT A "C2'" 
216 C "C1'" . DT A 11 ? 0.47275 0.39306 0.47998 0.11626  -0.17628 -0.10192 11 DT A "C1'" 
217 N N1    . DT A 11 ? 0.45121 0.38229 0.46464 0.10288  -0.15705 -0.09123 11 DT A N1    
218 C C2    . DT A 11 ? 0.48698 0.40025 0.46821 0.10696  -0.14698 -0.07806 11 DT A C2    
219 O O2    . DT A 11 ? 0.51844 0.40663 0.46512 0.12079  -0.15153 -0.07456 11 DT A O2    
220 N N3    . DT A 11 ? 0.47893 0.40372 0.46933 0.09483  -0.13089 -0.06896 11 DT A N3    
221 C C4    . DT A 11 ? 0.43540 0.38539 0.45927 0.07975  -0.12340 -0.07083 11 DT A C4    
222 O O4    . DT A 11 ? 0.40228 0.35881 0.42877 0.07080  -0.10979 -0.06156 11 DT A O4    
223 C C5    . DT A 11 ? 0.39768 0.36458 0.45272 0.07594  -0.13238 -0.08437 11 DT A C5    
224 C C7    . DT A 11 ? 0.34457 0.33721 0.43519 0.06031  -0.12279 -0.08700 11 DT A C7    
225 C C6    . DT A 11 ? 0.44358 0.40125 0.49390 0.08738  -0.14885 -0.09415 11 DT A C6    
226 P P     . DC A 12 ? 0.61441 0.48062 0.59207 0.15244  -0.23251 -0.14017 12 DC A P     
227 O OP1   . DC A 12 ? 0.53165 0.37912 0.48343 0.16310  -0.23796 -0.14135 12 DC A OP1   
228 O OP2   . DC A 12 ? 0.41549 0.30337 0.44263 0.14385  -0.23791 -0.15263 12 DC A OP2   
229 O "O5'" . DC A 12 ? 0.58346 0.42446 0.51953 0.15995  -0.23177 -0.13376 12 DC A "O5'" 
230 C "C5'" . DC A 12 ? 0.58050 0.41624 0.48843 0.15924  -0.21482 -0.11540 12 DC A "C5'" 
231 C "C4'" . DC A 12 ? 0.56512 0.38278 0.44787 0.16366  -0.21419 -0.11256 12 DC A "C4'" 
232 O "O4'" . DC A 12 ? 0.56065 0.39595 0.46383 0.15179  -0.20005 -0.10357 12 DC A "O4'" 
233 C "C3'" . DC A 12 ? 0.64947 0.45906 0.54163 0.16818  -0.23316 -0.13021 12 DC A "C3'" 
234 O "O3'" . DC A 12 ? 0.74876 0.52731 0.59716 0.17992  -0.23568 -0.12967 12 DC A "O3'" 
235 C "C2'" . DC A 12 ? 0.60139 0.43721 0.53582 0.15436  -0.23267 -0.13369 12 DC A "C2'" 
236 C "C1'" . DC A 12 ? 0.58992 0.43132 0.51470 0.14547  -0.20751 -0.11450 12 DC A "C1'" 
237 N N1    . DC A 12 ? 0.52004 0.39342 0.48909 0.12564  -0.19379 -0.11262 12 DC A N1    
238 C C2    . DC A 12 ? 0.54732 0.42764 0.51367 0.11569  -0.17137 -0.09679 12 DC A C2    
239 O O2    . DC A 12 ? 0.60351 0.46454 0.53455 0.12290  -0.16280 -0.08504 12 DC A O2    
240 N N3    . DC A 12 ? 0.47219 0.37938 0.47452 0.09892  -0.15951 -0.09488 12 DC A N3    
241 C C4    . DC A 12 ? 0.44262 0.36909 0.48316 0.09175  -0.16721 -0.10779 12 DC A C4    
242 N N4    . DC A 12 ? 0.38636 0.33682 0.45855 0.07588  -0.15347 -0.10504 12 DC A N4    
243 C C5    . DC A 12 ? 0.51265 0.43387 0.56075 0.10115  -0.18939 -0.12437 12 DC A C5    
244 C C6    . DC A 12 ? 0.48039 0.37507 0.49166 0.11812  -0.20302 -0.12630 12 DC A C6    
245 P P     . DG A 13 ? 0.78289 0.54240 0.61995 0.19287  -0.25215 -0.14070 13 DG A P     
246 O OP1   . DG A 13 ? 0.68219 0.43266 0.50113 0.19860  -0.25225 -0.14026 13 DG A OP1   
247 O OP2   . DG A 13 ? 0.62763 0.40623 0.51443 0.18943  -0.26637 -0.15314 13 DG A OP2   
248 O "O5'" . DG A 13 ? 0.83875 0.57042 0.62794 0.20189  -0.24801 -0.13429 13 DG A "O5'" 
249 C "C5'" . DG A 13 ? 0.80048 0.52045 0.55184 0.20134  -0.22929 -0.12042 13 DG A "C5'" 
250 C "C4'" . DG A 13 ? 0.74303 0.46183 0.48995 0.19782  -0.22357 -0.11571 13 DG A "C4'" 
251 O "O4'" . DG A 13 ? 0.68565 0.43293 0.47630 0.18421  -0.21778 -0.11180 13 DG A "O4'" 
252 C "C3'" . DG A 13 ? 0.74308 0.45373 0.49436 0.20356  -0.23691 -0.12380 13 DG A "C3'" 
253 O "O3'" . DG A 13 ? 0.79442 0.48795 0.50651 0.20731  -0.22770 -0.11478 13 DG A "O3'" 
254 C "C2'" . DG A 13 ? 0.71924 0.45876 0.52411 0.19264  -0.24649 -0.13048 13 DG A "C2'" 
255 C "C1'" . DG A 13 ? 0.71865 0.46860 0.52867 0.18105  -0.22574 -0.12006 13 DG A "C1'" 
256 N N9    . DG A 13 ? 0.69577 0.47950 0.56141 0.16282  -0.22199 -0.12419 13 DG A N9    
257 C C8    . DG A 13 ? 0.72987 0.53295 0.63258 0.15857  -0.23645 -0.13769 13 DG A C8    
258 N N7    . DG A 13 ? 0.70677 0.53957 0.65481 0.14047  -0.22589 -0.13712 13 DG A N7    
259 C C5    . DG A 13 ? 0.61291 0.44578 0.55230 0.13263  -0.20471 -0.12222 13 DG A C5    
260 C C6    . DG A 13 ? 0.53254 0.38872 0.50350 0.11476  -0.18698 -0.11473 13 DG A C6    
261 O O6    . DG A 13 ? 0.46012 0.34143 0.47245 0.10195  -0.18488 -0.11966 13 DG A O6    
262 N N1    . DG A 13 ? 0.55329 0.40027 0.50274 0.11311  -0.17010 -0.10002 13 DG A N1    
263 C C2    . DG A 13 ? 0.63520 0.45412 0.53978 0.12678  -0.16890 -0.09368 13 DG A C2    
264 N N2    . DG A 13 ? 0.60470 0.41931 0.49780 0.12286  -0.15094 -0.07979 13 DG A N2    
265 N N3    . DG A 13 ? 0.62779 0.42340 0.50006 0.14376  -0.18380 -0.10024 13 DG A N3    
266 C C4    . DG A 13 ? 0.60773 0.41161 0.49888 0.14589  -0.20196 -0.11433 13 DG A C4    
267 P P     . DA A 14 ? 0.80758 0.48559 0.50860 0.21692  -0.23956 -0.11894 14 DA A P     
268 O OP1   . DA A 14 ? 0.92578 0.57600 0.57263 0.22760  -0.22778 -0.10969 14 DA A OP1   
269 O OP2   . DA A 14 ? 0.75665 0.44311 0.49212 0.22012  -0.26284 -0.13429 14 DA A OP2   
270 O "O5'" . DA A 14 ? 0.85427 0.53880 0.56578 0.20684  -0.22957 -0.11575 14 DA A "O5'" 
271 C "C5'" . DA A 14 ? 0.82209 0.49465 0.50465 0.20524  -0.20385 -0.10106 14 DA A "C5'" 
272 C "C4'" . DA A 14 ? 0.82500 0.50479 0.53131 0.19428  -0.19156 -0.09883 14 DA A "C4'" 
273 O "O4'" . DA A 14 ? 0.76901 0.47564 0.52775 0.17935  -0.19085 -0.10296 14 DA A "O4'" 
274 C "C3'" . DA A 14 ? 0.82558 0.49644 0.53049 0.19740  -0.20455 -0.10941 14 DA A "C3'" 
275 O "O3'" . DA A 14 ? 0.91410 0.57980 0.61698 0.19207  -0.18655 -0.10188 14 DA A "O3'" 
276 C "C2'" . DA A 14 ? 0.85212 0.54766 0.61023 0.18674  -0.22064 -0.12419 14 DA A "C2'" 
277 C "C1'" . DA A 14 ? 0.76819 0.48328 0.55716 0.17277  -0.20423 -0.11735 14 DA A "C1'" 
278 N N9    . DA A 14 ? 0.73631 0.47637 0.57002 0.16352  -0.21568 -0.12822 14 DA A N9    
279 C C8    . DA A 14 ? 0.69424 0.44093 0.53732 0.16940  -0.23609 -0.13860 14 DA A C8    
280 N N7    . DA A 14 ? 0.73141 0.50425 0.62110 0.15794  -0.23979 -0.14588 14 DA A N7    
281 C C5    . DA A 14 ? 0.65154 0.43713 0.56209 0.14255  -0.22040 -0.13858 14 DA A C5    
282 C C6    . DA A 14 ? 0.51869 0.33647 0.47748 0.12436  -0.21061 -0.13675 14 DA A C6    
283 N N6    . DA A 14 ? 0.44822 0.28461 0.44318 0.11972  -0.22212 -0.14910 14 DA A N6    
284 N N1    . DA A 14 ? 0.52883 0.35792 0.49647 0.11175  -0.18821 -0.12176 14 DA A N1    
285 C C2    . DA A 14 ? 0.55345 0.36480 0.48845 0.11647  -0.17662 -0.10979 14 DA A C2    
286 N N3    . DA A 14 ? 0.63903 0.42111 0.53069 0.13240  -0.18238 -0.11023 14 DA A N3    
287 C C4    . DA A 14 ? 0.68544 0.45501 0.56483 0.14519  -0.20453 -0.12492 14 DA A C4    
288 O "O5'" . DG B 1  ? 0.43626 0.48617 0.52736 0.03983  -0.05068 0.10853  1  DG B "O5'" 
289 C "C5'" . DG B 1  ? 0.61950 0.68065 0.73483 0.04170  -0.05731 0.10204  1  DG B "C5'" 
290 C "C4'" . DG B 1  ? 0.61485 0.68545 0.71805 0.03955  -0.06815 0.09496  1  DG B "C4'" 
291 O "O4'" . DG B 1  ? 0.57278 0.65309 0.69376 0.03807  -0.06822 0.08564  1  DG B "O4'" 
292 C "C3'" . DG B 1  ? 0.59820 0.66505 0.66888 0.03473  -0.06417 0.09502  1  DG B "C3'" 
293 O "O3'" . DG B 1  ? 0.69090 0.75301 0.74150 0.03652  -0.07158 0.10064  1  DG B "O3'" 
294 C "C2'" . DG B 1  ? 0.53694 0.61424 0.60703 0.03161  -0.06674 0.08432  1  DG B "C2'" 
295 C "C1'" . DG B 1  ? 0.51722 0.59931 0.61858 0.03311  -0.06412 0.08031  1  DG B "C1'" 
296 N N9    . DG B 1  ? 0.52364 0.59977 0.62759 0.03129  -0.05032 0.08105  1  DG B N9    
297 C C8    . DG B 1  ? 0.54212 0.61059 0.66107 0.03432  -0.04182 0.08623  1  DG B C8    
298 N N7    . DG B 1  ? 0.49359 0.55600 0.60781 0.03318  -0.03148 0.08523  1  DG B N7    
299 C C5    . DG B 1  ? 0.44852 0.51631 0.54735 0.02873  -0.03348 0.07868  1  DG B C5    
300 C C6    . DG B 1  ? 0.44071 0.50591 0.53057 0.02640  -0.02693 0.07428  1  DG B C6    
301 O O6    . DG B 1  ? 0.46689 0.52306 0.55729 0.02837  -0.01881 0.07552  1  DG B O6    
302 N N1    . DG B 1  ? 0.44206 0.51544 0.52053 0.02210  -0.03099 0.06753  1  DG B N1    
303 C C2    . DG B 1  ? 0.50221 0.58359 0.57457 0.02061  -0.03952 0.06548  1  DG B C2    
304 N N2    . DG B 1  ? 0.50792 0.59541 0.56808 0.01670  -0.04039 0.05853  1  DG B N2    
305 N N3    . DG B 1  ? 0.49778 0.58037 0.57506 0.02350  -0.04707 0.06960  1  DG B N3    
306 C C4    . DG B 1  ? 0.45496 0.53120 0.54724 0.02730  -0.04388 0.07604  1  DG B C4    
307 P P     . DA B 2  ? 0.95544 1.01131 0.97179 0.03195  -0.06625 0.10293  2  DA B P     
308 O OP1   . DA B 2  ? 0.72012 0.76841 0.71646 0.03564  -0.07420 0.11056  2  DA B OP1   
309 O OP2   . DA B 2  ? 0.64464 0.69369 0.66140 0.02808  -0.05226 0.10539  2  DA B OP2   
310 O "O5'" . DA B 2  ? 0.76776 0.83468 0.77907 0.02906  -0.06941 0.09166  2  DA B "O5'" 
311 C "C5'" . DA B 2  ? 0.76939 0.83519 0.75275 0.02655  -0.06908 0.09011  2  DA B "C5'" 
312 C "C4'" . DA B 2  ? 0.64010 0.70746 0.61965 0.01999  -0.05638 0.08557  2  DA B "C4'" 
313 O "O4'" . DA B 2  ? 0.58394 0.65467 0.58873 0.01932  -0.05167 0.08230  2  DA B "O4'" 
314 C "C3'" . DA B 2  ? 0.59355 0.65002 0.55625 0.01631  -0.04535 0.09312  2  DA B "C3'" 
315 O "O3'" . DA B 2  ? 0.51913 0.57800 0.46797 0.01127  -0.03830 0.08804  2  DA B "O3'" 
316 C "C2'" . DA B 2  ? 0.64524 0.69886 0.62708 0.01526  -0.03820 0.09431  2  DA B "C2'" 
317 C "C1'" . DA B 2  ? 0.56422 0.62872 0.56393 0.01523  -0.04017 0.08432  2  DA B "C1'" 
318 N N9    . DA B 2  ? 0.50519 0.56710 0.52391 0.01664  -0.03563 0.08449  2  DA B N9    
319 C C8    . DA B 2  ? 0.52419 0.57912 0.55391 0.02077  -0.03531 0.09132  2  DA B C8    
320 N N7    . DA B 2  ? 0.45104 0.50267 0.49280 0.02184  -0.02909 0.08984  2  DA B N7    
321 C C5    . DA B 2  ? 0.43409 0.49100 0.47304 0.01831  -0.02648 0.08165  2  DA B C5    
322 C C6    . DA B 2  ? 0.41156 0.46678 0.45659 0.01846  -0.02120 0.07663  2  DA B C6    
323 N N6    . DA B 2  ? 0.39975 0.44601 0.45244 0.02257  -0.01642 0.07957  2  DA B N6    
324 N N1    . DA B 2  ? 0.45228 0.51426 0.49394 0.01495  -0.02093 0.06839  2  DA B N1    
325 C C2    . DA B 2  ? 0.49465 0.56451 0.52705 0.01123  -0.02409 0.06528  2  DA B C2    
326 N N3    . DA B 2  ? 0.54029 0.61109 0.56285 0.01097  -0.02829 0.06969  2  DA B N3    
327 C C4    . DA B 2  ? 0.49523 0.55924 0.52173 0.01476  -0.03003 0.07802  2  DA B C4    
328 P P     . DC B 3  ? 0.70154 0.74993 0.63316 0.00656  -0.02606 0.09458  3  DC B P     
329 O OP1   . DC B 3  ? 0.85161 0.89022 0.76058 0.01032  -0.03030 0.10397  3  DC B OP1   
330 O OP2   . DC B 3  ? 0.59223 0.63566 0.53867 0.00416  -0.01873 0.09697  3  DC B OP2   
331 O "O5'" . DC B 3  ? 0.82591 0.88122 0.74934 0.00131  -0.01880 0.08555  3  DC B "O5'" 
332 C "C5'" . DC B 3  ? 0.72200 0.78951 0.66162 0.00016  -0.02056 0.07406  3  DC B "C5'" 
333 C "C4'" . DC B 3  ? 0.66297 0.73136 0.61929 -0.00406 -0.01227 0.07047  3  DC B "C4'" 
334 O "O4'" . DC B 3  ? 0.58122 0.64724 0.55495 -0.00072 -0.01611 0.07275  3  DC B "O4'" 
335 C "C3'" . DC B 3  ? 0.64075 0.70063 0.59082 -0.00909 -0.00074 0.07514  3  DC B "C3'" 
336 O "O3'" . DC B 3  ? 0.65033 0.71719 0.60585 -0.01419 0.00665  0.06586  3  DC B "O3'" 
337 C "C2'" . DC B 3  ? 0.56334 0.61642 0.52783 -0.00763 -0.00113 0.07918  3  DC B "C2'" 
338 C "C1'" . DC B 3  ? 0.55853 0.61933 0.53848 -0.00381 -0.00851 0.07275  3  DC B "C1'" 
339 N N1    . DC B 3  ? 0.45291 0.50726 0.44483 0.00031  -0.01070 0.07663  3  DC B N1    
340 C C2    . DC B 3  ? 0.47065 0.52546 0.47529 0.00111  -0.00949 0.07046  3  DC B C2    
341 O O2    . DC B 3  ? 0.46343 0.52489 0.47146 -0.00172 -0.00781 0.06175  3  DC B O2    
342 N N3    . DC B 3  ? 0.44623 0.49308 0.45807 0.00567  -0.01003 0.07419  3  DC B N3    
343 C C4    . DC B 3  ? 0.44667 0.48704 0.45718 0.00883  -0.01152 0.08305  3  DC B C4    
344 N N4    . DC B 3  ? 0.42620 0.45834 0.44418 0.01354  -0.01035 0.08612  3  DC B N4    
345 C C5    . DC B 3  ? 0.46607 0.50690 0.46628 0.00806  -0.01417 0.08919  3  DC B C5    
346 C C6    . DC B 3  ? 0.48052 0.52760 0.46994 0.00405  -0.01377 0.08593  3  DC B C6    
347 P P     . DC B 4  ? 0.79416 0.85630 0.75409 -0.02062 0.01908  0.06588  4  DC B P     
348 O OP1   . DC B 4  ? 0.83417 0.89608 0.77736 -0.02414 0.02825  0.06636  4  DC B OP1   
349 O OP2   . DC B 4  ? 0.66440 0.71508 0.62832 -0.02032 0.02022  0.07406  4  DC B OP2   
350 O "O5'" . DC B 4  ? 0.60137 0.67324 0.58290 -0.02235 0.01866  0.05333  4  DC B "O5'" 
351 C "C5'" . DC B 4  ? 0.59918 0.67132 0.59398 -0.01802 0.01052  0.05101  4  DC B "C5'" 
352 C "C4'" . DC B 4  ? 0.56415 0.63405 0.57457 -0.01988 0.01280  0.04552  4  DC B "C4'" 
353 O "O4'" . DC B 4  ? 0.54109 0.60225 0.55527 -0.01496 0.00746  0.04940  4  DC B "O4'" 
354 C "C3'" . DC B 4  ? 0.54947 0.61395 0.56146 -0.02568 0.02201  0.04746  4  DC B "C3'" 
355 O "O3'" . DC B 4  ? 0.51968 0.58568 0.54915 -0.02707 0.02164  0.03858  4  DC B "O3'" 
356 C "C2'" . DC B 4  ? 0.59539 0.64714 0.60039 -0.02316 0.02062  0.05841  4  DC B "C2'" 
357 C "C1'" . DC B 4  ? 0.55706 0.60755 0.56970 -0.01701 0.01181  0.05547  4  DC B "C1'" 
358 N N1    . DC B 4  ? 0.51078 0.55182 0.51680 -0.01195 0.00820  0.06533  4  DC B N1    
359 C C2    . DC B 4  ? 0.39195 0.42857 0.40331 -0.00600 0.00308  0.06439  4  DC B C2    
360 O O2    . DC B 4  ? 0.45014 0.48954 0.46895 -0.00456 0.00073  0.05596  4  DC B O2    
361 N N3    . DC B 4  ? 0.32265 0.35113 0.33046 -0.00150 0.00137  0.07291  4  DC B N3    
362 C C4    . DC B 4  ? 0.41712 0.44215 0.41679 -0.00246 0.00276  0.08196  4  DC B C4    
363 N N4    . DC B 4  ? 0.50559 0.52305 0.50471 0.00247  0.00056  0.08972  4  DC B N4    
364 C C5    . DC B 4  ? 0.42455 0.45245 0.41561 -0.00790 0.00707  0.08373  4  DC B C5    
365 C C6    . DC B 4  ? 0.50668 0.54240 0.50108 -0.01266 0.01059  0.07535  4  DC B C6    
366 P P     . DA B 5  ? 0.55146 0.62398 0.59412 -0.03413 0.03066  0.03044  5  DA B P     
367 O OP1   . DA B 5  ? 0.42534 0.50515 0.45642 -0.03649 0.03704  0.03087  5  DA B OP1   
368 O OP2   . DA B 5  ? 0.54702 0.60980 0.59562 -0.03809 0.03669  0.03454  5  DA B OP2   
369 O "O5'" . DA B 5  ? 0.51928 0.59807 0.58089 -0.03162 0.02288  0.01747  5  DA B "O5'" 
370 C "C5'" . DA B 5  ? 0.56397 0.64002 0.62238 -0.02408 0.01205  0.01704  5  DA B "C5'" 
371 C "C4'" . DA B 5  ? 0.55639 0.62409 0.62435 -0.02049 0.00538  0.01244  5  DA B "C4'" 
372 O "O4'" . DA B 5  ? 0.61843 0.67291 0.67570 -0.01701 0.00371  0.02177  5  DA B "O4'" 
373 C "C3'" . DA B 5  ? 0.65660 0.72443 0.74226 -0.02542 0.00811  0.00507  5  DA B "C3'" 
374 O "O3'" . DA B 5  ? 0.70142 0.76301 0.79377 -0.01983 -0.00189 -0.00198 5  DA B "O3'" 
375 C "C2'" . DA B 5  ? 0.61063 0.66871 0.68979 -0.02886 0.01470  0.01515  5  DA B "C2'" 
376 C "C1'" . DA B 5  ? 0.63326 0.68090 0.69727 -0.02124 0.00769  0.02240  5  DA B "C1'" 
377 N N9    . DA B 5  ? 0.59739 0.63724 0.64834 -0.02199 0.01242  0.03507  5  DA B N9    
378 C C8    . DA B 5  ? 0.56740 0.60833 0.61267 -0.02765 0.02154  0.04220  5  DA B C8    
379 N N7    . DA B 5  ? 0.55795 0.58965 0.59042 -0.02572 0.02241  0.05362  5  DA B N7    
380 C C5    . DA B 5  ? 0.56286 0.58792 0.59431 -0.01876 0.01440  0.05354  5  DA B C5    
381 C C6    . DA B 5  ? 0.50635 0.52084 0.52903 -0.01356 0.01195  0.06241  5  DA B C6    
382 N N6    . DA B 5  ? 0.52598 0.53507 0.53967 -0.01447 0.01565  0.07337  5  DA B N6    
383 N N1    . DA B 5  ? 0.44825 0.45686 0.47123 -0.00676 0.00599  0.05968  5  DA B N1    
384 C C2    . DA B 5  ? 0.49977 0.51189 0.52912 -0.00485 0.00154  0.04922  5  DA B C2    
385 N N3    . DA B 5  ? 0.51618 0.53856 0.55509 -0.00898 0.00152  0.04004  5  DA B N3    
386 C C4    . DA B 5  ? 0.56901 0.59809 0.60973 -0.01624 0.00864  0.04257  5  DA B C4    
387 P P     . DG B 6  ? 1.01497 1.08001 1.13200 -0.02248 -0.00492 -0.01544 6  DG B P     
388 O OP1   . DG B 6  ? 0.80271 0.87993 0.92861 -0.02114 -0.00813 -0.02466 6  DG B OP1   
389 O OP2   . DG B 6  ? 0.82423 0.89017 0.95243 -0.03151 0.00624  -0.01312 6  DG B OP2   
390 O "O5'" . DG B 6  ? 0.71944 0.76964 0.83312 -0.01445 -0.01712 -0.01878 6  DG B "O5'" 
391 C "C5'" . DG B 6  ? 0.54208 0.58027 0.63348 -0.00692 -0.02077 -0.01034 6  DG B "C5'" 
392 C "C4'" . DG B 6  ? 0.64373 0.66711 0.73026 -0.00578 -0.02147 -0.00635 6  DG B "C4'" 
393 O "O4'" . DG B 6  ? 0.69678 0.71896 0.77553 -0.01069 -0.01135 0.00622  6  DG B "O4'" 
394 C "C3'" . DG B 6  ? 0.75004 0.77140 0.85718 -0.00951 -0.02449 -0.01637 6  DG B "C3'" 
395 O "O3'" . DG B 6  ? 0.86014 0.86469 0.95812 -0.00220 -0.03304 -0.01811 6  DG B "O3'" 
396 C "C2'" . DG B 6  ? 0.61785 0.64186 0.73130 -0.01923 -0.01152 -0.00841 6  DG B "C2'" 
397 C "C1'" . DG B 6  ? 0.66286 0.67860 0.75186 -0.01536 -0.00852 0.00560  6  DG B "C1'" 
398 N N9    . DG B 6  ? 0.61001 0.62775 0.69561 -0.02216 0.00308  0.01653  6  DG B N9    
399 C C8    . DG B 6  ? 0.64718 0.67509 0.74319 -0.03062 0.01282  0.01640  6  DG B C8    
400 N N7    . DG B 6  ? 0.67548 0.70028 0.76076 -0.03421 0.02210  0.02839  6  DG B N7    
401 C C5    . DG B 6  ? 0.64688 0.66022 0.71681 -0.02799 0.01747  0.03645  6  DG B C5    
402 C C6    . DG B 6  ? 0.62345 0.62887 0.67873 -0.02768 0.02222  0.05006  6  DG B C6    
403 O O6    . DG B 6  ? 0.54844 0.55425 0.59812 -0.03262 0.03128  0.05837  6  DG B O6    
404 N N1    . DG B 6  ? 0.55259 0.54768 0.59845 -0.02011 0.01572  0.05392  6  DG B N1    
405 C C2    . DG B 6  ? 0.50294 0.49418 0.54966 -0.01343 0.00696  0.04614  6  DG B C2    
406 N N2    . DG B 6  ? 0.47810 0.45809 0.51389 -0.00645 0.00408  0.05172  6  DG B N2    
407 N N3    . DG B 6  ? 0.54019 0.53709 0.59717 -0.01303 0.00164  0.03381  6  DG B N3    
408 C C4    . DG B 6  ? 0.60355 0.61228 0.67344 -0.02065 0.00679  0.02935  6  DG B C4    
409 P P     . DC B 7  ? 0.91187 0.90932 1.02843 -0.00405 -0.03893 -0.02846 7  DC B P     
410 O OP1   . DC B 7  ? 0.78867 0.79605 0.92715 -0.00430 -0.04727 -0.04355 7  DC B OP1   
411 O OP2   . DC B 7  ? 0.74536 0.74279 0.87224 -0.01349 -0.02743 -0.02171 7  DC B OP2   
412 O "O5'" . DC B 7  ? 0.80893 0.78554 0.90284 0.00745  -0.04864 -0.02823 7  DC B "O5'" 
413 C "C5'" . DC B 7  ? 0.75399 0.72136 0.82276 0.01191  -0.04284 -0.01465 7  DC B "C5'" 
414 C "C4'" . DC B 7  ? 0.79071 0.74670 0.85825 0.00957  -0.03815 -0.00877 7  DC B "C4'" 
415 O "O4'" . DC B 7  ? 0.74560 0.70925 0.81450 0.00156  -0.02503 0.00423  7  DC B "O4'" 
416 C "C3'" . DC B 7  ? 0.82158 0.77457 0.91182 0.00493  -0.04273 -0.01980 7  DC B "C3'" 
417 O "O3'" . DC B 7  ? 0.86887 0.80201 0.94914 0.01165  -0.04923 -0.02258 7  DC B "O3'" 
418 C "C2'" . DC B 7  ? 0.77120 0.73343 0.87731 -0.00729 -0.02890 -0.01173 7  DC B "C2'" 
419 C "C1'" . DC B 7  ? 0.71950 0.67886 0.80248 -0.00516 -0.02073 0.00450  7  DC B "C1'" 
420 N N1    . DC B 7  ? 0.61747 0.58606 0.70500 -0.01429 -0.00779 0.01520  7  DC B N1    
421 C C2    . DC B 7  ? 0.64272 0.60791 0.71255 -0.01268 -0.00163 0.02958  7  DC B C2    
422 O O2    . DC B 7  ? 0.65158 0.60716 0.70537 -0.00423 -0.00576 0.03299  7  DC B O2    
423 N N3    . DC B 7  ? 0.58812 0.55976 0.65854 -0.01985 0.00884  0.03929  7  DC B N3    
424 C C4    . DC B 7  ? 0.49578 0.47593 0.58265 -0.02848 0.01528  0.03556  7  DC B C4    
425 N N4    . DC B 7  ? 0.42332 0.40679 0.50569 -0.03428 0.02628  0.04585  7  DC B N4    
426 C C5    . DC B 7  ? 0.54262 0.52744 0.65136 -0.03096 0.01073  0.02087  7  DC B C5    
427 C C6    . DC B 7  ? 0.58512 0.56426 0.69391 -0.02357 -0.00192 0.01081  7  DC B C6    
428 P P     . DC B 8  ? 0.85095 0.76707 0.90000 0.02142  -0.04733 -0.01239 8  DC B P     
429 O OP1   . DC B 8  ? 0.68363 0.58254 0.73303 0.02483  -0.05355 -0.01925 8  DC B OP1   
430 O OP2   . DC B 8  ? 0.74224 0.66363 0.78498 0.01711  -0.03399 0.00406  8  DC B OP2   
431 O "O5'" . DC B 8  ? 0.70773 0.62001 0.73625 0.03273  -0.05539 -0.01627 8  DC B "O5'" 
432 C "C5'" . DC B 8  ? 0.72845 0.64026 0.76227 0.03734  -0.06932 -0.03144 8  DC B "C5'" 
433 C "C4'" . DC B 8  ? 0.72253 0.61562 0.72573 0.05222  -0.07742 -0.03367 8  DC B "C4'" 
434 O "O4'" . DC B 8  ? 0.67737 0.56691 0.68358 0.05850  -0.09405 -0.04962 8  DC B "O4'" 
435 C "C3'" . DC B 8  ? 0.75627 0.65216 0.74189 0.05626  -0.06997 -0.02291 8  DC B "C3'" 
436 O "O3'" . DC B 8  ? 0.71873 0.59584 0.67698 0.06574  -0.06555 -0.01524 8  DC B "O3'" 
437 C "C2'" . DC B 8  ? 0.81745 0.71613 0.80191 0.06189  -0.08095 -0.03260 8  DC B "C2'" 
438 C "C1'" . DC B 8  ? 0.66028 0.54828 0.64866 0.06680  -0.09706 -0.04851 8  DC B "C1'" 
439 N N1    . DC B 8  ? 0.59460 0.49614 0.60486 0.06467  -0.10804 -0.06116 8  DC B N1    
440 C C2    . DC B 8  ? 0.56678 0.45566 0.56542 0.07664  -0.12538 -0.07350 8  DC B C2    
441 O O2    . DC B 8  ? 0.62250 0.48762 0.58941 0.08905  -0.13057 -0.07335 8  DC B O2    
442 N N3    . DC B 8  ? 0.53109 0.43318 0.55313 0.07494  -0.13615 -0.08560 8  DC B N3    
443 C C4    . DC B 8  ? 0.53035 0.45723 0.58542 0.06153  -0.12793 -0.08519 8  DC B C4    
444 N N4    . DC B 8  ? 0.43116 0.37088 0.51083 0.06040  -0.13788 -0.09766 8  DC B N4    
445 C C5    . DC B 8  ? 0.53013 0.46862 0.59324 0.04954  -0.10920 -0.07205 8  DC B C5    
446 C C6    . DC B 8  ? 0.58696 0.51236 0.62741 0.05174  -0.10082 -0.06049 8  DC B C6    
447 P P     . DG B 9  ? 0.70519 0.58757 0.65556 0.06490  -0.05111 0.00067  9  DG B P     
448 O OP1   . DG B 9  ? 0.71179 0.59558 0.66997 0.05833  -0.04219 0.00908  9  DG B OP1   
449 O OP2   . DG B 9  ? 0.49799 0.39992 0.46118 0.05956  -0.05036 0.00092  9  DG B OP2   
450 O "O5'" . DG B 9  ? 0.77010 0.62892 0.68814 0.07963  -0.04987 0.00383  9  DG B "O5'" 
451 C "C5'" . DG B 9  ? 0.67289 0.51093 0.57131 0.09063  -0.06104 -0.00650 9  DG B "C5'" 
452 C "C4'" . DG B 9  ? 0.65914 0.48922 0.53870 0.10078  -0.06606 -0.00900 9  DG B "C4'" 
453 O "O4'" . DG B 9  ? 0.68796 0.53117 0.58456 0.09743  -0.07922 -0.02073 9  DG B "O4'" 
454 C "C3'" . DG B 9  ? 0.56081 0.39672 0.43683 0.10096  -0.05335 0.00341  9  DG B "C3'" 
455 O "O3'" . DG B 9  ? 0.51855 0.33311 0.36495 0.11478  -0.05453 0.00356  9  DG B "O3'" 
456 C "C2'" . DG B 9  ? 0.64241 0.50294 0.54381 0.09162  -0.05795 -0.00078 9  DG B "C2'" 
457 C "C1'" . DG B 9  ? 0.64105 0.49413 0.53906 0.09730  -0.07536 -0.01599 9  DG B "C1'" 
458 N N9    . DG B 9  ? 0.64544 0.51981 0.57105 0.08915  -0.08380 -0.02535 9  DG B N9    
459 C C8    . DG B 9  ? 0.59408 0.49376 0.54870 0.07533  -0.07745 -0.02309 9  DG B C8    
460 N N7    . DG B 9  ? 0.48698 0.40031 0.46210 0.07133  -0.08631 -0.03383 9  DG B N7    
461 C C5    . DG B 9  ? 0.54207 0.43871 0.50205 0.08339  -0.10104 -0.04398 9  DG B C5    
462 C C6    . DG B 9  ? 0.49131 0.39217 0.46397 0.08615  -0.11652 -0.05835 9  DG B C6    
463 O O6    . DG B 9  ? 0.47470 0.39608 0.47711 0.07772  -0.11875 -0.06517 9  DG B O6    
464 N N1    . DG B 9  ? 0.46060 0.33790 0.40720 0.10108  -0.13033 -0.06518 9  DG B N1    
465 C C2    . DG B 9  ? 0.56616 0.41788 0.47661 0.11201  -0.12759 -0.05862 9  DG B C2    
466 N N2    . DG B 9  ? 0.65748 0.48612 0.54159 0.12715  -0.14258 -0.06687 9  DG B N2    
467 N N3    . DG B 9  ? 0.56506 0.41312 0.46533 0.10910  -0.11145 -0.04527 9  DG B N3    
468 C C4    . DG B 9  ? 0.57916 0.45094 0.50641 0.09465  -0.09970 -0.03873 9  DG B C4    
469 P P     . DA B 10 ? 0.63237 0.43496 0.46093 0.12144  -0.03767 0.01766  10 DA B P     
470 O OP1   . DA B 10 ? 0.69016 0.47526 0.50368 0.12623  -0.03042 0.02159  10 DA B OP1   
471 O OP2   . DA B 10 ? 0.47570 0.30098 0.32858 0.11140  -0.02776 0.02646  10 DA B OP2   
472 O "O5'" . DA B 10 ? 0.62036 0.40169 0.41890 0.13590  -0.04395 0.01392  10 DA B "O5'" 
473 C "C5'" . DA B 10 ? 0.63343 0.39687 0.41133 0.14565  -0.06100 0.00091  10 DA B "C5'" 
474 C "C4'" . DA B 10 ? 0.63572 0.39436 0.40012 0.15230  -0.07018 -0.00503 10 DA B "C4'" 
475 O "O4'" . DA B 10 ? 0.63565 0.41261 0.42657 0.14711  -0.08646 -0.01552 10 DA B "O4'" 
476 C "C3'" . DA B 10 ? 0.64094 0.40389 0.40330 0.15093  -0.05523 0.00540  10 DA B "C3'" 
477 O "O3'" . DA B 10 ? 0.67161 0.42044 0.40954 0.15992  -0.06200 -0.00011 10 DA B "O3'" 
478 C "C2'" . DA B 10 ? 0.60459 0.39205 0.40134 0.14220  -0.05884 0.00614  10 DA B "C2'" 
479 C "C1'" . DA B 10 ? 0.62015 0.41336 0.42654 0.14197  -0.08024 -0.00973 10 DA B "C1'" 
480 N N9    . DA B 10 ? 0.58776 0.41359 0.43510 0.12589  -0.08220 -0.01383 10 DA B N9    
481 C C8    . DA B 10 ? 0.55940 0.40479 0.43005 0.11269  -0.07047 -0.00678 10 DA B C8    
482 N N7    . DA B 10 ? 0.50443 0.37495 0.40577 0.10094  -0.07414 -0.01219 10 DA B N7    
483 C C5    . DA B 10 ? 0.51436 0.38348 0.41635 0.10621  -0.08895 -0.02386 10 DA B C5    
484 C C6    . DA B 10 ? 0.51694 0.40623 0.44659 0.09929  -0.09812 -0.03441 10 DA B C6    
485 N N6    . DA B 10 ? 0.53577 0.45005 0.49530 0.08506  -0.09195 -0.03412 10 DA B N6    
486 N N1    . DA B 10 ? 0.50855 0.39040 0.43330 0.10823  -0.11360 -0.04527 10 DA B N1    
487 C C2    . DA B 10 ? 0.55691 0.41106 0.44695 0.12369  -0.11982 -0.04498 10 DA B C2    
488 N N3    . DA B 10 ? 0.59596 0.42770 0.45459 0.13169  -0.11095 -0.03515 10 DA B N3    
489 C C4    . DA B 10 ? 0.55601 0.39773 0.42464 0.12182  -0.09517 -0.02500 10 DA B C4    
490 P P     . DA B 11 ? 0.71248 0.45218 0.43284 0.16360  -0.04583 0.00914  11 DA B P     
491 O OP1   . DA B 11 ? 0.71469 0.42756 0.39601 0.17421  -0.04137 0.00809  11 DA B OP1   
492 O OP2   . DA B 11 ? 0.57385 0.33077 0.32001 0.15414  -0.02872 0.02128  11 DA B OP2   
493 O "O5'" . DA B 11 ? 0.69929 0.43924 0.41740 0.16787  -0.06079 0.00107  11 DA B "O5'" 
494 C "C5'" . DA B 11 ? 0.59814 0.33046 0.30644 0.17433  -0.08331 -0.01373 11 DA B "C5'" 
495 C "C4'" . DA B 11 ? 0.59429 0.33927 0.32070 0.17317  -0.09739 -0.02112 11 DA B "C4'" 
496 O "O4'" . DA B 11 ? 0.57496 0.34626 0.34197 0.16283  -0.10278 -0.02355 11 DA B "O4'" 
497 C "C3'" . DA B 11 ? 0.67056 0.41640 0.39549 0.17326  -0.08637 -0.01275 11 DA B "C3'" 
498 O "O3'" . DA B 11 ? 0.75990 0.50324 0.48191 0.17873  -0.10299 -0.02293 11 DA B "O3'" 
499 C "C2'" . DA B 11 ? 0.65370 0.42554 0.41653 0.16125  -0.07785 -0.00567 11 DA B "C2'" 
500 C "C1'" . DA B 11 ? 0.60315 0.39026 0.39030 0.15724  -0.09555 -0.01738 11 DA B "C1'" 
501 N N9    . DA B 11 ? 0.67193 0.48074 0.49072 0.14682  -0.08878 -0.01215 11 DA B N9    
502 C C8    . DA B 11 ? 0.65115 0.46103 0.47124 0.14208  -0.07196 -0.00042 11 DA B C8    
503 N N7    . DA B 11 ? 0.59779 0.43479 0.45069 0.12778  -0.06725 0.00061  11 DA B N7    
504 C C5    . DA B 11 ? 0.54693 0.40129 0.42130 0.12300  -0.08030 -0.01080 11 DA B C5    
505 C C6    . DA B 11 ? 0.48585 0.36978 0.39522 0.10889  -0.08089 -0.01545 11 DA B C6    
506 N N6    . DA B 11 ? 0.52504 0.42562 0.45136 0.09726  -0.06902 -0.00849 11 DA B N6    
507 N N1    . DA B 11 ? 0.43115 0.32601 0.35678 0.10779  -0.09393 -0.02755 11 DA B N1    
508 C C2    . DA B 11 ? 0.48335 0.36091 0.39180 0.12036  -0.10745 -0.03464 11 DA B C2    
509 N N3    . DA B 11 ? 0.58293 0.43085 0.45501 0.13511  -0.10979 -0.03110 11 DA B N3    
510 C C4    . DA B 11 ? 0.60339 0.44066 0.45923 0.13551  -0.09468 -0.01882 11 DA B C4    
511 P P     . DC B 12 ? 0.83792 0.57289 0.54745 0.18344  -0.09667 -0.01744 12 DC B P     
512 O OP1   . DC B 12 ? 0.77148 0.47575 0.43614 0.19649  -0.09645 -0.01878 12 DC B OP1   
513 O OP2   . DC B 12 ? 0.77046 0.52000 0.50188 0.17487  -0.07823 -0.00425 12 DC B OP2   
514 O "O5'" . DC B 12 ? 0.77927 0.52727 0.51020 0.18299  -0.11732 -0.03008 12 DC B "O5'" 
515 C "C5'" . DC B 12 ? 0.67653 0.44230 0.43562 0.17760  -0.13270 -0.04162 12 DC B "C5'" 
516 C "C4'" . DC B 12 ? 0.61280 0.40625 0.41254 0.16813  -0.13304 -0.04192 12 DC B "C4'" 
517 O "O4'" . DC B 12 ? 0.67656 0.48652 0.49790 0.15853  -0.12067 -0.03385 12 DC B "O4'" 
518 C "C3'" . DC B 12 ? 0.54746 0.34077 0.34686 0.16896  -0.12466 -0.03454 12 DC B "C3'" 
519 O "O3'" . DC B 12 ? 0.55231 0.36212 0.37884 0.16667  -0.13825 -0.04505 12 DC B "O3'" 
520 C "C2'" . DC B 12 ? 0.65630 0.46165 0.47125 0.16055  -0.10497 -0.02096 12 DC B "C2'" 
521 C "C1'" . DC B 12 ? 0.68003 0.50446 0.52115 0.15308  -0.11099 -0.02686 12 DC B "C1'" 
522 N N1    . DC B 12 ? 0.59966 0.43352 0.45234 0.14565  -0.09453 -0.01540 12 DC B N1    
523 C C2    . DC B 12 ? 0.52597 0.38863 0.41441 0.13276  -0.09378 -0.01857 12 DC B C2    
524 O O2    . DC B 12 ? 0.47038 0.35035 0.38200 0.12794  -0.10572 -0.03065 12 DC B O2    
525 N N3    . DC B 12 ? 0.51239 0.38545 0.41034 0.12317  -0.07782 -0.00883 12 DC B N3    
526 C C4    . DC B 12 ? 0.55457 0.40899 0.43080 0.12881  -0.06461 0.00356  12 DC B C4    
527 N N4    . DC B 12 ? 0.50694 0.37278 0.39615 0.11960  -0.05037 0.01227  12 DC B N4    
528 C C5    . DC B 12 ? 0.62868 0.45539 0.47136 0.14087  -0.06329 0.00674  12 DC B C5    
529 C C6    . DC B 12 ? 0.60559 0.42438 0.43687 0.14730  -0.07757 -0.00302 12 DC B C6    
530 P P     . DC B 13 ? 0.66346 0.47211 0.49126 0.16917  -0.13584 -0.04179 13 DC B P     
531 O OP1   . DC B 13 ? 0.69074 0.47334 0.48314 0.18106  -0.14454 -0.04565 13 DC B OP1   
532 O OP2   . DC B 13 ? 0.60285 0.41693 0.43814 0.16394  -0.11577 -0.02719 13 DC B OP2   
533 O "O5'" . DC B 13 ? 0.66449 0.49854 0.53259 0.16353  -0.15008 -0.05529 13 DC B "O5'" 
534 C "C5'" . DC B 13 ? 0.66568 0.52257 0.56579 0.15507  -0.15514 -0.06322 13 DC B "C5'" 
535 C "C4'" . DC B 13 ? 0.58148 0.46553 0.51868 0.14565  -0.14837 -0.06229 13 DC B "C4'" 
536 O "O4'" . DC B 13 ? 0.55277 0.44470 0.49520 0.13964  -0.13430 -0.05217 13 DC B "O4'" 
537 C "C3'" . DC B 13 ? 0.57975 0.46267 0.51787 0.14721  -0.14199 -0.05682 13 DC B "C3'" 
538 O "O3'" . DC B 13 ? 0.63450 0.54542 0.61286 0.13924  -0.14479 -0.06545 13 DC B "O3'" 
539 C "C2'" . DC B 13 ? 0.56296 0.43908 0.48848 0.14581  -0.12287 -0.04059 13 DC B "C2'" 
540 C "C1'" . DC B 13 ? 0.56369 0.46053 0.51206 0.13662  -0.12113 -0.04317 13 DC B "C1'" 
541 N N1    . DC B 13 ? 0.54652 0.44118 0.48613 0.13107  -0.10341 -0.03002 13 DC B N1    
542 C C2    . DC B 13 ? 0.49393 0.41387 0.45995 0.11645  -0.09209 -0.02787 13 DC B C2    
543 O O2    . DC B 13 ? 0.50168 0.44431 0.49547 0.10853  -0.09596 -0.03689 13 DC B O2    
544 N N3    . DC B 13 ? 0.44398 0.36219 0.40419 0.11205  -0.07747 -0.01642 13 DC B N3    
545 C C4    . DC B 13 ? 0.47774 0.37108 0.40896 0.12104  -0.07240 -0.00740 13 DC B C4    
546 N N4    . DC B 13 ? 0.51375 0.40730 0.44396 0.11629  -0.05781 0.00319  13 DC B N4    
547 C C5    . DC B 13 ? 0.49692 0.36317 0.39818 0.13600  -0.08224 -0.00916 13 DC B C5    
548 C C6    . DC B 13 ? 0.53791 0.40575 0.44381 0.14052  -0.09827 -0.02058 13 DC B C6    
549 P P     . DT B 14 ? 0.62576 0.54379 0.61880 0.13858  -0.14121 -0.06493 14 DT B P     
550 O OP1   . DT B 14 ? 0.60263 0.51273 0.59206 0.14448  -0.15573 -0.07488 14 DT B OP1   
551 O OP2   . DT B 14 ? 0.57920 0.48558 0.55743 0.14048  -0.12558 -0.04987 14 DT B OP2   
552 O "O5'" . DT B 14 ? 0.65483 0.60733 0.69089 0.12652  -0.13840 -0.07258 14 DT B "O5'" 
553 C "C5'" . DT B 14 ? 0.65235 0.61708 0.69211 0.11406  -0.12383 -0.06583 14 DT B "C5'" 
554 C "C4'" . DT B 14 ? 0.72190 0.70397 0.77933 0.10400  -0.10994 -0.06174 14 DT B "C4'" 
555 O "O4'" . DT B 14 ? 0.59443 0.57370 0.64009 0.09881  -0.09560 -0.04911 14 DT B "O4'" 
556 C "C3'" . DT B 14 ? 0.81634 0.79037 0.87345 0.11084  -0.10963 -0.05969 14 DT B "C3'" 
557 O "O3'" . DT B 14 ? 0.74401 0.74242 0.83120 0.10139  -0.10617 -0.06701 14 DT B "O3'" 
558 C "C2'" . DT B 14 ? 0.68785 0.64487 0.72355 0.11326  -0.09606 -0.04388 14 DT B "C2'" 
559 C "C1'" . DT B 14 ? 0.61828 0.58951 0.65902 0.10145  -0.08654 -0.04021 14 DT B "C1'" 
560 N N1    . DT B 14 ? 0.55890 0.51148 0.57561 0.10503  -0.07698 -0.02674 14 DT B N1    
561 C C2    . DT B 14 ? 0.52583 0.48926 0.54992 0.09547  -0.06469 -0.01990 14 DT B C2    
562 O O2    . DT B 14 ? 0.56477 0.55148 0.61129 0.08448  -0.06174 -0.02419 14 DT B O2    
563 N N3    . DT B 14 ? 0.43435 0.37958 0.43798 0.09984  -0.05599 -0.00808 14 DT B N3    
564 C C4    . DT B 14 ? 0.46169 0.37859 0.43594 0.11261  -0.05707 -0.00235 14 DT B C4    
565 O O4    . DT B 14 ? 0.46537 0.36751 0.42340 0.11558  -0.04692 0.00814  14 DT B O4    
566 C C5    . DT B 14 ? 0.57580 0.48083 0.53932 0.12294  -0.07115 -0.00993 14 DT B C5    
567 C C7    . DT B 14 ? 0.53802 0.40939 0.46441 0.13888  -0.07478 -0.00491 14 DT B C7    
568 C C6    . DT B 14 ? 0.58760 0.51170 0.57445 0.11852  -0.08086 -0.02179 14 DT B C6    
# 
